data_6WR7
# 
_entry.id   6WR7 
# 
_audit_conform.dict_name       mmcif_pdbx.dic 
_audit_conform.dict_version    5.380 
_audit_conform.dict_location   http://mmcif.pdb.org/dictionaries/ascii/mmcif_pdbx.dic 
# 
loop_
_database_2.database_id 
_database_2.database_code 
_database_2.pdbx_database_accession 
_database_2.pdbx_DOI 
PDB   6WR7         pdb_00006wr7 10.2210/pdb6wr7/pdb 
WWPDB D_1000248856 ?            ?                   
# 
_pdbx_database_status.status_code                     REL 
_pdbx_database_status.status_code_sf                  REL 
_pdbx_database_status.status_code_mr                  ? 
_pdbx_database_status.entry_id                        6WR7 
_pdbx_database_status.recvd_initial_deposition_date   2020-04-29 
_pdbx_database_status.SG_entry                        N 
_pdbx_database_status.deposit_site                    RCSB 
_pdbx_database_status.process_site                    RCSB 
_pdbx_database_status.status_code_cs                  ? 
_pdbx_database_status.status_code_nmr_data            ? 
_pdbx_database_status.methods_development_category    ? 
_pdbx_database_status.pdb_format_compatible           Y 
# 
loop_
_audit_author.name 
_audit_author.pdbx_ordinal 
_audit_author.identifier_ORCID 
'Simmons, C.R.'      1 0000-0002-2290-6132 
'MacCulloch, T.'     2 0000-0001-5875-3361 
'Stephanopoulos, N.' 3 0000-0001-7859-410X 
'Yan, H.'            4 0000-0001-7397-9852 
# 
_citation.abstract                  ? 
_citation.abstract_id_CAS           ? 
_citation.book_id_ISBN              ? 
_citation.book_publisher            ? 
_citation.book_publisher_city       ? 
_citation.book_title                ? 
_citation.coordinate_linkage        ? 
_citation.country                   UK 
_citation.database_id_Medline       ? 
_citation.details                   ? 
_citation.id                        primary 
_citation.journal_abbrev            'Nat Commun' 
_citation.journal_id_ASTM           ? 
_citation.journal_id_CSD            ? 
_citation.journal_id_ISSN           2041-1723 
_citation.journal_full              ? 
_citation.journal_issue             ? 
_citation.journal_volume            13 
_citation.language                  ? 
_citation.page_first                3112 
_citation.page_last                 3112 
_citation.title                     'The influence of Holliday junction sequence and dynamics on DNA crystal self-assembly.' 
_citation.year                      2022 
_citation.database_id_CSD           ? 
_citation.pdbx_database_id_DOI      10.1038/s41467-022-30779-6 
_citation.pdbx_database_id_PubMed   35662248 
_citation.unpublished_flag          ? 
# 
loop_
_citation_author.citation_id 
_citation_author.name 
_citation_author.ordinal 
_citation_author.identifier_ORCID 
primary 'Simmons, C.R.'      1  ?                   
primary 'MacCulloch, T.'     2  ?                   
primary 'Krepl, M.'          3  0000-0002-9833-4281 
primary 'Matthies, M.'       4  ?                   
primary 'Buchberger, A.'     5  ?                   
primary 'Crawford, I.'       6  ?                   
primary 'Sponer, J.'         7  0000-0001-6558-6186 
primary 'Sulc, P.'           8  0000-0003-1565-6769 
primary 'Stephanopoulos, N.' 9  0000-0001-7859-410X 
primary 'Yan, H.'            10 0000-0001-7397-9852 
# 
_cell.angle_alpha                  90.000 
_cell.angle_alpha_esd              ? 
_cell.angle_beta                   90.000 
_cell.angle_beta_esd               ? 
_cell.angle_gamma                  120.000 
_cell.angle_gamma_esd              ? 
_cell.entry_id                     6WR7 
_cell.details                      ? 
_cell.formula_units_Z              ? 
_cell.length_a                     68.287 
_cell.length_a_esd                 ? 
_cell.length_b                     68.287 
_cell.length_b_esd                 ? 
_cell.length_c                     61.079 
_cell.length_c_esd                 ? 
_cell.volume                       ? 
_cell.volume_esd                   ? 
_cell.Z_PDB                        3 
_cell.reciprocal_angle_alpha       ? 
_cell.reciprocal_angle_beta        ? 
_cell.reciprocal_angle_gamma       ? 
_cell.reciprocal_angle_alpha_esd   ? 
_cell.reciprocal_angle_beta_esd    ? 
_cell.reciprocal_angle_gamma_esd   ? 
_cell.reciprocal_length_a          ? 
_cell.reciprocal_length_b          ? 
_cell.reciprocal_length_c          ? 
_cell.reciprocal_length_a_esd      ? 
_cell.reciprocal_length_b_esd      ? 
_cell.reciprocal_length_c_esd      ? 
_cell.pdbx_unique_axis             ? 
# 
_symmetry.entry_id                         6WR7 
_symmetry.cell_setting                     ? 
_symmetry.Int_Tables_number                145 
_symmetry.space_group_name_Hall            ? 
_symmetry.space_group_name_H-M             'P 32' 
_symmetry.pdbx_full_space_group_name_H-M   ? 
# 
loop_
_entity.id 
_entity.type 
_entity.src_method 
_entity.pdbx_description 
_entity.formula_weight 
_entity.pdbx_number_of_molecules 
_entity.pdbx_ec 
_entity.pdbx_mutation 
_entity.pdbx_fragment 
_entity.details 
1 polymer syn 
;DNA (5'-D(*GP*AP*GP*CP*AP*GP*AP*CP*TP*TP*GP*AP*CP*AP*GP*CP*AP*CP*TP*CP*A)-3')
;
6441.188 1 ? ? ? ? 
2 polymer syn 
;DNA (5'-D(P*TP*GP*TP*CP*A)-3')
;
1495.023 1 ? ? ? ? 
3 polymer syn 
;DNA (5'-D(*TP*CP*TP*GP*AP*GP*TP*GP*C)-3')
;
2746.809 1 ? ? ? ? 
4 polymer syn 
;DNA (5'-D(P*AP*GP*TP*CP*TP*GP*C)-3')
;
2113.410 1 ? ? ? ? 
# 
loop_
_entity_poly.entity_id 
_entity_poly.type 
_entity_poly.nstd_linkage 
_entity_poly.nstd_monomer 
_entity_poly.pdbx_seq_one_letter_code 
_entity_poly.pdbx_seq_one_letter_code_can 
_entity_poly.pdbx_strand_id 
_entity_poly.pdbx_target_identifier 
1 polydeoxyribonucleotide no no 
;(DG)(DA)(DG)(DC)(DA)(DG)(DA)(DC)(DT)(DT)(DG)(DA)(DC)(DA)(DG)(DC)(DA)(DC)(DT)(DC)
(DA)
;
GAGCAGACTTGACAGCACTCA A ? 
2 polydeoxyribonucleotide no no '(DT)(DG)(DT)(DC)(DA)'                                                                  TGTCA B ? 
3 polydeoxyribonucleotide no no '(DT)(DC)(DT)(DG)(DA)(DG)(DT)(DG)(DC)'                                                  TCTGAGTGC 
C ? 
4 polydeoxyribonucleotide no no '(DA)(DG)(DT)(DC)(DT)(DG)(DC)'                                                          AGTCTGC D 
? 
# 
loop_
_entity_poly_seq.entity_id 
_entity_poly_seq.num 
_entity_poly_seq.mon_id 
_entity_poly_seq.hetero 
1 1  DG n 
1 2  DA n 
1 3  DG n 
1 4  DC n 
1 5  DA n 
1 6  DG n 
1 7  DA n 
1 8  DC n 
1 9  DT n 
1 10 DT n 
1 11 DG n 
1 12 DA n 
1 13 DC n 
1 14 DA n 
1 15 DG n 
1 16 DC n 
1 17 DA n 
1 18 DC n 
1 19 DT n 
1 20 DC n 
1 21 DA n 
2 1  DT n 
2 2  DG n 
2 3  DT n 
2 4  DC n 
2 5  DA n 
3 1  DT n 
3 2  DC n 
3 3  DT n 
3 4  DG n 
3 5  DA n 
3 6  DG n 
3 7  DT n 
3 8  DG n 
3 9  DC n 
4 1  DA n 
4 2  DG n 
4 3  DT n 
4 4  DC n 
4 5  DT n 
4 6  DG n 
4 7  DC n 
# 
loop_
_pdbx_entity_src_syn.entity_id 
_pdbx_entity_src_syn.pdbx_src_id 
_pdbx_entity_src_syn.pdbx_alt_source_flag 
_pdbx_entity_src_syn.pdbx_beg_seq_num 
_pdbx_entity_src_syn.pdbx_end_seq_num 
_pdbx_entity_src_syn.organism_scientific 
_pdbx_entity_src_syn.organism_common_name 
_pdbx_entity_src_syn.ncbi_taxonomy_id 
_pdbx_entity_src_syn.details 
1 1 sample 1 21 'synthetic construct' ? 32630 ? 
2 1 sample 1 5  'synthetic construct' ? 32630 ? 
3 1 sample 1 9  'synthetic construct' ? 32630 ? 
4 1 sample 1 7  'synthetic construct' ? 32630 ? 
# 
loop_
_struct_ref.id 
_struct_ref.db_name 
_struct_ref.db_code 
_struct_ref.pdbx_db_accession 
_struct_ref.pdbx_db_isoform 
_struct_ref.entity_id 
_struct_ref.pdbx_seq_one_letter_code 
_struct_ref.pdbx_align_begin 
1 PDB 6WR7 6WR7 ? 1 ? 1 
2 PDB 6WR7 6WR7 ? 2 ? 1 
3 PDB 6WR7 6WR7 ? 3 ? 1 
4 PDB 6WR7 6WR7 ? 4 ? 1 
# 
loop_
_struct_ref_seq.align_id 
_struct_ref_seq.ref_id 
_struct_ref_seq.pdbx_PDB_id_code 
_struct_ref_seq.pdbx_strand_id 
_struct_ref_seq.seq_align_beg 
_struct_ref_seq.pdbx_seq_align_beg_ins_code 
_struct_ref_seq.seq_align_end 
_struct_ref_seq.pdbx_seq_align_end_ins_code 
_struct_ref_seq.pdbx_db_accession 
_struct_ref_seq.db_align_beg 
_struct_ref_seq.pdbx_db_align_beg_ins_code 
_struct_ref_seq.db_align_end 
_struct_ref_seq.pdbx_db_align_end_ins_code 
_struct_ref_seq.pdbx_auth_seq_align_beg 
_struct_ref_seq.pdbx_auth_seq_align_end 
1 1 6WR7 A 1 ? 21 ? 6WR7 1  ? 21 ? 1  21 
2 2 6WR7 B 1 ? 5  ? 6WR7 1  ? 5  ? 1  5  
3 3 6WR7 C 1 ? 9  ? 6WR7 1  ? 9  ? 1  9  
4 4 6WR7 D 1 ? 7  ? 6WR7 10 ? 16 ? 10 16 
# 
loop_
_chem_comp.id 
_chem_comp.type 
_chem_comp.mon_nstd_flag 
_chem_comp.name 
_chem_comp.pdbx_synonyms 
_chem_comp.formula 
_chem_comp.formula_weight 
DA 'DNA linking' y "2'-DEOXYADENOSINE-5'-MONOPHOSPHATE" ? 'C10 H14 N5 O6 P' 331.222 
DC 'DNA linking' y "2'-DEOXYCYTIDINE-5'-MONOPHOSPHATE"  ? 'C9 H14 N3 O7 P'  307.197 
DG 'DNA linking' y "2'-DEOXYGUANOSINE-5'-MONOPHOSPHATE" ? 'C10 H14 N5 O7 P' 347.221 
DT 'DNA linking' y "THYMIDINE-5'-MONOPHOSPHATE"         ? 'C10 H15 N2 O8 P' 322.208 
# 
_exptl.absorpt_coefficient_mu     ? 
_exptl.absorpt_correction_T_max   ? 
_exptl.absorpt_correction_T_min   ? 
_exptl.absorpt_correction_type    ? 
_exptl.absorpt_process_details    ? 
_exptl.entry_id                   6WR7 
_exptl.crystals_number            1 
_exptl.details                    ? 
_exptl.method                     'X-RAY DIFFRACTION' 
_exptl.method_details             ? 
# 
_exptl_crystal.colour                      ? 
_exptl_crystal.density_diffrn              ? 
_exptl_crystal.density_Matthews            6.43 
_exptl_crystal.density_method              ? 
_exptl_crystal.density_percent_sol         80.86 
_exptl_crystal.description                 ? 
_exptl_crystal.F_000                       ? 
_exptl_crystal.id                          1 
_exptl_crystal.preparation                 ? 
_exptl_crystal.size_max                    ? 
_exptl_crystal.size_mid                    ? 
_exptl_crystal.size_min                    ? 
_exptl_crystal.size_rad                    ? 
_exptl_crystal.colour_lustre               ? 
_exptl_crystal.colour_modifier             ? 
_exptl_crystal.colour_primary              ? 
_exptl_crystal.density_meas                ? 
_exptl_crystal.density_meas_esd            ? 
_exptl_crystal.density_meas_gt             ? 
_exptl_crystal.density_meas_lt             ? 
_exptl_crystal.density_meas_temp           ? 
_exptl_crystal.density_meas_temp_esd       ? 
_exptl_crystal.density_meas_temp_gt        ? 
_exptl_crystal.density_meas_temp_lt        ? 
_exptl_crystal.pdbx_crystal_image_url      ? 
_exptl_crystal.pdbx_crystal_image_format   ? 
_exptl_crystal.pdbx_mosaicity              ? 
_exptl_crystal.pdbx_mosaicity_esd          ? 
# 
_exptl_crystal_grow.apparatus       ? 
_exptl_crystal_grow.atmosphere      ? 
_exptl_crystal_grow.crystal_id      1 
_exptl_crystal_grow.details         ? 
_exptl_crystal_grow.method          'VAPOR DIFFUSION, SITTING DROP' 
_exptl_crystal_grow.method_ref      ? 
_exptl_crystal_grow.pH              ? 
_exptl_crystal_grow.pressure        ? 
_exptl_crystal_grow.pressure_esd    ? 
_exptl_crystal_grow.seeding         ? 
_exptl_crystal_grow.seeding_ref     ? 
_exptl_crystal_grow.temp            298 
_exptl_crystal_grow.temp_details    'temperature gradient generated from 60 to 25 C at 0.3 degrees per hour' 
_exptl_crystal_grow.temp_esd        ? 
_exptl_crystal_grow.time            ? 
_exptl_crystal_grow.pdbx_details    
;0.5 mL of 0.05 M Cacodylate pH 7.0 with30 mM MgCl2, 2.5 mM spermine, and 5% PEG 400 was added to the reservoir with 2 uL added to the drop containing 4 uL of DNA stock
;
_exptl_crystal_grow.pdbx_pH_range   ? 
# 
_diffrn.ambient_environment              ? 
_diffrn.ambient_temp                     100 
_diffrn.ambient_temp_details             ? 
_diffrn.ambient_temp_esd                 ? 
_diffrn.crystal_id                       1 
_diffrn.crystal_support                  ? 
_diffrn.crystal_treatment                ? 
_diffrn.details                          ? 
_diffrn.id                               1 
_diffrn.ambient_pressure                 ? 
_diffrn.ambient_pressure_esd             ? 
_diffrn.ambient_pressure_gt              ? 
_diffrn.ambient_pressure_lt              ? 
_diffrn.ambient_temp_gt                  ? 
_diffrn.ambient_temp_lt                  ? 
_diffrn.pdbx_serial_crystal_experiment   N 
# 
_diffrn_detector.details                      ? 
_diffrn_detector.detector                     PIXEL 
_diffrn_detector.diffrn_id                    1 
_diffrn_detector.type                         'DECTRIS PILATUS3 6M' 
_diffrn_detector.area_resol_mean              ? 
_diffrn_detector.dtime                        ? 
_diffrn_detector.pdbx_frames_total            ? 
_diffrn_detector.pdbx_collection_time_total   ? 
_diffrn_detector.pdbx_collection_date         2018-05-15 
_diffrn_detector.pdbx_frequency               ? 
# 
_diffrn_radiation.collimation                      ? 
_diffrn_radiation.diffrn_id                        1 
_diffrn_radiation.filter_edge                      ? 
_diffrn_radiation.inhomogeneity                    ? 
_diffrn_radiation.monochromator                    ? 
_diffrn_radiation.polarisn_norm                    ? 
_diffrn_radiation.polarisn_ratio                   ? 
_diffrn_radiation.probe                            ? 
_diffrn_radiation.type                             ? 
_diffrn_radiation.xray_symbol                      ? 
_diffrn_radiation.wavelength_id                    1 
_diffrn_radiation.pdbx_monochromatic_or_laue_m_l   M 
_diffrn_radiation.pdbx_wavelength_list             ? 
_diffrn_radiation.pdbx_wavelength                  ? 
_diffrn_radiation.pdbx_diffrn_protocol             'SINGLE WAVELENGTH' 
_diffrn_radiation.pdbx_analyzer                    ? 
_diffrn_radiation.pdbx_scattering_type             x-ray 
# 
_diffrn_radiation_wavelength.id           1 
_diffrn_radiation_wavelength.wavelength   1 
_diffrn_radiation_wavelength.wt           1.0 
# 
_diffrn_source.current                     ? 
_diffrn_source.details                     ? 
_diffrn_source.diffrn_id                   1 
_diffrn_source.power                       ? 
_diffrn_source.size                        ? 
_diffrn_source.source                      SYNCHROTRON 
_diffrn_source.target                      ? 
_diffrn_source.type                        'ALS BEAMLINE 5.0.2' 
_diffrn_source.voltage                     ? 
_diffrn_source.take-off_angle              ? 
_diffrn_source.pdbx_wavelength_list        1 
_diffrn_source.pdbx_wavelength             ? 
_diffrn_source.pdbx_synchrotron_beamline   5.0.2 
_diffrn_source.pdbx_synchrotron_site       ALS 
# 
_reflns.B_iso_Wilson_estimate            ? 
_reflns.entry_id                         6WR7 
_reflns.data_reduction_details           ? 
_reflns.data_reduction_method            ? 
_reflns.d_resolution_high                3.100 
_reflns.d_resolution_low                 50.000 
_reflns.details                          ? 
_reflns.limit_h_max                      ? 
_reflns.limit_h_min                      ? 
_reflns.limit_k_max                      ? 
_reflns.limit_k_min                      ? 
_reflns.limit_l_max                      ? 
_reflns.limit_l_min                      ? 
_reflns.number_all                       ? 
_reflns.number_obs                       5219 
_reflns.observed_criterion               ? 
_reflns.observed_criterion_F_max         ? 
_reflns.observed_criterion_F_min         ? 
_reflns.observed_criterion_I_max         ? 
_reflns.observed_criterion_I_min         ? 
_reflns.observed_criterion_sigma_F       ? 
_reflns.observed_criterion_sigma_I       ? 
_reflns.percent_possible_obs             91.400 
_reflns.R_free_details                   ? 
_reflns.Rmerge_F_all                     ? 
_reflns.Rmerge_F_obs                     ? 
_reflns.Friedel_coverage                 ? 
_reflns.number_gt                        ? 
_reflns.threshold_expression             ? 
_reflns.pdbx_redundancy                  8.900 
_reflns.pdbx_Rmerge_I_obs                0.062 
_reflns.pdbx_Rmerge_I_all                ? 
_reflns.pdbx_Rsym_value                  ? 
_reflns.pdbx_netI_over_av_sigmaI         ? 
_reflns.pdbx_netI_over_sigmaI            6.100 
_reflns.pdbx_res_netI_over_av_sigmaI_2   ? 
_reflns.pdbx_res_netI_over_sigmaI_2      ? 
_reflns.pdbx_chi_squared                 0.772 
_reflns.pdbx_scaling_rejects             ? 
_reflns.pdbx_d_res_high_opt              ? 
_reflns.pdbx_d_res_low_opt               ? 
_reflns.pdbx_d_res_opt_method            ? 
_reflns.phase_calculation_details        ? 
_reflns.pdbx_Rrim_I_all                  0.066 
_reflns.pdbx_Rpim_I_all                  0.021 
_reflns.pdbx_d_opt                       ? 
_reflns.pdbx_number_measured_all         ? 
_reflns.pdbx_diffrn_id                   1 
_reflns.pdbx_ordinal                     1 
_reflns.pdbx_CC_half                     0.995 
_reflns.pdbx_CC_star                     ? 
_reflns.pdbx_R_split                     ? 
# 
loop_
_reflns_shell.d_res_high 
_reflns_shell.d_res_low 
_reflns_shell.meanI_over_sigI_all 
_reflns_shell.meanI_over_sigI_obs 
_reflns_shell.number_measured_all 
_reflns_shell.number_measured_obs 
_reflns_shell.number_possible 
_reflns_shell.number_unique_all 
_reflns_shell.number_unique_obs 
_reflns_shell.percent_possible_all 
_reflns_shell.percent_possible_obs 
_reflns_shell.Rmerge_F_all 
_reflns_shell.Rmerge_F_obs 
_reflns_shell.Rmerge_I_all 
_reflns_shell.Rmerge_I_obs 
_reflns_shell.meanI_over_sigI_gt 
_reflns_shell.meanI_over_uI_all 
_reflns_shell.meanI_over_uI_gt 
_reflns_shell.number_measured_gt 
_reflns_shell.number_unique_gt 
_reflns_shell.percent_possible_gt 
_reflns_shell.Rmerge_F_gt 
_reflns_shell.Rmerge_I_gt 
_reflns_shell.pdbx_redundancy 
_reflns_shell.pdbx_Rsym_value 
_reflns_shell.pdbx_chi_squared 
_reflns_shell.pdbx_netI_over_sigmaI_all 
_reflns_shell.pdbx_netI_over_sigmaI_obs 
_reflns_shell.pdbx_Rrim_I_all 
_reflns_shell.pdbx_Rpim_I_all 
_reflns_shell.pdbx_rejects 
_reflns_shell.pdbx_ordinal 
_reflns_shell.pdbx_diffrn_id 
_reflns_shell.pdbx_CC_half 
_reflns_shell.pdbx_CC_star 
_reflns_shell.pdbx_R_split 
3.100 3.150  ? ? ? ? ? ? 183 62.700  ? ? ? ? 0.412 ? ? ? ? ? ? ? ? 5.700  ? 0.439 ? ? 0.444 0.158 ? 1  1 0.924 ? ? 
3.150 3.210  ? ? ? ? ? ? 202 74.000  ? ? ? ? 0.139 ? ? ? ? ? ? ? ? 6.500  ? 0.652 ? ? 0.148 0.050 ? 2  1 0.994 ? ? 
3.210 3.270  ? ? ? ? ? ? 226 78.200  ? ? ? ? 0.132 ? ? ? ? ? ? ? ? 6.400  ? 0.668 ? ? 0.141 0.048 ? 3  1 0.997 ? ? 
3.270 3.340  ? ? ? ? ? ? 215 80.200  ? ? ? ? 0.192 ? ? ? ? ? ? ? ? 6.600  ? 0.531 ? ? 0.205 0.070 ? 4  1 0.991 ? ? 
3.340 3.410  ? ? ? ? ? ? 254 83.000  ? ? ? ? 0.167 ? ? ? ? ? ? ? ? 7.100  ? 0.574 ? ? 0.178 0.060 ? 5  1 0.994 ? ? 
3.410 3.490  ? ? ? ? ? ? 230 84.900  ? ? ? ? 0.265 ? ? ? ? ? ? ? ? 7.100  ? 0.765 ? ? 0.284 0.098 ? 6  1 0.977 ? ? 
3.490 3.580  ? ? ? ? ? ? 258 86.300  ? ? ? ? 0.204 ? ? ? ? ? ? ? ? 7.700  ? 0.528 ? ? 0.217 0.072 ? 7  1 0.988 ? ? 
3.580 3.680  ? ? ? ? ? ? 264 92.300  ? ? ? ? 0.531 ? ? ? ? ? ? ? ? 7.400  ? 0.976 ? ? 0.568 0.195 ? 8  1 0.883 ? ? 
3.680 3.780  ? ? ? ? ? ? 265 91.400  ? ? ? ? 0.569 ? ? ? ? ? ? ? ? 8.200  ? 0.556 ? ? 0.604 0.198 ? 9  1 0.952 ? ? 
3.780 3.910  ? ? ? ? ? ? 248 95.000  ? ? ? ? 0.440 ? ? ? ? ? ? ? ? 8.600  ? 2.801 ? ? 0.469 0.160 ? 10 1 0.869 ? ? 
3.910 4.040  ? ? ? ? ? ? 290 99.700  ? ? ? ? 0.345 ? ? ? ? ? ? ? ? 8.900  ? 0.477 ? ? 0.366 0.120 ? 11 1 0.976 ? ? 
4.040 4.210  ? ? ? ? ? ? 301 100.000 ? ? ? ? 0.282 ? ? ? ? ? ? ? ? 10.400 ? 0.482 ? ? 0.297 0.092 ? 12 1 0.990 ? ? 
4.210 4.400  ? ? ? ? ? ? 277 100.000 ? ? ? ? 0.258 ? ? ? ? ? ? ? ? 10.600 ? 0.500 ? ? 0.271 0.083 ? 13 1 0.989 ? ? 
4.400 4.630  ? ? ? ? ? ? 295 100.000 ? ? ? ? 0.193 ? ? ? ? ? ? ? ? 10.600 ? 0.525 ? ? 0.203 0.062 ? 14 1 0.994 ? ? 
4.630 4.920  ? ? ? ? ? ? 271 100.000 ? ? ? ? 0.137 ? ? ? ? ? ? ? ? 10.400 ? 0.580 ? ? 0.144 0.045 ? 15 1 0.994 ? ? 
4.920 5.300  ? ? ? ? ? ? 303 100.000 ? ? ? ? 0.094 ? ? ? ? ? ? ? ? 10.000 ? 0.682 ? ? 0.100 0.031 ? 16 1 0.997 ? ? 
5.300 5.830  ? ? ? ? ? ? 275 100.000 ? ? ? ? 0.065 ? ? ? ? ? ? ? ? 10.900 ? 0.755 ? ? 0.068 0.021 ? 17 1 0.999 ? ? 
5.830 6.670  ? ? ? ? ? ? 289 100.000 ? ? ? ? 0.061 ? ? ? ? ? ? ? ? 10.900 ? 0.797 ? ? 0.065 0.019 ? 18 1 0.998 ? ? 
6.670 8.400  ? ? ? ? ? ? 288 100.000 ? ? ? ? 0.045 ? ? ? ? ? ? ? ? 10.100 ? 0.959 ? ? 0.047 0.015 ? 19 1 0.999 ? ? 
8.400 50.000 ? ? ? ? ? ? 285 99.000  ? ? ? ? 0.041 ? ? ? ? ? ? ? ? 10.600 ? 1.114 ? ? 0.043 0.014 ? 20 1 0.998 ? ? 
# 
_refine.aniso_B[1][1]                            -5.1600 
_refine.aniso_B[1][2]                            -2.5800 
_refine.aniso_B[1][3]                            0.0000 
_refine.aniso_B[2][2]                            -5.1600 
_refine.aniso_B[2][3]                            0.0000 
_refine.aniso_B[3][3]                            16.7200 
_refine.B_iso_max                                240.270 
_refine.B_iso_mean                               125.9920 
_refine.B_iso_min                                55.690 
_refine.correlation_coeff_Fo_to_Fc               0.9830 
_refine.correlation_coeff_Fo_to_Fc_free          0.9560 
_refine.details                                  
'HYDROGENS HAVE BEEN ADDED IN THE RIDING POSITIONS U VALUES      : REFINED INDIVIDUALLY' 
_refine.diff_density_max                         ? 
_refine.diff_density_max_esd                     ? 
_refine.diff_density_min                         ? 
_refine.diff_density_min_esd                     ? 
_refine.diff_density_rms                         ? 
_refine.diff_density_rms_esd                     ? 
_refine.entry_id                                 6WR7 
_refine.pdbx_refine_id                           'X-RAY DIFFRACTION' 
_refine.ls_abs_structure_details                 ? 
_refine.ls_abs_structure_Flack                   ? 
_refine.ls_abs_structure_Flack_esd               ? 
_refine.ls_abs_structure_Rogers                  ? 
_refine.ls_abs_structure_Rogers_esd              ? 
_refine.ls_d_res_high                            3.1100 
_refine.ls_d_res_low                             50.00 
_refine.ls_extinction_coef                       ? 
_refine.ls_extinction_coef_esd                   ? 
_refine.ls_extinction_expression                 ? 
_refine.ls_extinction_method                     ? 
_refine.ls_goodness_of_fit_all                   ? 
_refine.ls_goodness_of_fit_all_esd               ? 
_refine.ls_goodness_of_fit_obs                   ? 
_refine.ls_goodness_of_fit_obs_esd               ? 
_refine.ls_hydrogen_treatment                    ? 
_refine.ls_matrix_type                           ? 
_refine.ls_number_constraints                    ? 
_refine.ls_number_parameters                     ? 
_refine.ls_number_reflns_all                     ? 
_refine.ls_number_reflns_obs                     4836 
_refine.ls_number_reflns_R_free                  305 
_refine.ls_number_reflns_R_work                  ? 
_refine.ls_number_restraints                     ? 
_refine.ls_percent_reflns_obs                    90.1000 
_refine.ls_percent_reflns_R_free                 5.9000 
_refine.ls_R_factor_all                          ? 
_refine.ls_R_factor_obs                          0.2239 
_refine.ls_R_factor_R_free                       0.2587 
_refine.ls_R_factor_R_free_error                 ? 
_refine.ls_R_factor_R_free_error_details         ? 
_refine.ls_R_factor_R_work                       0.2212 
_refine.ls_R_Fsqd_factor_obs                     ? 
_refine.ls_R_I_factor_obs                        ? 
_refine.ls_redundancy_reflns_all                 ? 
_refine.ls_redundancy_reflns_obs                 ? 
_refine.ls_restrained_S_all                      ? 
_refine.ls_restrained_S_obs                      ? 
_refine.ls_shift_over_esd_max                    ? 
_refine.ls_shift_over_esd_mean                   ? 
_refine.ls_structure_factor_coef                 ? 
_refine.ls_weighting_details                     ? 
_refine.ls_weighting_scheme                      ? 
_refine.ls_wR_factor_all                         ? 
_refine.ls_wR_factor_obs                         ? 
_refine.ls_wR_factor_R_free                      ? 
_refine.ls_wR_factor_R_work                      ? 
_refine.occupancy_max                            ? 
_refine.occupancy_min                            ? 
_refine.solvent_model_details                    ? 
_refine.solvent_model_param_bsol                 ? 
_refine.solvent_model_param_ksol                 ? 
_refine.pdbx_R_complete                          ? 
_refine.ls_R_factor_gt                           ? 
_refine.ls_goodness_of_fit_gt                    ? 
_refine.ls_goodness_of_fit_ref                   ? 
_refine.ls_shift_over_su_max                     ? 
_refine.ls_shift_over_su_max_lt                  ? 
_refine.ls_shift_over_su_mean                    ? 
_refine.ls_shift_over_su_mean_lt                 ? 
_refine.pdbx_ls_sigma_I                          ? 
_refine.pdbx_ls_sigma_F                          0.000 
_refine.pdbx_ls_sigma_Fsqd                       ? 
_refine.pdbx_data_cutoff_high_absF               ? 
_refine.pdbx_data_cutoff_high_rms_absF           ? 
_refine.pdbx_data_cutoff_low_absF                ? 
_refine.pdbx_isotropic_thermal_model             ? 
_refine.pdbx_ls_cross_valid_method               THROUGHOUT 
_refine.pdbx_method_to_determine_struct          'MOLECULAR REPLACEMENT' 
_refine.pdbx_starting_model                      5KEK 
_refine.pdbx_stereochemistry_target_values       ? 
_refine.pdbx_R_Free_selection_details            RANDOM 
_refine.pdbx_stereochem_target_val_spec_case     ? 
_refine.pdbx_overall_ESU_R                       0.5660 
_refine.pdbx_overall_ESU_R_Free                  0.3580 
_refine.pdbx_solvent_vdw_probe_radii             1.2000 
_refine.pdbx_solvent_ion_probe_radii             0.8000 
_refine.pdbx_solvent_shrinkage_radii             0.8000 
_refine.pdbx_real_space_R                        ? 
_refine.pdbx_density_correlation                 ? 
_refine.pdbx_pd_number_of_powder_patterns        ? 
_refine.pdbx_pd_number_of_points                 ? 
_refine.pdbx_pd_meas_number_of_points            ? 
_refine.pdbx_pd_proc_ls_prof_R_factor            ? 
_refine.pdbx_pd_proc_ls_prof_wR_factor           ? 
_refine.pdbx_pd_Marquardt_correlation_coeff      ? 
_refine.pdbx_pd_Fsqrd_R_factor                   ? 
_refine.pdbx_pd_ls_matrix_band_width             ? 
_refine.pdbx_overall_phase_error                 ? 
_refine.pdbx_overall_SU_R_free_Cruickshank_DPI   ? 
_refine.pdbx_overall_SU_R_free_Blow_DPI          ? 
_refine.pdbx_overall_SU_R_Blow_DPI               ? 
_refine.pdbx_TLS_residual_ADP_flag               ? 
_refine.pdbx_diffrn_id                           1 
_refine.overall_SU_B                             36.0350 
_refine.overall_SU_ML                            0.5430 
_refine.overall_SU_R_Cruickshank_DPI             ? 
_refine.overall_SU_R_free                        ? 
_refine.overall_FOM_free_R_set                   ? 
_refine.overall_FOM_work_R_set                   ? 
_refine.pdbx_average_fsc_overall                 ? 
_refine.pdbx_average_fsc_work                    ? 
_refine.pdbx_average_fsc_free                    ? 
# 
_refine_hist.pdbx_refine_id                   'X-RAY DIFFRACTION' 
_refine_hist.cycle_id                         final 
_refine_hist.details                          ? 
_refine_hist.d_res_high                       3.1100 
_refine_hist.d_res_low                        50.00 
_refine_hist.number_atoms_solvent             0 
_refine_hist.number_atoms_total               855 
_refine_hist.number_reflns_all                ? 
_refine_hist.number_reflns_obs                ? 
_refine_hist.number_reflns_R_free             ? 
_refine_hist.number_reflns_R_work             ? 
_refine_hist.R_factor_all                     ? 
_refine_hist.R_factor_obs                     ? 
_refine_hist.R_factor_R_free                  ? 
_refine_hist.R_factor_R_work                  ? 
_refine_hist.pdbx_number_residues_total       42 
_refine_hist.pdbx_B_iso_mean_ligand           ? 
_refine_hist.pdbx_B_iso_mean_solvent          ? 
_refine_hist.pdbx_number_atoms_protein        0 
_refine_hist.pdbx_number_atoms_nucleic_acid   855 
_refine_hist.pdbx_number_atoms_ligand         0 
_refine_hist.pdbx_number_atoms_lipid          ? 
_refine_hist.pdbx_number_atoms_carb           ? 
_refine_hist.pdbx_pseudo_atom_details         ? 
# 
_refine_ls_shell.pdbx_refine_id                   'X-RAY DIFFRACTION' 
_refine_ls_shell.d_res_high                       3.1140 
_refine_ls_shell.d_res_low                        3.1940 
_refine_ls_shell.number_reflns_all                267 
_refine_ls_shell.number_reflns_obs                ? 
_refine_ls_shell.number_reflns_R_free             16 
_refine_ls_shell.number_reflns_R_work             251 
_refine_ls_shell.percent_reflns_obs               63.8800 
_refine_ls_shell.percent_reflns_R_free            ? 
_refine_ls_shell.R_factor_all                     ? 
_refine_ls_shell.R_factor_obs                     ? 
_refine_ls_shell.R_factor_R_free                  0.3480 
_refine_ls_shell.R_factor_R_free_error            0.0000 
_refine_ls_shell.R_factor_R_work                  0.4770 
_refine_ls_shell.redundancy_reflns_all            ? 
_refine_ls_shell.redundancy_reflns_obs            ? 
_refine_ls_shell.wR_factor_all                    ? 
_refine_ls_shell.wR_factor_obs                    ? 
_refine_ls_shell.wR_factor_R_free                 ? 
_refine_ls_shell.wR_factor_R_work                 ? 
_refine_ls_shell.pdbx_R_complete                  ? 
_refine_ls_shell.pdbx_total_number_of_bins_used   20 
_refine_ls_shell.pdbx_phase_error                 ? 
_refine_ls_shell.pdbx_fsc_work                    ? 
_refine_ls_shell.pdbx_fsc_free                    ? 
# 
_struct.entry_id                     6WR7 
_struct.title                        
'Self-assembly of a 3D DNA crystal lattice (4x5 duplex version) containing the J33 immobile Holliday junction' 
_struct.pdbx_model_details           ? 
_struct.pdbx_formula_weight          ? 
_struct.pdbx_formula_weight_method   ? 
_struct.pdbx_model_type_details      ? 
_struct.pdbx_CASP_flag               N 
# 
_struct_keywords.entry_id        6WR7 
_struct_keywords.text            
'Structural DNA nanotechnology, immobile Holliday junctions, 3D DNA self-assembly, designer DNA crystals, DNA' 
_struct_keywords.pdbx_keywords   DNA 
# 
loop_
_struct_asym.id 
_struct_asym.pdbx_blank_PDB_chainid_flag 
_struct_asym.pdbx_modified 
_struct_asym.entity_id 
_struct_asym.details 
A N N 1 ? 
B N N 2 ? 
C N N 3 ? 
D N N 4 ? 
# 
loop_
_struct_conn.id 
_struct_conn.conn_type_id 
_struct_conn.pdbx_leaving_atom_flag 
_struct_conn.pdbx_PDB_id 
_struct_conn.ptnr1_label_asym_id 
_struct_conn.ptnr1_label_comp_id 
_struct_conn.ptnr1_label_seq_id 
_struct_conn.ptnr1_label_atom_id 
_struct_conn.pdbx_ptnr1_label_alt_id 
_struct_conn.pdbx_ptnr1_PDB_ins_code 
_struct_conn.pdbx_ptnr1_standard_comp_id 
_struct_conn.ptnr1_symmetry 
_struct_conn.ptnr2_label_asym_id 
_struct_conn.ptnr2_label_comp_id 
_struct_conn.ptnr2_label_seq_id 
_struct_conn.ptnr2_label_atom_id 
_struct_conn.pdbx_ptnr2_label_alt_id 
_struct_conn.pdbx_ptnr2_PDB_ins_code 
_struct_conn.ptnr1_auth_asym_id 
_struct_conn.ptnr1_auth_comp_id 
_struct_conn.ptnr1_auth_seq_id 
_struct_conn.ptnr2_auth_asym_id 
_struct_conn.ptnr2_auth_comp_id 
_struct_conn.ptnr2_auth_seq_id 
_struct_conn.ptnr2_symmetry 
_struct_conn.pdbx_ptnr3_label_atom_id 
_struct_conn.pdbx_ptnr3_label_seq_id 
_struct_conn.pdbx_ptnr3_label_comp_id 
_struct_conn.pdbx_ptnr3_label_asym_id 
_struct_conn.pdbx_ptnr3_label_alt_id 
_struct_conn.pdbx_ptnr3_PDB_ins_code 
_struct_conn.details 
_struct_conn.pdbx_dist_value 
_struct_conn.pdbx_value_order 
_struct_conn.pdbx_role 
hydrog1  hydrog ? ? A DG 3  N1 ? ? ? 1_555 D DC 7 N3 ? ? A DG 3  D DC 16 1_555 ? ? ? ? ? ? WATSON-CRICK ? ? ? 
hydrog2  hydrog ? ? A DG 3  N2 ? ? ? 1_555 D DC 7 O2 ? ? A DG 3  D DC 16 1_555 ? ? ? ? ? ? WATSON-CRICK ? ? ? 
hydrog3  hydrog ? ? A DG 3  O6 ? ? ? 1_555 D DC 7 N4 ? ? A DG 3  D DC 16 1_555 ? ? ? ? ? ? WATSON-CRICK ? ? ? 
hydrog4  hydrog ? ? A DC 4  N3 ? ? ? 1_555 D DG 6 N1 ? ? A DC 4  D DG 15 1_555 ? ? ? ? ? ? WATSON-CRICK ? ? ? 
hydrog5  hydrog ? ? A DC 4  N4 ? ? ? 1_555 D DG 6 O6 ? ? A DC 4  D DG 15 1_555 ? ? ? ? ? ? WATSON-CRICK ? ? ? 
hydrog6  hydrog ? ? A DC 4  O2 ? ? ? 1_555 D DG 6 N2 ? ? A DC 4  D DG 15 1_555 ? ? ? ? ? ? WATSON-CRICK ? ? ? 
hydrog7  hydrog ? ? A DA 5  N1 ? ? ? 1_555 D DT 5 N3 ? ? A DA 5  D DT 14 1_555 ? ? ? ? ? ? WATSON-CRICK ? ? ? 
hydrog8  hydrog ? ? A DA 5  N6 ? ? ? 1_555 D DT 5 O4 ? ? A DA 5  D DT 14 1_555 ? ? ? ? ? ? WATSON-CRICK ? ? ? 
hydrog9  hydrog ? ? A DG 6  N1 ? ? ? 1_555 D DC 4 N3 ? ? A DG 6  D DC 13 1_555 ? ? ? ? ? ? WATSON-CRICK ? ? ? 
hydrog10 hydrog ? ? A DG 6  N2 ? ? ? 1_555 D DC 4 O2 ? ? A DG 6  D DC 13 1_555 ? ? ? ? ? ? WATSON-CRICK ? ? ? 
hydrog11 hydrog ? ? A DG 6  O6 ? ? ? 1_555 D DC 4 N4 ? ? A DG 6  D DC 13 1_555 ? ? ? ? ? ? WATSON-CRICK ? ? ? 
hydrog12 hydrog ? ? A DA 7  N1 ? ? ? 1_555 D DT 3 N3 ? ? A DA 7  D DT 12 1_555 ? ? ? ? ? ? WATSON-CRICK ? ? ? 
hydrog13 hydrog ? ? A DA 7  N6 ? ? ? 1_555 D DT 3 O4 ? ? A DA 7  D DT 12 1_555 ? ? ? ? ? ? WATSON-CRICK ? ? ? 
hydrog14 hydrog ? ? A DC 8  N3 ? ? ? 1_555 D DG 2 N1 ? ? A DC 8  D DG 11 1_555 ? ? ? ? ? ? WATSON-CRICK ? ? ? 
hydrog15 hydrog ? ? A DC 8  N4 ? ? ? 1_555 D DG 2 O6 ? ? A DC 8  D DG 11 1_555 ? ? ? ? ? ? WATSON-CRICK ? ? ? 
hydrog16 hydrog ? ? A DC 8  O2 ? ? ? 1_555 D DG 2 N2 ? ? A DC 8  D DG 11 1_555 ? ? ? ? ? ? WATSON-CRICK ? ? ? 
hydrog17 hydrog ? ? A DT 9  N3 ? ? ? 1_555 D DA 1 N1 ? ? A DT 9  D DA 10 1_555 ? ? ? ? ? ? WATSON-CRICK ? ? ? 
hydrog18 hydrog ? ? A DT 9  O4 ? ? ? 1_555 D DA 1 N6 ? ? A DT 9  D DA 10 1_555 ? ? ? ? ? ? WATSON-CRICK ? ? ? 
hydrog19 hydrog ? ? A DT 10 N3 ? ? ? 1_555 B DA 5 N1 ? ? A DT 10 B DA 5  1_555 ? ? ? ? ? ? WATSON-CRICK ? ? ? 
hydrog20 hydrog ? ? A DT 10 O4 ? ? ? 1_555 B DA 5 N6 ? ? A DT 10 B DA 5  1_555 ? ? ? ? ? ? WATSON-CRICK ? ? ? 
hydrog21 hydrog ? ? A DG 11 N1 ? ? ? 1_555 B DC 4 N3 ? ? A DG 11 B DC 4  1_555 ? ? ? ? ? ? WATSON-CRICK ? ? ? 
hydrog22 hydrog ? ? A DG 11 N2 ? ? ? 1_555 B DC 4 O2 ? ? A DG 11 B DC 4  1_555 ? ? ? ? ? ? WATSON-CRICK ? ? ? 
hydrog23 hydrog ? ? A DG 11 O6 ? ? ? 1_555 B DC 4 N4 ? ? A DG 11 B DC 4  1_555 ? ? ? ? ? ? WATSON-CRICK ? ? ? 
hydrog24 hydrog ? ? A DA 12 N1 ? ? ? 1_555 B DT 3 N3 ? ? A DA 12 B DT 3  1_555 ? ? ? ? ? ? WATSON-CRICK ? ? ? 
hydrog25 hydrog ? ? A DA 12 N6 ? ? ? 1_555 B DT 3 O4 ? ? A DA 12 B DT 3  1_555 ? ? ? ? ? ? WATSON-CRICK ? ? ? 
hydrog26 hydrog ? ? A DC 13 N3 ? ? ? 1_555 B DG 2 N1 ? ? A DC 13 B DG 2  1_555 ? ? ? ? ? ? WATSON-CRICK ? ? ? 
hydrog27 hydrog ? ? A DC 13 N4 ? ? ? 1_555 B DG 2 O6 ? ? A DC 13 B DG 2  1_555 ? ? ? ? ? ? WATSON-CRICK ? ? ? 
hydrog28 hydrog ? ? A DC 13 O2 ? ? ? 1_555 B DG 2 N2 ? ? A DC 13 B DG 2  1_555 ? ? ? ? ? ? WATSON-CRICK ? ? ? 
hydrog29 hydrog ? ? A DA 14 N1 ? ? ? 1_555 B DT 1 N3 ? ? A DA 14 B DT 1  1_555 ? ? ? ? ? ? WATSON-CRICK ? ? ? 
hydrog30 hydrog ? ? A DA 14 N6 ? ? ? 1_555 B DT 1 O4 ? ? A DA 14 B DT 1  1_555 ? ? ? ? ? ? WATSON-CRICK ? ? ? 
hydrog31 hydrog ? ? A DG 15 N1 ? ? ? 1_555 C DC 9 N3 ? ? A DG 15 C DC 9  1_555 ? ? ? ? ? ? WATSON-CRICK ? ? ? 
hydrog32 hydrog ? ? A DG 15 N2 ? ? ? 1_555 C DC 9 O2 ? ? A DG 15 C DC 9  1_555 ? ? ? ? ? ? WATSON-CRICK ? ? ? 
hydrog33 hydrog ? ? A DG 15 O6 ? ? ? 1_555 C DC 9 N4 ? ? A DG 15 C DC 9  1_555 ? ? ? ? ? ? WATSON-CRICK ? ? ? 
hydrog34 hydrog ? ? A DC 16 N3 ? ? ? 1_555 C DG 8 N1 ? ? A DC 16 C DG 8  1_555 ? ? ? ? ? ? WATSON-CRICK ? ? ? 
hydrog35 hydrog ? ? A DC 16 N4 ? ? ? 1_555 C DG 8 O6 ? ? A DC 16 C DG 8  1_555 ? ? ? ? ? ? WATSON-CRICK ? ? ? 
hydrog36 hydrog ? ? A DC 16 O2 ? ? ? 1_555 C DG 8 N2 ? ? A DC 16 C DG 8  1_555 ? ? ? ? ? ? WATSON-CRICK ? ? ? 
hydrog37 hydrog ? ? A DA 17 N1 ? ? ? 1_555 C DT 7 N3 ? ? A DA 17 C DT 7  1_555 ? ? ? ? ? ? WATSON-CRICK ? ? ? 
hydrog38 hydrog ? ? A DA 17 N6 ? ? ? 1_555 C DT 7 O4 ? ? A DA 17 C DT 7  1_555 ? ? ? ? ? ? WATSON-CRICK ? ? ? 
hydrog39 hydrog ? ? A DC 18 N3 ? ? ? 1_555 C DG 6 N1 ? ? A DC 18 C DG 6  1_555 ? ? ? ? ? ? WATSON-CRICK ? ? ? 
hydrog40 hydrog ? ? A DC 18 N4 ? ? ? 1_555 C DG 6 O6 ? ? A DC 18 C DG 6  1_555 ? ? ? ? ? ? WATSON-CRICK ? ? ? 
hydrog41 hydrog ? ? A DC 18 O2 ? ? ? 1_555 C DG 6 N2 ? ? A DC 18 C DG 6  1_555 ? ? ? ? ? ? WATSON-CRICK ? ? ? 
hydrog42 hydrog ? ? A DT 19 N3 ? ? ? 1_555 C DA 5 N1 ? ? A DT 19 C DA 5  1_555 ? ? ? ? ? ? WATSON-CRICK ? ? ? 
hydrog43 hydrog ? ? A DT 19 O4 ? ? ? 1_555 C DA 5 N6 ? ? A DT 19 C DA 5  1_555 ? ? ? ? ? ? WATSON-CRICK ? ? ? 
hydrog44 hydrog ? ? A DC 20 N3 ? ? ? 1_555 C DG 4 N1 ? ? A DC 20 C DG 4  1_555 ? ? ? ? ? ? WATSON-CRICK ? ? ? 
hydrog45 hydrog ? ? A DC 20 N4 ? ? ? 1_555 C DG 4 O6 ? ? A DC 20 C DG 4  1_555 ? ? ? ? ? ? WATSON-CRICK ? ? ? 
hydrog46 hydrog ? ? A DC 20 O2 ? ? ? 1_555 C DG 4 N2 ? ? A DC 20 C DG 4  1_555 ? ? ? ? ? ? WATSON-CRICK ? ? ? 
hydrog47 hydrog ? ? A DA 21 N1 ? ? ? 1_555 C DT 3 N3 ? ? A DA 21 C DT 3  1_555 ? ? ? ? ? ? WATSON-CRICK ? ? ? 
hydrog48 hydrog ? ? A DA 21 N6 ? ? ? 1_555 C DT 3 O4 ? ? A DA 21 C DT 3  1_555 ? ? ? ? ? ? WATSON-CRICK ? ? ? 
# 
_struct_conn_type.id          hydrog 
_struct_conn_type.criteria    ? 
_struct_conn_type.reference   ? 
# 
_atom_sites.entry_id                    6WR7 
_atom_sites.Cartn_transf_matrix[1][1]   ? 
_atom_sites.Cartn_transf_matrix[1][2]   ? 
_atom_sites.Cartn_transf_matrix[1][3]   ? 
_atom_sites.Cartn_transf_matrix[2][1]   ? 
_atom_sites.Cartn_transf_matrix[2][2]   ? 
_atom_sites.Cartn_transf_matrix[2][3]   ? 
_atom_sites.Cartn_transf_matrix[3][1]   ? 
_atom_sites.Cartn_transf_matrix[3][2]   ? 
_atom_sites.Cartn_transf_matrix[3][3]   ? 
_atom_sites.Cartn_transf_vector[1]      ? 
_atom_sites.Cartn_transf_vector[2]      ? 
_atom_sites.Cartn_transf_vector[3]      ? 
_atom_sites.fract_transf_matrix[1][1]   0.01662603 
_atom_sites.fract_transf_matrix[1][2]   0.00283395 
_atom_sites.fract_transf_matrix[1][3]   -0.00121555 
_atom_sites.fract_transf_matrix[2][1]   0.00603430 
_atom_sites.fract_transf_matrix[2][2]   0.00970157 
_atom_sites.fract_transf_matrix[2][3]   -0.01246655 
_atom_sites.fract_transf_matrix[3][1]   -0.00155613 
_atom_sites.fract_transf_matrix[3][2]   0.01321860 
_atom_sites.fract_transf_matrix[3][3]   0.00953359 
_atom_sites.fract_transf_vector[1]      -0.065518 
_atom_sites.fract_transf_vector[2]      -0.035697 
_atom_sites.fract_transf_vector[3]      0.157428 
_atom_sites.solution_primary            ? 
_atom_sites.solution_secondary          ? 
_atom_sites.solution_hydrogens          ? 
_atom_sites.special_details             ? 
# 
loop_
_atom_type.symbol 
C 
N 
O 
P 
# 
loop_
_atom_site.group_PDB 
_atom_site.id 
_atom_site.type_symbol 
_atom_site.label_atom_id 
_atom_site.label_alt_id 
_atom_site.label_comp_id 
_atom_site.label_asym_id 
_atom_site.label_entity_id 
_atom_site.label_seq_id 
_atom_site.pdbx_PDB_ins_code 
_atom_site.Cartn_x 
_atom_site.Cartn_y 
_atom_site.Cartn_z 
_atom_site.occupancy 
_atom_site.B_iso_or_equiv 
_atom_site.pdbx_formal_charge 
_atom_site.auth_seq_id 
_atom_site.auth_comp_id 
_atom_site.auth_asym_id 
_atom_site.auth_atom_id 
_atom_site.pdbx_PDB_model_num 
ATOM 1   O "O5'" . DG A 1 1  ? 14.268  -14.910 27.658  1.00 192.59 ? 1  DG A "O5'" 1 
ATOM 2   C "C5'" . DG A 1 1  ? 13.165  -15.079 28.566  1.00 184.81 ? 1  DG A "C5'" 1 
ATOM 3   C "C4'" . DG A 1 1  ? 12.921  -16.551 28.805  1.00 188.29 ? 1  DG A "C4'" 1 
ATOM 4   O "O4'" . DG A 1 1  ? 11.789  -16.726 29.678  1.00 177.23 ? 1  DG A "O4'" 1 
ATOM 5   C "C3'" . DG A 1 1  ? 12.571  -17.354 27.559  1.00 191.68 ? 1  DG A "C3'" 1 
ATOM 6   O "O3'" . DG A 1 1  ? 13.748  -17.829 26.902  1.00 181.72 ? 1  DG A "O3'" 1 
ATOM 7   C "C2'" . DG A 1 1  ? 11.772  -18.522 28.113  1.00 186.12 ? 1  DG A "C2'" 1 
ATOM 8   C "C1'" . DG A 1 1  ? 11.252  -18.027 29.468  1.00 178.29 ? 1  DG A "C1'" 1 
ATOM 9   N N9    . DG A 1 1  ? 9.799   -17.940 29.572  1.00 156.99 ? 1  DG A N9    1 
ATOM 10  C C8    . DG A 1 1  ? 9.054   -16.883 30.042  1.00 134.52 ? 1  DG A C8    1 
ATOM 11  N N7    . DG A 1 1  ? 7.770   -17.114 30.026  1.00 120.11 ? 1  DG A N7    1 
ATOM 12  C C5    . DG A 1 1  ? 7.660   -18.403 29.520  1.00 136.11 ? 1  DG A C5    1 
ATOM 13  C C6    . DG A 1 1  ? 6.513   -19.194 29.269  1.00 141.69 ? 1  DG A C6    1 
ATOM 14  O O6    . DG A 1 1  ? 5.326   -18.903 29.446  1.00 149.03 ? 1  DG A O6    1 
ATOM 15  N N1    . DG A 1 1  ? 6.854   -20.443 28.753  1.00 140.48 ? 1  DG A N1    1 
ATOM 16  C C2    . DG A 1 1  ? 8.137   -20.873 28.508  1.00 135.07 ? 1  DG A C2    1 
ATOM 17  N N2    . DG A 1 1  ? 8.268   -22.111 28.014  1.00 140.82 ? 1  DG A N2    1 
ATOM 18  N N3    . DG A 1 1  ? 9.215   -20.143 28.736  1.00 132.72 ? 1  DG A N3    1 
ATOM 19  C C4    . DG A 1 1  ? 8.904   -18.925 29.235  1.00 147.10 ? 1  DG A C4    1 
ATOM 20  P P     . DA A 1 2  ? 13.810  -17.862 25.318  1.00 159.49 ? 2  DA A P     1 
ATOM 21  O OP1   . DA A 1 2  ? 14.735  -18.955 24.913  1.00 151.23 ? 2  DA A OP1   1 
ATOM 22  O OP2   . DA A 1 2  ? 14.049  -16.476 24.853  1.00 179.02 ? 2  DA A OP2   1 
ATOM 23  O "O5'" . DA A 1 2  ? 12.334  -18.286 24.903  1.00 138.19 ? 2  DA A "O5'" 1 
ATOM 24  C "C5'" . DA A 1 2  ? 12.060  -18.754 23.575  1.00 144.91 ? 2  DA A "C5'" 1 
ATOM 25  C "C4'" . DA A 1 2  ? 11.388  -20.102 23.642  1.00 142.67 ? 2  DA A "C4'" 1 
ATOM 26  O "O4'" . DA A 1 2  ? 10.614  -20.164 24.860  1.00 139.58 ? 2  DA A "O4'" 1 
ATOM 27  C "C3'" . DA A 1 2  ? 10.405  -20.362 22.503  1.00 149.12 ? 2  DA A "C3'" 1 
ATOM 28  O "O3'" . DA A 1 2  ? 10.391  -21.720 22.062  1.00 163.47 ? 2  DA A "O3'" 1 
ATOM 29  C "C2'" . DA A 1 2  ? 9.066   -19.939 23.075  1.00 137.47 ? 2  DA A "C2'" 1 
ATOM 30  C "C1'" . DA A 1 2  ? 9.227   -20.061 24.579  1.00 142.24 ? 2  DA A "C1'" 1 
ATOM 31  N N9    . DA A 1 2  ? 8.704   -18.888 25.274  1.00 152.86 ? 2  DA A N9    1 
ATOM 32  C C8    . DA A 1 2  ? 9.336   -17.729 25.657  1.00 143.96 ? 2  DA A C8    1 
ATOM 33  N N7    . DA A 1 2  ? 8.542   -16.858 26.232  1.00 141.29 ? 2  DA A N7    1 
ATOM 34  C C5    . DA A 1 2  ? 7.299   -17.476 26.206  1.00 153.99 ? 2  DA A C5    1 
ATOM 35  C C6    . DA A 1 2  ? 6.031   -17.073 26.663  1.00 150.36 ? 2  DA A C6    1 
ATOM 36  N N6    . DA A 1 2  ? 5.799   -15.902 27.262  1.00 150.57 ? 2  DA A N6    1 
ATOM 37  N N1    . DA A 1 2  ? 4.997   -17.928 26.486  1.00 141.99 ? 2  DA A N1    1 
ATOM 38  C C2    . DA A 1 2  ? 5.233   -19.106 25.886  1.00 141.56 ? 2  DA A C2    1 
ATOM 39  N N3    . DA A 1 2  ? 6.377   -19.594 25.409  1.00 148.21 ? 2  DA A N3    1 
ATOM 40  C C4    . DA A 1 2  ? 7.382   -18.720 25.606  1.00 159.90 ? 2  DA A C4    1 
ATOM 41  P P     . DG A 1 3  ? 9.837   -22.070 20.598  1.00 175.07 ? 3  DG A P     1 
ATOM 42  O OP1   . DG A 1 3  ? 10.109  -23.504 20.326  1.00 175.72 ? 3  DG A OP1   1 
ATOM 43  O OP2   . DG A 1 3  ? 10.343  -21.044 19.654  1.00 182.35 ? 3  DG A OP2   1 
ATOM 44  O "O5'" . DG A 1 3  ? 8.267   -21.875 20.751  1.00 146.60 ? 3  DG A "O5'" 1 
ATOM 45  C "C5'" . DG A 1 3  ? 7.468   -22.890 21.365  1.00 140.06 ? 3  DG A "C5'" 1 
ATOM 46  C "C4'" . DG A 1 3  ? 6.012   -22.527 21.223  1.00 147.30 ? 3  DG A "C4'" 1 
ATOM 47  O "O4'" . DG A 1 3  ? 5.716   -21.407 22.089  1.00 151.53 ? 3  DG A "O4'" 1 
ATOM 48  C "C3'" . DG A 1 3  ? 5.601   -22.091 19.814  1.00 152.68 ? 3  DG A "C3'" 1 
ATOM 49  O "O3'" . DG A 1 3  ? 4.433   -22.820 19.429  1.00 168.06 ? 3  DG A "O3'" 1 
ATOM 50  C "C2'" . DG A 1 3  ? 5.358   -20.596 19.958  1.00 154.27 ? 3  DG A "C2'" 1 
ATOM 51  C "C1'" . DG A 1 3  ? 4.880   -20.513 21.387  1.00 145.56 ? 3  DG A "C1'" 1 
ATOM 52  N N9    . DG A 1 3  ? 4.991   -19.208 22.030  1.00 146.77 ? 3  DG A N9    1 
ATOM 53  C C8    . DG A 1 3  ? 6.131   -18.465 22.232  1.00 145.57 ? 3  DG A C8    1 
ATOM 54  N N7    . DG A 1 3  ? 5.907   -17.343 22.864  1.00 132.91 ? 3  DG A N7    1 
ATOM 55  C C5    . DG A 1 3  ? 4.541   -17.359 23.114  1.00 127.56 ? 3  DG A C5    1 
ATOM 56  C C6    . DG A 1 3  ? 3.715   -16.410 23.771  1.00 118.56 ? 3  DG A C6    1 
ATOM 57  O O6    . DG A 1 3  ? 4.038   -15.331 24.288  1.00 109.84 ? 3  DG A O6    1 
ATOM 58  N N1    . DG A 1 3  ? 2.384   -16.821 23.797  1.00 118.29 ? 3  DG A N1    1 
ATOM 59  C C2    . DG A 1 3  ? 1.908   -17.998 23.261  1.00 117.73 ? 3  DG A C2    1 
ATOM 60  N N2    . DG A 1 3  ? 0.589   -18.224 23.388  1.00 109.49 ? 3  DG A N2    1 
ATOM 61  N N3    . DG A 1 3  ? 2.669   -18.889 22.646  1.00 111.83 ? 3  DG A N3    1 
ATOM 62  C C4    . DG A 1 3  ? 3.963   -18.507 22.609  1.00 130.41 ? 3  DG A C4    1 
ATOM 63  P P     . DC A 1 4  ? 3.821   -22.630 17.968  1.00 171.91 ? 4  DC A P     1 
ATOM 64  O OP1   . DC A 1 4  ? 3.072   -23.859 17.602  1.00 167.98 ? 4  DC A OP1   1 
ATOM 65  O OP2   . DC A 1 4  ? 4.915   -22.170 17.084  1.00 183.63 ? 4  DC A OP2   1 
ATOM 66  O "O5'" . DC A 1 4  ? 2.753   -21.469 18.190  1.00 167.04 ? 4  DC A "O5'" 1 
ATOM 67  C "C5'" . DC A 1 4  ? 1.668   -21.630 19.124  1.00 170.66 ? 4  DC A "C5'" 1 
ATOM 68  C "C4'" . DC A 1 4  ? 0.584   -20.609 18.870  1.00 174.15 ? 4  DC A "C4'" 1 
ATOM 69  O "O4'" . DC A 1 4  ? 0.859   -19.423 19.651  1.00 178.27 ? 4  DC A "O4'" 1 
ATOM 70  C "C3'" . DC A 1 4  ? 0.461   -20.131 17.423  1.00 170.58 ? 4  DC A "C3'" 1 
ATOM 71  O "O3'" . DC A 1 4  ? -0.889  -19.833 17.066  1.00 171.36 ? 4  DC A "O3'" 1 
ATOM 72  C "C2'" . DC A 1 4  ? 1.264   -18.848 17.423  1.00 167.54 ? 4  DC A "C2'" 1 
ATOM 73  C "C1'" . DC A 1 4  ? 0.895   -18.298 18.790  1.00 163.84 ? 4  DC A "C1'" 1 
ATOM 74  N N1    . DC A 1 4  ? 1.814   -17.310 19.378  1.00 154.94 ? 4  DC A N1    1 
ATOM 75  C C2    . DC A 1 4  ? 1.275   -16.300 20.190  1.00 153.58 ? 4  DC A C2    1 
ATOM 76  O O2    . DC A 1 4  ? 0.048   -16.272 20.379  1.00 141.76 ? 4  DC A O2    1 
ATOM 77  N N3    . DC A 1 4  ? 2.106   -15.379 20.739  1.00 148.06 ? 4  DC A N3    1 
ATOM 78  C C4    . DC A 1 4  ? 3.421   -15.444 20.506  1.00 148.41 ? 4  DC A C4    1 
ATOM 79  N N4    . DC A 1 4  ? 4.203   -14.518 21.066  1.00 151.76 ? 4  DC A N4    1 
ATOM 80  C C5    . DC A 1 4  ? 3.995   -16.471 19.699  1.00 140.00 ? 4  DC A C5    1 
ATOM 81  C C6    . DC A 1 4  ? 3.165   -17.377 19.166  1.00 138.52 ? 4  DC A C6    1 
ATOM 82  P P     . DA A 1 5  ? -1.381  -20.167 15.592  1.00 191.32 ? 5  DA A P     1 
ATOM 83  O OP1   . DA A 1 5  ? -1.997  -21.527 15.597  1.00 184.87 ? 5  DA A OP1   1 
ATOM 84  O OP2   . DA A 1 5  ? -0.255  -19.864 14.673  1.00 185.57 ? 5  DA A OP2   1 
ATOM 85  O "O5'" . DA A 1 5  ? -2.546  -19.116 15.339  1.00 174.74 ? 5  DA A "O5'" 1 
ATOM 86  C "C5'" . DA A 1 5  ? -3.738  -19.123 16.134  1.00 153.23 ? 5  DA A "C5'" 1 
ATOM 87  C "C4'" . DA A 1 5  ? -3.985  -17.724 16.642  1.00 149.68 ? 5  DA A "C4'" 1 
ATOM 88  O "O4'" . DA A 1 5  ? -2.738  -17.165 17.119  1.00 135.24 ? 5  DA A "O4'" 1 
ATOM 89  C "C3'" . DA A 1 5  ? -4.508  -16.749 15.583  1.00 146.49 ? 5  DA A "C3'" 1 
ATOM 90  O "O3'" . DA A 1 5  ? -5.635  -16.041 16.096  1.00 166.02 ? 5  DA A "O3'" 1 
ATOM 91  C "C2'" . DA A 1 5  ? -3.368  -15.770 15.384  1.00 132.19 ? 5  DA A "C2'" 1 
ATOM 92  C "C1'" . DA A 1 5  ? -2.689  -15.810 16.730  1.00 126.50 ? 5  DA A "C1'" 1 
ATOM 93  N N9    . DA A 1 5  ? -1.291  -15.417 16.703  1.00 122.22 ? 5  DA A N9    1 
ATOM 94  C C8    . DA A 1 5  ? -0.252  -16.090 16.109  1.00 116.35 ? 5  DA A C8    1 
ATOM 95  N N7    . DA A 1 5  ? 0.911   -15.500 16.252  1.00 112.41 ? 5  DA A N7    1 
ATOM 96  C C5    . DA A 1 5  ? 0.619   -14.363 16.994  1.00 133.60 ? 5  DA A C5    1 
ATOM 97  C C6    . DA A 1 5  ? 1.427   -13.316 17.486  1.00 130.80 ? 5  DA A C6    1 
ATOM 98  N N6    . DA A 1 5  ? 2.747   -13.240 17.289  1.00 106.17 ? 5  DA A N6    1 
ATOM 99  N N1    . DA A 1 5  ? 0.822   -12.341 18.204  1.00 149.34 ? 5  DA A N1    1 
ATOM 100 C C2    . DA A 1 5  ? -0.504  -12.422 18.410  1.00 153.24 ? 5  DA A C2    1 
ATOM 101 N N3    . DA A 1 5  ? -1.369  -13.348 17.989  1.00 141.61 ? 5  DA A N3    1 
ATOM 102 C C4    . DA A 1 5  ? -0.735  -14.303 17.284  1.00 138.44 ? 5  DA A C4    1 
ATOM 103 P P     . DG A 1 6  ? -6.856  -15.676 15.144  1.00 184.23 ? 6  DG A P     1 
ATOM 104 O OP1   . DG A 1 6  ? -7.977  -15.214 16.000  1.00 201.72 ? 6  DG A OP1   1 
ATOM 105 O OP2   . DG A 1 6  ? -7.075  -16.821 14.209  1.00 174.67 ? 6  DG A OP2   1 
ATOM 106 O "O5'" . DG A 1 6  ? -6.309  -14.406 14.356  1.00 171.13 ? 6  DG A "O5'" 1 
ATOM 107 C "C5'" . DG A 1 6  ? -6.881  -13.096 14.536  1.00 148.03 ? 6  DG A "C5'" 1 
ATOM 108 C "C4'" . DG A 1 6  ? -6.007  -12.267 15.449  1.00 142.66 ? 6  DG A "C4'" 1 
ATOM 109 O "O4'" . DG A 1 6  ? -4.648  -12.754 15.433  1.00 131.73 ? 6  DG A "O4'" 1 
ATOM 110 C "C3'" . DG A 1 6  ? -5.917  -10.797 15.042  1.00 148.15 ? 6  DG A "C3'" 1 
ATOM 111 O "O3'" . DG A 1 6  ? -6.802  -9.984  15.806  1.00 169.60 ? 6  DG A "O3'" 1 
ATOM 112 C "C2'" . DG A 1 6  ? -4.472  -10.411 15.302  1.00 131.74 ? 6  DG A "C2'" 1 
ATOM 113 C "C1'" . DG A 1 6  ? -3.805  -11.679 15.802  1.00 134.41 ? 6  DG A "C1'" 1 
ATOM 114 N N9    . DG A 1 6  ? -2.485  -11.894 15.218  1.00 132.77 ? 6  DG A N9    1 
ATOM 115 C C8    . DG A 1 6  ? -2.104  -12.815 14.268  1.00 127.62 ? 6  DG A C8    1 
ATOM 116 N N7    . DG A 1 6  ? -0.838  -12.735 13.957  1.00 119.77 ? 6  DG A N7    1 
ATOM 117 C C5    . DG A 1 6  ? -0.358  -11.694 14.742  1.00 128.53 ? 6  DG A C5    1 
ATOM 118 C C6    . DG A 1 6  ? 0.949   -11.151 14.847  1.00 129.88 ? 6  DG A C6    1 
ATOM 119 O O6    . DG A 1 6  ? 1.971   -11.478 14.233  1.00 123.87 ? 6  DG A O6    1 
ATOM 120 N N1    . DG A 1 6  ? 0.998   -10.108 15.770  1.00 136.93 ? 6  DG A N1    1 
ATOM 121 C C2    . DG A 1 6  ? -0.074  -9.649  16.501  1.00 146.70 ? 6  DG A C2    1 
ATOM 122 N N2    . DG A 1 6  ? 0.170   -8.632  17.344  1.00 152.63 ? 6  DG A N2    1 
ATOM 123 N N3    . DG A 1 6  ? -1.300  -10.143 16.404  1.00 140.99 ? 6  DG A N3    1 
ATOM 124 C C4    . DG A 1 6  ? -1.366  -11.157 15.514  1.00 134.05 ? 6  DG A C4    1 
ATOM 125 P P     . DA A 1 7  ? -7.448  -8.693  15.140  1.00 188.63 ? 7  DA A P     1 
ATOM 126 O OP1   . DA A 1 7  ? -8.224  -7.984  16.184  1.00 216.88 ? 7  DA A OP1   1 
ATOM 127 O OP2   . DA A 1 7  ? -8.136  -9.120  13.888  1.00 185.90 ? 7  DA A OP2   1 
ATOM 128 O "O5'" . DA A 1 7  ? -6.176  -7.800  14.799  1.00 143.01 ? 7  DA A "O5'" 1 
ATOM 129 C "C5'" . DA A 1 7  ? -6.172  -6.386  15.053  1.00 128.47 ? 7  DA A "C5'" 1 
ATOM 130 C "C4'" . DA A 1 7  ? -4.788  -5.987  15.499  1.00 138.10 ? 7  DA A "C4'" 1 
ATOM 131 O "O4'" . DA A 1 7  ? -3.876  -7.076  15.262  1.00 131.35 ? 7  DA A "O4'" 1 
ATOM 132 C "C3'" . DA A 1 7  ? -4.193  -4.794  14.759  1.00 143.92 ? 7  DA A "C3'" 1 
ATOM 133 O "O3'" . DA A 1 7  ? -4.285  -3.626  15.569  1.00 164.81 ? 7  DA A "O3'" 1 
ATOM 134 C "C2'" . DA A 1 7  ? -2.730  -5.148  14.566  1.00 130.89 ? 7  DA A "C2'" 1 
ATOM 135 C "C1'" . DA A 1 7  ? -2.573  -6.531  15.154  1.00 134.01 ? 7  DA A "C1'" 1 
ATOM 136 N N9    . DA A 1 7  ? -1.785  -7.423  14.311  1.00 139.69 ? 7  DA A N9    1 
ATOM 137 C C8    . DA A 1 7  ? -2.224  -8.492  13.569  1.00 128.59 ? 7  DA A C8    1 
ATOM 138 N N7    . DA A 1 7  ? -1.270  -9.110  12.916  1.00 120.99 ? 7  DA A N7    1 
ATOM 139 C C5    . DA A 1 7  ? -0.124  -8.398  13.247  1.00 142.62 ? 7  DA A C5    1 
ATOM 140 C C6    . DA A 1 7  ? 1.229   -8.555  12.882  1.00 137.43 ? 7  DA A C6    1 
ATOM 141 N N6    . DA A 1 7  ? 1.666   -9.517  12.068  1.00 137.74 ? 7  DA A N6    1 
ATOM 142 N N1    . DA A 1 7  ? 2.126   -7.676  13.388  1.00 129.33 ? 7  DA A N1    1 
ATOM 143 C C2    . DA A 1 7  ? 1.683   -6.712  14.210  1.00 142.37 ? 7  DA A C2    1 
ATOM 144 N N3    . DA A 1 7  ? 0.436   -6.460  14.624  1.00 146.01 ? 7  DA A N3    1 
ATOM 145 C C4    . DA A 1 7  ? -0.428  -7.351  14.100  1.00 149.21 ? 7  DA A C4    1 
ATOM 146 P P     . DC A 1 8  ? -4.899  -2.297  14.974  1.00 182.87 ? 8  DC A P     1 
ATOM 147 O OP1   . DC A 1 8  ? -5.620  -1.602  16.069  1.00 202.14 ? 8  DC A OP1   1 
ATOM 148 O OP2   . DC A 1 8  ? -5.641  -2.653  13.740  1.00 194.10 ? 8  DC A OP2   1 
ATOM 149 O "O5'" . DC A 1 8  ? -3.603  -1.429  14.635  1.00 167.87 ? 8  DC A "O5'" 1 
ATOM 150 C "C5'" . DC A 1 8  ? -2.701  -1.799  13.577  1.00 146.86 ? 8  DC A "C5'" 1 
ATOM 151 C "C4'" . DC A 1 8  ? -1.277  -1.445  13.945  1.00 144.51 ? 8  DC A "C4'" 1 
ATOM 152 O "O4'" . DC A 1 8  ? -0.433  -2.617  13.940  1.00 135.63 ? 8  DC A "O4'" 1 
ATOM 153 C "C3'" . DC A 1 8  ? -0.597  -0.475  12.990  1.00 137.85 ? 8  DC A "C3'" 1 
ATOM 154 O "O3'" . DC A 1 8  ? 0.437   0.197   13.682  1.00 152.92 ? 8  DC A "O3'" 1 
ATOM 155 C "C2'" . DC A 1 8  ? 0.044   -1.395  11.976  1.00 127.36 ? 8  DC A "C2'" 1 
ATOM 156 C "C1'" . DC A 1 8  ? 0.481   -2.561  12.843  1.00 135.78 ? 8  DC A "C1'" 1 
ATOM 157 N N1    . DC A 1 8  ? 0.391   -3.842  12.127  1.00 150.44 ? 8  DC A N1    1 
ATOM 158 C C2    . DC A 1 8  ? 1.554   -4.431  11.608  1.00 148.56 ? 8  DC A C2    1 
ATOM 159 O O2    . DC A 1 8  ? 2.646   -3.862  11.779  1.00 131.95 ? 8  DC A O2    1 
ATOM 160 N N3    . DC A 1 8  ? 1.454   -5.603  10.931  1.00 130.96 ? 8  DC A N3    1 
ATOM 161 C C4    . DC A 1 8  ? 0.255   -6.170  10.751  1.00 130.80 ? 8  DC A C4    1 
ATOM 162 N N4    . DC A 1 8  ? 0.197   -7.323  10.082  1.00 131.40 ? 8  DC A N4    1 
ATOM 163 C C5    . DC A 1 8  ? -0.939  -5.590  11.269  1.00 124.01 ? 8  DC A C5    1 
ATOM 164 C C6    . DC A 1 8  ? -0.827  -4.437  11.940  1.00 131.63 ? 8  DC A C6    1 
ATOM 165 P P     . DT A 1 9  ? 1.285   1.263   12.916  1.00 186.69 ? 9  DT A P     1 
ATOM 166 O OP1   . DT A 1 9  ? 1.813   2.239   13.907  1.00 208.95 ? 9  DT A OP1   1 
ATOM 167 O OP2   . DT A 1 9  ? 0.479   1.747   11.770  1.00 193.27 ? 9  DT A OP2   1 
ATOM 168 O "O5'" . DT A 1 9  ? 2.486   0.405   12.325  1.00 151.85 ? 9  DT A "O5'" 1 
ATOM 169 C "C5'" . DT A 1 9  ? 3.464   1.111   11.558  1.00 143.15 ? 9  DT A "C5'" 1 
ATOM 170 C "C4'" . DT A 1 9  ? 4.588   0.197   11.144  1.00 130.05 ? 9  DT A "C4'" 1 
ATOM 171 O "O4'" . DT A 1 9  ? 4.047   -1.102  10.803  1.00 126.23 ? 9  DT A "O4'" 1 
ATOM 172 C "C3'" . DT A 1 9  ? 5.335   0.696   9.906   1.00 121.96 ? 9  DT A "C3'" 1 
ATOM 173 O "O3'" . DT A 1 9  ? 6.743   0.659   10.102  1.00 123.31 ? 9  DT A "O3'" 1 
ATOM 174 C "C2'" . DT A 1 9  ? 4.872   -0.242  8.806   1.00 126.03 ? 9  DT A "C2'" 1 
ATOM 175 C "C1'" . DT A 1 9  ? 4.609   -1.518  9.567   1.00 129.25 ? 9  DT A "C1'" 1 
ATOM 176 N N1    . DT A 1 9  ? 3.651   -2.441  8.913   1.00 137.27 ? 9  DT A N1    1 
ATOM 177 C C2    . DT A 1 9  ? 4.139   -3.450  8.104   1.00 117.80 ? 9  DT A C2    1 
ATOM 178 O O2    . DT A 1 9  ? 5.327   -3.615  7.888   1.00 104.22 ? 9  DT A O2    1 
ATOM 179 N N3    . DT A 1 9  ? 3.174   -4.261  7.551   1.00 101.35 ? 9  DT A N3    1 
ATOM 180 C C4    . DT A 1 9  ? 1.804   -4.160  7.718   1.00 104.79 ? 9  DT A C4    1 
ATOM 181 O O4    . DT A 1 9  ? 1.058   -4.964  7.168   1.00 78.51  ? 9  DT A O4    1 
ATOM 182 C C5    . DT A 1 9  ? 1.365   -3.071  8.568   1.00 126.64 ? 9  DT A C5    1 
ATOM 183 C C7    . DT A 1 9  ? -0.100  -2.871  8.790   1.00 134.62 ? 9  DT A C7    1 
ATOM 184 C C6    . DT A 1 9  ? 2.296   -2.280  9.116   1.00 132.53 ? 9  DT A C6    1 
ATOM 185 P P     . DT A 1 10 ? 7.714   1.448   9.098   1.00 154.97 ? 10 DT A P     1 
ATOM 186 O OP1   . DT A 1 10 ? 8.425   2.501   9.873   1.00 166.28 ? 10 DT A OP1   1 
ATOM 187 O OP2   . DT A 1 10 ? 6.933   1.836   7.898   1.00 161.46 ? 10 DT A OP2   1 
ATOM 188 O "O5'" . DT A 1 10 ? 8.768   0.339   8.643   1.00 152.09 ? 10 DT A "O5'" 1 
ATOM 189 C "C5'" . DT A 1 10 ? 8.379   -1.024  8.354   1.00 151.06 ? 10 DT A "C5'" 1 
ATOM 190 C "C4'" . DT A 1 10 ? 8.562   -1.357  6.889   1.00 153.22 ? 10 DT A "C4'" 1 
ATOM 191 O "O4'" . DT A 1 10 ? 7.491   -2.222  6.439   1.00 146.64 ? 10 DT A "O4'" 1 
ATOM 192 C "C3'" . DT A 1 10 ? 8.574   -0.174  5.917   1.00 156.40 ? 10 DT A "C3'" 1 
ATOM 193 O "O3'" . DT A 1 10 ? 9.675   -0.275  5.021   1.00 165.90 ? 10 DT A "O3'" 1 
ATOM 194 C "C2'" . DT A 1 10 ? 7.264   -0.310  5.166   1.00 146.08 ? 10 DT A "C2'" 1 
ATOM 195 C "C1'" . DT A 1 10 ? 7.099   -1.814  5.146   1.00 132.26 ? 10 DT A "C1'" 1 
ATOM 196 N N1    . DT A 1 10 ? 5.739   -2.343  4.892   1.00 123.90 ? 10 DT A N1    1 
ATOM 197 C C2    . DT A 1 10 ? 5.623   -3.565  4.258   1.00 108.39 ? 10 DT A C2    1 
ATOM 198 O O2    . DT A 1 10 ? 6.584   -4.217  3.878   1.00 87.45  ? 10 DT A O2    1 
ATOM 199 N N3    . DT A 1 10 ? 4.330   -3.992  4.076   1.00 98.11  ? 10 DT A N3    1 
ATOM 200 C C4    . DT A 1 10 ? 3.173   -3.334  4.444   1.00 103.66 ? 10 DT A C4    1 
ATOM 201 O O4    . DT A 1 10 ? 2.084   -3.833  4.198   1.00 102.51 ? 10 DT A O4    1 
ATOM 202 C C5    . DT A 1 10 ? 3.367   -2.065  5.105   1.00 117.52 ? 10 DT A C5    1 
ATOM 203 C C7    . DT A 1 10 ? 2.167   -1.286  5.542   1.00 116.76 ? 10 DT A C7    1 
ATOM 204 C C6    . DT A 1 10 ? 4.623   -1.641  5.300   1.00 120.97 ? 10 DT A C6    1 
ATOM 205 P P     . DG A 1 11 ? 10.280  1.055   4.411   1.00 186.22 ? 11 DG A P     1 
ATOM 206 O OP1   . DG A 1 11 ? 10.971  1.768   5.519   1.00 185.69 ? 11 DG A OP1   1 
ATOM 207 O OP2   . DG A 1 11 ? 9.189   1.744   3.659   1.00 167.64 ? 11 DG A OP2   1 
ATOM 208 O "O5'" . DG A 1 11 ? 11.376  0.534   3.375   1.00 168.27 ? 11 DG A "O5'" 1 
ATOM 209 C "C5'" . DG A 1 11 ? 11.368  -0.805  2.835   1.00 166.22 ? 11 DG A "C5'" 1 
ATOM 210 C "C4'" . DG A 1 11 ? 10.628  -0.903  1.514   1.00 165.54 ? 11 DG A "C4'" 1 
ATOM 211 O "O4'" . DG A 1 11 ? 9.247   -1.289  1.689   1.00 164.85 ? 11 DG A "O4'" 1 
ATOM 212 C "C3'" . DG A 1 11 ? 10.599  0.326   0.600   1.00 148.57 ? 11 DG A "C3'" 1 
ATOM 213 O "O3'" . DG A 1 11 ? 11.227  -0.133  -0.591  1.00 145.41 ? 11 DG A "O3'" 1 
ATOM 214 C "C2'" . DG A 1 11 ? 9.115   0.614   0.401   1.00 127.29 ? 11 DG A "C2'" 1 
ATOM 215 C "C1'" . DG A 1 11 ? 8.523   -0.762  0.598   1.00 127.98 ? 11 DG A "C1'" 1 
ATOM 216 N N9    . DG A 1 11 ? 7.107   -0.859  0.932   1.00 116.60 ? 11 DG A N9    1 
ATOM 217 C C8    . DG A 1 11 ? 6.380   -0.025  1.748   1.00 116.19 ? 11 DG A C8    1 
ATOM 218 N N7    . DG A 1 11 ? 5.140   -0.407  1.896   1.00 106.01 ? 11 DG A N7    1 
ATOM 219 C C5    . DG A 1 11 ? 5.050   -1.577  1.157   1.00 103.58 ? 11 DG A C5    1 
ATOM 220 C C6    . DG A 1 11 ? 3.951   -2.451  0.948   1.00 98.63  ? 11 DG A C6    1 
ATOM 221 O O6    . DG A 1 11 ? 2.801   -2.363  1.390   1.00 86.91  ? 11 DG A O6    1 
ATOM 222 N N1    . DG A 1 11 ? 4.296   -3.519  0.127   1.00 98.58  ? 11 DG A N1    1 
ATOM 223 C C2    . DG A 1 11 ? 5.540   -3.725  -0.421  1.00 110.68 ? 11 DG A C2    1 
ATOM 224 N N2    . DG A 1 11 ? 5.678   -4.816  -1.186  1.00 128.97 ? 11 DG A N2    1 
ATOM 225 N N3    . DG A 1 11 ? 6.576   -2.925  -0.223  1.00 101.37 ? 11 DG A N3    1 
ATOM 226 C C4    . DG A 1 11 ? 6.263   -1.882  0.574   1.00 107.35 ? 11 DG A C4    1 
ATOM 227 P P     . DA A 1 12 ? 11.551  0.862   -1.753  1.00 166.70 ? 12 DA A P     1 
ATOM 228 O OP1   . DA A 1 12 ? 13.019  0.808   -1.993  1.00 158.10 ? 12 DA A OP1   1 
ATOM 229 O OP2   . DA A 1 12 ? 10.880  2.161   -1.451  1.00 151.26 ? 12 DA A OP2   1 
ATOM 230 O "O5'" . DA A 1 12 ? 10.828  0.168   -2.987  1.00 152.97 ? 12 DA A "O5'" 1 
ATOM 231 C "C5'" . DA A 1 12 ? 11.191  -1.163  -3.377  1.00 133.88 ? 12 DA A "C5'" 1 
ATOM 232 C "C4'" . DA A 1 12 ? 10.025  -1.805  -4.088  1.00 125.66 ? 12 DA A "C4'" 1 
ATOM 233 O "O4'" . DA A 1 12 ? 8.850   -1.774  -3.248  1.00 119.30 ? 12 DA A "O4'" 1 
ATOM 234 C "C3'" . DA A 1 12 ? 9.630   -1.112  -5.390  1.00 119.28 ? 12 DA A "C3'" 1 
ATOM 235 O "O3'" . DA A 1 12 ? 9.612   -2.090  -6.430  1.00 129.94 ? 12 DA A "O3'" 1 
ATOM 236 C "C2'" . DA A 1 12 ? 8.252   -0.540  -5.108  1.00 106.67 ? 12 DA A "C2'" 1 
ATOM 237 C "C1'" . DA A 1 12 ? 7.726   -1.479  -4.050  1.00 104.42 ? 12 DA A "C1'" 1 
ATOM 238 N N9    . DA A 1 12 ? 6.708   -0.900  -3.178  1.00 106.79 ? 12 DA A N9    1 
ATOM 239 C C8    . DA A 1 12 ? 6.878   0.123   -2.274  1.00 111.82 ? 12 DA A C8    1 
ATOM 240 N N7    . DA A 1 12 ? 5.787   0.437   -1.616  1.00 96.46  ? 12 DA A N7    1 
ATOM 241 C C5    . DA A 1 12 ? 4.840   -0.454  -2.103  1.00 99.76  ? 12 DA A C5    1 
ATOM 242 C C6    . DA A 1 12 ? 3.480   -0.637  -1.806  1.00 98.26  ? 12 DA A C6    1 
ATOM 243 N N6    . DA A 1 12 ? 2.821   0.094   -0.906  1.00 98.72  ? 12 DA A N6    1 
ATOM 244 N N1    . DA A 1 12 ? 2.812   -1.605  -2.476  1.00 94.66  ? 12 DA A N1    1 
ATOM 245 C C2    . DA A 1 12 ? 3.485   -2.341  -3.375  1.00 97.08  ? 12 DA A C2    1 
ATOM 246 N N3    . DA A 1 12 ? 4.764   -2.253  -3.751  1.00 92.60  ? 12 DA A N3    1 
ATOM 247 C C4    . DA A 1 12 ? 5.395   -1.285  -3.062  1.00 98.44  ? 12 DA A C4    1 
ATOM 248 P P     . DC A 1 13 ? 9.534   -1.632  -7.951  1.00 139.72 ? 13 DC A P     1 
ATOM 249 O OP1   . DC A 1 13 ? 10.069  -2.740  -8.800  1.00 133.99 ? 13 DC A OP1   1 
ATOM 250 O OP2   . DC A 1 13 ? 10.118  -0.270  -8.061  1.00 150.12 ? 13 DC A OP2   1 
ATOM 251 O "O5'" . DC A 1 13 ? 7.966   -1.497  -8.172  1.00 115.20 ? 13 DC A "O5'" 1 
ATOM 252 C "C5'" . DC A 1 13 ? 7.226   -2.662  -8.529  1.00 119.57 ? 13 DC A "C5'" 1 
ATOM 253 C "C4'" . DC A 1 13 ? 5.788   -2.557  -8.081  1.00 116.52 ? 13 DC A "C4'" 1 
ATOM 254 O "O4'" . DC A 1 13 ? 5.602   -1.699  -6.935  1.00 100.63 ? 13 DC A "O4'" 1 
ATOM 255 C "C3'" . DC A 1 13 ? 4.844   -1.990  -9.132  1.00 108.45 ? 13 DC A "C3'" 1 
ATOM 256 O "O3'" . DC A 1 13 ? 4.214   -3.010  -9.886  1.00 101.83 ? 13 DC A "O3'" 1 
ATOM 257 C "C2'" . DC A 1 13 ? 3.805   -1.228  -8.330  1.00 97.79  ? 13 DC A "C2'" 1 
ATOM 258 C "C1'" . DC A 1 13 ? 4.196   -1.523  -6.901  1.00 94.24  ? 13 DC A "C1'" 1 
ATOM 259 N N1    . DC A 1 13 ? 3.885   -0.475  -5.937  1.00 78.78  ? 13 DC A N1    1 
ATOM 260 C C2    . DC A 1 13 ? 2.590   -0.379  -5.400  1.00 87.10  ? 13 DC A C2    1 
ATOM 261 O O2    . DC A 1 13 ? 1.727   -1.192  -5.754  1.00 103.35 ? 13 DC A O2    1 
ATOM 262 N N3    . DC A 1 13 ? 2.322   0.584   -4.495  1.00 79.28  ? 13 DC A N3    1 
ATOM 263 C C4    . DC A 1 13 ? 3.281   1.433   -4.128  1.00 88.74  ? 13 DC A C4    1 
ATOM 264 N N4    . DC A 1 13 ? 2.981   2.363   -3.225  1.00 108.45 ? 13 DC A N4    1 
ATOM 265 C C5    . DC A 1 13 ? 4.598   1.361   -4.664  1.00 88.92  ? 13 DC A C5    1 
ATOM 266 C C6    . DC A 1 13 ? 4.855   0.399   -5.551  1.00 77.00  ? 13 DC A C6    1 
ATOM 267 P P     . DA A 1 14 ? 3.922   -2.704  -11.378 1.00 125.68 ? 14 DA A P     1 
ATOM 268 O OP1   . DA A 1 14 ? 4.306   -3.905  -12.166 1.00 140.59 ? 14 DA A OP1   1 
ATOM 269 O OP2   . DA A 1 14 ? 4.482   -1.369  -11.691 1.00 120.98 ? 14 DA A OP2   1 
ATOM 270 O "O5'" . DA A 1 14 ? 2.370   -2.405  -11.389 1.00 105.91 ? 14 DA A "O5'" 1 
ATOM 271 C "C5'" . DA A 1 14 ? 1.451   -3.481  -11.286 1.00 113.82 ? 14 DA A "C5'" 1 
ATOM 272 C "C4'" . DA A 1 14 ? 0.169   -2.909  -10.749 1.00 117.28 ? 14 DA A "C4'" 1 
ATOM 273 O "O4'" . DA A 1 14 ? 0.504   -2.062  -9.637  1.00 121.96 ? 14 DA A "O4'" 1 
ATOM 274 C "C3'" . DA A 1 14 ? -0.558  -2.012  -11.746 1.00 114.16 ? 14 DA A "C3'" 1 
ATOM 275 O "O3'" . DA A 1 14 ? -1.686  -2.745  -12.195 1.00 118.35 ? 14 DA A "O3'" 1 
ATOM 276 C "C2'" . DA A 1 14 ? -0.869  -0.743  -10.962 1.00 116.37 ? 14 DA A "C2'" 1 
ATOM 277 C "C1'" . DA A 1 14 ? -0.467  -1.049  -9.545  1.00 110.52 ? 14 DA A "C1'" 1 
ATOM 278 N N9    . DA A 1 14 ? 0.144   0.075   -8.850  1.00 106.95 ? 14 DA A N9    1 
ATOM 279 C C8    . DA A 1 14 ? 1.422   0.544   -9.005  1.00 101.66 ? 14 DA A C8    1 
ATOM 280 N N7    . DA A 1 14 ? 1.715   1.547   -8.215  1.00 108.42 ? 14 DA A N7    1 
ATOM 281 C C5    . DA A 1 14 ? 0.543   1.770   -7.510  1.00 94.96  ? 14 DA A C5    1 
ATOM 282 C C6    . DA A 1 14 ? 0.201   2.698   -6.515  1.00 83.83  ? 14 DA A C6    1 
ATOM 283 N N6    . DA A 1 14 ? 1.038   3.624   -6.056  1.00 77.75  ? 14 DA A N6    1 
ATOM 284 N N1    . DA A 1 14 ? -1.048  2.648   -6.010  1.00 97.94  ? 14 DA A N1    1 
ATOM 285 C C2    . DA A 1 14 ? -1.889  1.716   -6.476  1.00 121.68 ? 14 DA A C2    1 
ATOM 286 N N3    . DA A 1 14 ? -1.682  0.784   -7.406  1.00 125.76 ? 14 DA A N3    1 
ATOM 287 C C4    . DA A 1 14 ? -0.431  0.865   -7.886  1.00 107.35 ? 14 DA A C4    1 
ATOM 288 P P     . DG A 1 15 ? -3.038  -2.000  -12.515 1.00 135.26 ? 15 DG A P     1 
ATOM 289 O OP1   . DG A 1 15 ? -3.862  -2.906  -13.361 1.00 147.35 ? 15 DG A OP1   1 
ATOM 290 O OP2   . DG A 1 15 ? -2.717  -0.614  -12.961 1.00 96.95  ? 15 DG A OP2   1 
ATOM 291 O "O5'" . DG A 1 15 ? -3.760  -1.942  -11.104 1.00 138.73 ? 15 DG A "O5'" 1 
ATOM 292 C "C5'" . DG A 1 15 ? -5.194  -2.033  -11.026 1.00 155.09 ? 15 DG A "C5'" 1 
ATOM 293 C "C4'" . DG A 1 15 ? -5.802  -0.653  -11.097 1.00 148.22 ? 15 DG A "C4'" 1 
ATOM 294 O "O4'" . DG A 1 15 ? -5.004  0.256   -10.307 1.00 141.38 ? 15 DG A "O4'" 1 
ATOM 295 C "C3'" . DG A 1 15 ? -5.889  -0.052  -12.503 1.00 135.66 ? 15 DG A "C3'" 1 
ATOM 296 O "O3'" . DG A 1 15 ? -7.266  -0.124  -12.906 1.00 141.55 ? 15 DG A "O3'" 1 
ATOM 297 C "C2'" . DG A 1 15 ? -5.166  1.287   -12.390 1.00 135.88 ? 15 DG A "C2'" 1 
ATOM 298 C "C1'" . DG A 1 15 ? -5.066  1.531   -10.887 1.00 130.49 ? 15 DG A "C1'" 1 
ATOM 299 N N9    . DG A 1 15 ? -3.906  2.280   -10.417 1.00 116.43 ? 15 DG A N9    1 
ATOM 300 C C8    . DG A 1 15 ? -2.603  2.161   -10.843 1.00 110.60 ? 15 DG A C8    1 
ATOM 301 N N7    . DG A 1 15 ? -1.785  2.971   -10.225 1.00 97.20  ? 15 DG A N7    1 
ATOM 302 C C5    . DG A 1 15 ? -2.594  3.658   -9.331  1.00 107.33 ? 15 DG A C5    1 
ATOM 303 C C6    . DG A 1 15 ? -2.268  4.661   -8.386  1.00 100.91 ? 15 DG A C6    1 
ATOM 304 O O6    . DG A 1 15 ? -1.163  5.152   -8.144  1.00 128.01 ? 15 DG A O6    1 
ATOM 305 N N1    . DG A 1 15 ? -3.391  5.095   -7.687  1.00 77.39  ? 15 DG A N1    1 
ATOM 306 C C2    . DG A 1 15 ? -4.664  4.612   -7.866  1.00 79.92  ? 15 DG A C2    1 
ATOM 307 N N2    . DG A 1 15 ? -5.610  5.144   -7.089  1.00 87.30  ? 15 DG A N2    1 
ATOM 308 N N3    . DG A 1 15 ? -4.979  3.657   -8.728  1.00 87.91  ? 15 DG A N3    1 
ATOM 309 C C4    . DG A 1 15 ? -3.904  3.236   -9.429  1.00 108.63 ? 15 DG A C4    1 
ATOM 310 P P     . DC A 1 16 ? -8.287  1.104   -12.701 1.00 144.77 ? 16 DC A P     1 
ATOM 311 O OP1   . DC A 1 16 ? -9.675  0.580   -12.872 1.00 138.64 ? 16 DC A OP1   1 
ATOM 312 O OP2   . DC A 1 16 ? -7.807  2.224   -13.541 1.00 126.39 ? 16 DC A OP2   1 
ATOM 313 O "O5'" . DC A 1 16 ? -8.118  1.514   -11.173 1.00 138.86 ? 16 DC A "O5'" 1 
ATOM 314 C "C5'" . DC A 1 16 ? -9.265  1.696   -10.323 1.00 137.98 ? 16 DC A "C5'" 1 
ATOM 315 C "C4'" . DC A 1 16 ? -9.624  3.161   -10.230 1.00 135.58 ? 16 DC A "C4'" 1 
ATOM 316 O "O4'" . DC A 1 16 ? -8.420  3.937   -10.085 1.00 122.74 ? 16 DC A "O4'" 1 
ATOM 317 C "C3'" . DC A 1 16 ? -10.367 3.768   -11.423 1.00 138.71 ? 16 DC A "C3'" 1 
ATOM 318 O "O3'" . DC A 1 16 ? -11.333 4.691   -10.919 1.00 160.15 ? 16 DC A "O3'" 1 
ATOM 319 C "C2'" . DC A 1 16 ? -9.310  4.598   -12.127 1.00 121.61 ? 16 DC A "C2'" 1 
ATOM 320 C "C1'" . DC A 1 16 ? -8.469  5.044   -10.959 1.00 106.99 ? 16 DC A "C1'" 1 
ATOM 321 N N1    . DC A 1 16 ? -7.090  5.408   -11.257 1.00 103.90 ? 16 DC A N1    1 
ATOM 322 C C2    . DC A 1 16 ? -6.495  6.437   -10.516 1.00 98.91  ? 16 DC A C2    1 
ATOM 323 O O2    . DC A 1 16 ? -7.183  7.056   -9.690  1.00 93.08  ? 16 DC A O2    1 
ATOM 324 N N3    . DC A 1 16 ? -5.195  6.743   -10.735 1.00 85.84  ? 16 DC A N3    1 
ATOM 325 C C4    . DC A 1 16 ? -4.491  6.049   -11.634 1.00 100.19 ? 16 DC A C4    1 
ATOM 326 N N4    . DC A 1 16 ? -3.219  6.390   -11.825 1.00 111.35 ? 16 DC A N4    1 
ATOM 327 C C5    . DC A 1 16 ? -5.064  4.977   -12.381 1.00 105.35 ? 16 DC A C5    1 
ATOM 328 C C6    . DC A 1 16 ? -6.347  4.678   -12.144 1.00 105.33 ? 16 DC A C6    1 
ATOM 329 P P     . DA A 1 17 ? -12.403 5.355   -11.887 1.00 159.94 ? 17 DA A P     1 
ATOM 330 O OP1   . DA A 1 17 ? -13.738 5.187   -11.243 1.00 143.96 ? 17 DA A OP1   1 
ATOM 331 O OP2   . DA A 1 17 ? -12.144 4.886   -13.280 1.00 162.92 ? 17 DA A OP2   1 
ATOM 332 O "O5'" . DA A 1 17 ? -12.040 6.898   -11.839 1.00 122.29 ? 17 DA A "O5'" 1 
ATOM 333 C "C5'" . DA A 1 17 ? -12.668 7.709   -10.844 1.00 114.21 ? 17 DA A "C5'" 1 
ATOM 334 C "C4'" . DA A 1 17 ? -11.829 8.945   -10.658 1.00 121.57 ? 17 DA A "C4'" 1 
ATOM 335 O "O4'" . DA A 1 17 ? -10.449 8.608   -10.902 1.00 116.05 ? 17 DA A "O4'" 1 
ATOM 336 C "C3'" . DA A 1 17 ? -12.164 10.079  -11.622 1.00 123.08 ? 17 DA A "C3'" 1 
ATOM 337 O "O3'" . DA A 1 17 ? -12.529 11.198  -10.817 1.00 131.79 ? 17 DA A "O3'" 1 
ATOM 338 C "C2'" . DA A 1 17 ? -10.899 10.265  -12.448 1.00 111.88 ? 17 DA A "C2'" 1 
ATOM 339 C "C1'" . DA A 1 17 ? -9.831  9.676   -11.567 1.00 103.49 ? 17 DA A "C1'" 1 
ATOM 340 N N9    . DA A 1 17 ? -8.688  9.127   -12.276 1.00 106.19 ? 17 DA A N9    1 
ATOM 341 C C8    . DA A 1 17 ? -8.633  8.030   -13.104 1.00 103.68 ? 17 DA A C8    1 
ATOM 342 N N7    . DA A 1 17 ? -7.430  7.775   -13.562 1.00 98.29  ? 17 DA A N7    1 
ATOM 343 C C5    . DA A 1 17 ? -6.633  8.737   -12.954 1.00 104.56 ? 17 DA A C5    1 
ATOM 344 C C6    . DA A 1 17 ? -5.252  9.003   -13.019 1.00 108.22 ? 17 DA A C6    1 
ATOM 345 N N6    . DA A 1 17 ? -4.398  8.296   -13.760 1.00 113.24 ? 17 DA A N6    1 
ATOM 346 N N1    . DA A 1 17 ? -4.778  10.050  -12.306 1.00 108.15 ? 17 DA A N1    1 
ATOM 347 C C2    . DA A 1 17 ? -5.641  10.769  -11.572 1.00 109.32 ? 17 DA A C2    1 
ATOM 348 N N3    . DA A 1 17 ? -6.959  10.620  -11.434 1.00 100.41 ? 17 DA A N3    1 
ATOM 349 C C4    . DA A 1 17 ? -7.395  9.571   -12.155 1.00 104.73 ? 17 DA A C4    1 
ATOM 350 P P     . DC A 1 18 ? -13.087 12.507  -11.498 1.00 129.94 ? 18 DC A P     1 
ATOM 351 O OP1   . DC A 1 18 ? -13.807 13.292  -10.453 1.00 119.99 ? 18 DC A OP1   1 
ATOM 352 O OP2   . DC A 1 18 ? -13.785 12.099  -12.729 1.00 166.14 ? 18 DC A OP2   1 
ATOM 353 O "O5'" . DC A 1 18 ? -11.758 13.262  -11.923 1.00 103.44 ? 18 DC A "O5'" 1 
ATOM 354 C "C5'" . DC A 1 18 ? -10.835 13.487  -10.873 1.00 121.35 ? 18 DC A "C5'" 1 
ATOM 355 C "C4'" . DC A 1 18 ? -9.709  14.373  -11.329 1.00 124.81 ? 18 DC A "C4'" 1 
ATOM 356 O "O4'" . DC A 1 18 ? -8.649  13.515  -11.789 1.00 116.38 ? 18 DC A "O4'" 1 
ATOM 357 C "C3'" . DC A 1 18 ? -10.041 15.308  -12.484 1.00 117.85 ? 18 DC A "C3'" 1 
ATOM 358 O "O3'" . DC A 1 18 ? -9.462  16.594  -12.295 1.00 132.66 ? 18 DC A "O3'" 1 
ATOM 359 C "C2'" . DC A 1 18 ? -9.320  14.679  -13.648 1.00 118.32 ? 18 DC A "C2'" 1 
ATOM 360 C "C1'" . DC A 1 18 ? -8.129  14.061  -12.954 1.00 101.31 ? 18 DC A "C1'" 1 
ATOM 361 N N1    . DC A 1 18 ? -7.498  12.973  -13.682 1.00 100.22 ? 18 DC A N1    1 
ATOM 362 C C2    . DC A 1 18 ? -6.108  12.964  -13.791 1.00 97.72  ? 18 DC A C2    1 
ATOM 363 O O2    . DC A 1 18 ? -5.463  13.880  -13.259 1.00 87.05  ? 18 DC A O2    1 
ATOM 364 N N3    . DC A 1 18 ? -5.503  11.965  -14.477 1.00 95.79  ? 18 DC A N3    1 
ATOM 365 C C4    . DC A 1 18 ? -6.243  11.012  -15.052 1.00 104.19 ? 18 DC A C4    1 
ATOM 366 N N4    . DC A 1 18 ? -5.611  10.042  -15.713 1.00 110.03 ? 18 DC A N4    1 
ATOM 367 C C5    . DC A 1 18 ? -7.664  10.993  -14.945 1.00 102.36 ? 18 DC A C5    1 
ATOM 368 C C6    . DC A 1 18 ? -8.242  11.969  -14.238 1.00 96.69  ? 18 DC A C6    1 
ATOM 369 P P     . DT A 1 19 ? -10.216 17.840  -12.896 1.00 158.19 ? 19 DT A P     1 
ATOM 370 O OP1   . DT A 1 19 ? -11.133 18.363  -11.856 1.00 168.40 ? 19 DT A OP1   1 
ATOM 371 O OP2   . DT A 1 19 ? -10.762 17.450  -14.218 1.00 164.11 ? 19 DT A OP2   1 
ATOM 372 O "O5'" . DT A 1 19 ? -9.048  18.887  -13.134 1.00 150.01 ? 19 DT A "O5'" 1 
ATOM 373 C "C5'" . DT A 1 19 ? -8.339  19.430  -12.021 1.00 145.12 ? 19 DT A "C5'" 1 
ATOM 374 C "C4'" . DT A 1 19 ? -6.870  19.444  -12.356 1.00 139.77 ? 19 DT A "C4'" 1 
ATOM 375 O "O4'" . DT A 1 19 ? -6.520  18.196  -12.996 1.00 110.56 ? 19 DT A "O4'" 1 
ATOM 376 C "C3'" . DT A 1 19 ? -6.466  20.549  -13.335 1.00 131.50 ? 19 DT A "C3'" 1 
ATOM 377 O "O3'" . DT A 1 19 ? -5.463  21.393  -12.782 1.00 137.05 ? 19 DT A "O3'" 1 
ATOM 378 C "C2'" . DT A 1 19 ? -5.890  19.805  -14.525 1.00 115.02 ? 19 DT A "C2'" 1 
ATOM 379 C "C1'" . DT A 1 19 ? -5.488  18.500  -13.899 1.00 103.37 ? 19 DT A "C1'" 1 
ATOM 380 N N1    . DT A 1 19 ? -5.406  17.417  -14.854 1.00 100.76 ? 19 DT A N1    1 
ATOM 381 C C2    . DT A 1 19 ? -4.163  17.096  -15.352 1.00 117.96 ? 19 DT A C2    1 
ATOM 382 O O2    . DT A 1 19 ? -3.140  17.668  -15.010 1.00 125.87 ? 19 DT A O2    1 
ATOM 383 N N3    . DT A 1 19 ? -4.159  16.063  -16.259 1.00 117.48 ? 19 DT A N3    1 
ATOM 384 C C4    . DT A 1 19 ? -5.255  15.350  -16.715 1.00 105.26 ? 19 DT A C4    1 
ATOM 385 O O4    . DT A 1 19 ? -5.104  14.447  -17.534 1.00 99.57  ? 19 DT A O4    1 
ATOM 386 C C5    . DT A 1 19 ? -6.525  15.747  -16.158 1.00 97.65  ? 19 DT A C5    1 
ATOM 387 C C7    . DT A 1 19 ? -7.761  15.037  -16.611 1.00 99.67  ? 19 DT A C7    1 
ATOM 388 C C6    . DT A 1 19 ? -6.540  16.746  -15.265 1.00 92.88  ? 19 DT A C6    1 
ATOM 389 P P     . DC A 1 20 ? -5.221  22.812  -13.423 1.00 164.73 ? 20 DC A P     1 
ATOM 390 O OP1   . DC A 1 20 ? -5.627  23.832  -12.422 1.00 174.76 ? 20 DC A OP1   1 
ATOM 391 O OP2   . DC A 1 20 ? -5.840  22.821  -14.772 1.00 189.27 ? 20 DC A OP2   1 
ATOM 392 O "O5'" . DC A 1 20 ? -3.645  22.855  -13.665 1.00 171.23 ? 20 DC A "O5'" 1 
ATOM 393 C "C5'" . DC A 1 20 ? -2.831  21.668  -13.725 1.00 162.74 ? 20 DC A "C5'" 1 
ATOM 394 C "C4'" . DC A 1 20 ? -2.208  21.460  -15.089 1.00 166.09 ? 20 DC A "C4'" 1 
ATOM 395 O "O4'" . DC A 1 20 ? -2.862  20.356  -15.752 1.00 141.21 ? 20 DC A "O4'" 1 
ATOM 396 C "C3'" . DC A 1 20 ? -2.211  22.623  -16.103 1.00 168.88 ? 20 DC A "C3'" 1 
ATOM 397 O "O3'" . DC A 1 20 ? -0.848  23.031  -16.348 1.00 182.26 ? 20 DC A "O3'" 1 
ATOM 398 C "C2'" . DC A 1 20 ? -2.955  22.043  -17.298 1.00 154.84 ? 20 DC A "C2'" 1 
ATOM 399 C "C1'" . DC A 1 20 ? -2.670  20.569  -17.124 1.00 140.77 ? 20 DC A "C1'" 1 
ATOM 400 N N1    . DC A 1 20 ? -3.566  19.669  -17.853 1.00 134.88 ? 20 DC A N1    1 
ATOM 401 C C2    . DC A 1 20 ? -3.031  18.570  -18.552 1.00 127.58 ? 20 DC A C2    1 
ATOM 402 O O2    . DC A 1 20 ? -1.803  18.369  -18.515 1.00 102.50 ? 20 DC A O2    1 
ATOM 403 N N3    . DC A 1 20 ? -3.869  17.752  -19.236 1.00 114.63 ? 20 DC A N3    1 
ATOM 404 C C4    . DC A 1 20 ? -5.185  17.994  -19.234 1.00 122.25 ? 20 DC A C4    1 
ATOM 405 N N4    . DC A 1 20 ? -5.981  17.162  -19.910 1.00 121.42 ? 20 DC A N4    1 
ATOM 406 C C5    . DC A 1 20 ? -5.749  19.103  -18.534 1.00 125.21 ? 20 DC A C5    1 
ATOM 407 C C6    . DC A 1 20 ? -4.913  19.902  -17.861 1.00 121.55 ? 20 DC A C6    1 
ATOM 408 P P     . DA A 1 21 ? -0.328  23.458  -17.815 1.00 188.58 ? 21 DA A P     1 
ATOM 409 O OP1   . DA A 1 21 ? 1.035   24.038  -17.667 1.00 180.20 ? 21 DA A OP1   1 
ATOM 410 O OP2   . DA A 1 21 ? -1.396  24.265  -18.470 1.00 180.90 ? 21 DA A OP2   1 
ATOM 411 O "O5'" . DA A 1 21 ? -0.184  22.057  -18.560 1.00 181.77 ? 21 DA A "O5'" 1 
ATOM 412 C "C5'" . DA A 1 21 ? 1.070   21.352  -18.642 1.00 179.60 ? 21 DA A "C5'" 1 
ATOM 413 C "C4'" . DA A 1 21 ? 1.538   21.305  -20.078 1.00 179.01 ? 21 DA A "C4'" 1 
ATOM 414 O "O4'" . DA A 1 21 ? 0.641   20.477  -20.862 1.00 174.77 ? 21 DA A "O4'" 1 
ATOM 415 C "C3'" . DA A 1 21 ? 1.573   22.660  -20.777 1.00 171.28 ? 21 DA A "C3'" 1 
ATOM 416 O "O3'" . DA A 1 21 ? 2.727   22.713  -21.616 1.00 192.17 ? 21 DA A "O3'" 1 
ATOM 417 C "C2'" . DA A 1 21 ? 0.249   22.707  -21.522 1.00 166.57 ? 21 DA A "C2'" 1 
ATOM 418 C "C1'" . DA A 1 21 ? -0.016  21.245  -21.862 1.00 157.19 ? 21 DA A "C1'" 1 
ATOM 419 N N9    . DA A 1 21 ? -1.420  20.824  -21.898 1.00 142.82 ? 21 DA A N9    1 
ATOM 420 C C8    . DA A 1 21 ? -2.529  21.451  -21.377 1.00 125.70 ? 21 DA A C8    1 
ATOM 421 N N7    . DA A 1 21 ? -3.647  20.794  -21.572 1.00 129.89 ? 21 DA A N7    1 
ATOM 422 C C5    . DA A 1 21 ? -3.249  19.656  -22.265 1.00 147.37 ? 21 DA A C5    1 
ATOM 423 C C6    . DA A 1 21 ? -3.966  18.550  -22.764 1.00 149.11 ? 21 DA A C6    1 
ATOM 424 N N6    . DA A 1 21 ? -5.287  18.407  -22.639 1.00 161.17 ? 21 DA A N6    1 
ATOM 425 N N1    . DA A 1 21 ? -3.271  17.587  -23.410 1.00 141.08 ? 21 DA A N1    1 
ATOM 426 C C2    . DA A 1 21 ? -1.943  17.729  -23.534 1.00 144.14 ? 21 DA A C2    1 
ATOM 427 N N3    . DA A 1 21 ? -1.156  18.719  -23.105 1.00 143.11 ? 21 DA A N3    1 
ATOM 428 C C4    . DA A 1 21 ? -1.881  19.662  -22.473 1.00 148.40 ? 21 DA A C4    1 
ATOM 429 P P     . DT B 2 1  ? -4.682  6.830   2.089   1.00 94.71  ? 1  DT B P     1 
ATOM 430 O OP1   . DT B 2 1  ? -5.821  7.091   3.027   1.00 70.61  ? 1  DT B OP1   1 
ATOM 431 O OP2   . DT B 2 1  ? -3.280  7.156   2.470   1.00 85.67  ? 1  DT B OP2   1 
ATOM 432 O "O5'" . DT B 2 1  ? -4.983  7.524   0.694   1.00 77.39  ? 1  DT B "O5'" 1 
ATOM 433 C "C5'" . DT B 2 1  ? -6.327  7.479   0.207   1.00 94.28  ? 1  DT B "C5'" 1 
ATOM 434 C "C4'" . DT B 2 1  ? -6.451  6.477   -0.918  1.00 99.51  ? 1  DT B "C4'" 1 
ATOM 435 O "O4'" . DT B 2 1  ? -5.492  6.773   -1.945  1.00 96.62  ? 1  DT B "O4'" 1 
ATOM 436 C "C3'" . DT B 2 1  ? -6.166  5.018   -0.602  1.00 87.62  ? 1  DT B "C3'" 1 
ATOM 437 O "O3'" . DT B 2 1  ? -7.251  4.318   -0.017  1.00 92.50  ? 1  DT B "O3'" 1 
ATOM 438 C "C2'" . DT B 2 1  ? -5.966  4.446   -1.984  1.00 77.52  ? 1  DT B "C2'" 1 
ATOM 439 C "C1'" . DT B 2 1  ? -5.331  5.604   -2.734  1.00 76.47  ? 1  DT B "C1'" 1 
ATOM 440 N N1    . DT B 2 1  ? -3.920  5.424   -2.964  1.00 68.82  ? 1  DT B N1    1 
ATOM 441 C C2    . DT B 2 1  ? -3.555  4.374   -3.766  1.00 76.39  ? 1  DT B C2    1 
ATOM 442 O O2    . DT B 2 1  ? -4.361  3.609   -4.263  1.00 103.04 ? 1  DT B O2    1 
ATOM 443 N N3    . DT B 2 1  ? -2.208  4.247   -3.966  1.00 64.53  ? 1  DT B N3    1 
ATOM 444 C C4    . DT B 2 1  ? -1.219  5.053   -3.461  1.00 64.11  ? 1  DT B C4    1 
ATOM 445 O O4    . DT B 2 1  ? -0.053  4.824   -3.740  1.00 77.30  ? 1  DT B O4    1 
ATOM 446 C C5    . DT B 2 1  ? -1.674  6.146   -2.633  1.00 64.67  ? 1  DT B C5    1 
ATOM 447 C C7    . DT B 2 1  ? -0.661  7.053   -2.011  1.00 71.43  ? 1  DT B C7    1 
ATOM 448 C C6    . DT B 2 1  ? -2.986  6.279   -2.431  1.00 60.46  ? 1  DT B C6    1 
ATOM 449 P P     . DG B 2 2  ? -7.006  3.612   1.334   1.00 101.68 ? 2  DG B P     1 
ATOM 450 O OP1   . DG B 2 2  ? -7.912  4.256   2.328   1.00 99.71  ? 2  DG B OP1   1 
ATOM 451 O OP2   . DG B 2 2  ? -5.528  3.585   1.551   1.00 82.98  ? 2  DG B OP2   1 
ATOM 452 O "O5'" . DG B 2 2  ? -7.464  2.099   1.087   1.00 104.65 ? 2  DG B "O5'" 1 
ATOM 453 C "C5'" . DG B 2 2  ? -8.140  1.633   -0.088  1.00 88.46  ? 2  DG B "C5'" 1 
ATOM 454 C "C4'" . DG B 2 2  ? -7.116  1.093   -1.052  1.00 91.04  ? 2  DG B "C4'" 1 
ATOM 455 O "O4'" . DG B 2 2  ? -5.889  1.822   -0.977  1.00 87.28  ? 2  DG B "O4'" 1 
ATOM 456 C "C3'" . DG B 2 2  ? -6.653  -0.330  -0.803  1.00 110.34 ? 2  DG B "C3'" 1 
ATOM 457 O "O3'" . DG B 2 2  ? -7.545  -1.231  -1.433  1.00 139.95 ? 2  DG B "O3'" 1 
ATOM 458 C "C2'" . DG B 2 2  ? -5.273  -0.375  -1.454  1.00 103.62 ? 2  DG B "C2'" 1 
ATOM 459 C "C1'" . DG B 2 2  ? -5.025  1.077   -1.814  1.00 98.89  ? 2  DG B "C1'" 1 
ATOM 460 N N9    . DG B 2 2  ? -3.674  1.597   -1.659  1.00 101.59 ? 2  DG B N9    1 
ATOM 461 C C8    . DG B 2 2  ? -3.291  2.681   -0.906  1.00 100.25 ? 2  DG B C8    1 
ATOM 462 N N7    . DG B 2 2  ? -2.022  2.962   -1.023  1.00 97.91  ? 2  DG B N7    1 
ATOM 463 C C5    . DG B 2 2  ? -1.540  2.012   -1.910  1.00 99.41  ? 2  DG B C5    1 
ATOM 464 C C6    . DG B 2 2  ? -0.229  1.803   -2.400  1.00 106.02 ? 2  DG B C6    1 
ATOM 465 O O6    . DG B 2 2  ? 0.800   2.428   -2.130  1.00 117.17 ? 2  DG B O6    1 
ATOM 466 N N1    . DG B 2 2  ? -0.175  0.729   -3.283  1.00 106.69 ? 2  DG B N1    1 
ATOM 467 C C2    . DG B 2 2  ? -1.248  -0.052  -3.641  1.00 115.54 ? 2  DG B C2    1 
ATOM 468 N N2    . DG B 2 2  ? -0.992  -1.039  -4.512  1.00 118.60 ? 2  DG B N2    1 
ATOM 469 N N3    . DG B 2 2  ? -2.481  0.125   -3.179  1.00 101.30 ? 2  DG B N3    1 
ATOM 470 C C4    . DG B 2 2  ? -2.553  1.177   -2.335  1.00 101.37 ? 2  DG B C4    1 
ATOM 471 P P     . DT B 2 3  ? -7.476  -2.746  -1.022  1.00 147.14 ? 3  DT B P     1 
ATOM 472 O OP1   . DT B 2 3  ? -8.442  -3.495  -1.865  1.00 132.09 ? 3  DT B OP1   1 
ATOM 473 O OP2   . DT B 2 3  ? -7.533  -2.815  0.464   1.00 143.20 ? 3  DT B OP2   1 
ATOM 474 O "O5'" . DT B 2 3  ? -6.002  -3.181  -1.427  1.00 116.01 ? 3  DT B "O5'" 1 
ATOM 475 C "C5'" . DT B 2 3  ? -5.662  -4.559  -1.336  1.00 106.84 ? 3  DT B "C5'" 1 
ATOM 476 C "C4'" . DT B 2 3  ? -5.104  -5.025  -2.653  1.00 101.06 ? 3  DT B "C4'" 1 
ATOM 477 O "O4'" . DT B 2 3  ? -4.081  -4.092  -3.023  1.00 98.05  ? 3  DT B "O4'" 1 
ATOM 478 C "C3'" . DT B 2 3  ? -4.418  -6.380  -2.592  1.00 106.64 ? 3  DT B "C3'" 1 
ATOM 479 O "O3'" . DT B 2 3  ? -4.510  -7.071  -3.824  1.00 111.58 ? 3  DT B "O3'" 1 
ATOM 480 C "C2'" . DT B 2 3  ? -2.977  -6.036  -2.278  1.00 97.92  ? 3  DT B "C2'" 1 
ATOM 481 C "C1'" . DT B 2 3  ? -2.804  -4.707  -2.954  1.00 93.73  ? 3  DT B "C1'" 1 
ATOM 482 N N1    . DT B 2 3  ? -1.917  -3.785  -2.249  1.00 97.20  ? 3  DT B N1    1 
ATOM 483 C C2    . DT B 2 3  ? -0.575  -3.842  -2.547  1.00 99.66  ? 3  DT B C2    1 
ATOM 484 O O2    . DT B 2 3  ? -0.098  -4.667  -3.311  1.00 98.42  ? 3  DT B O2    1 
ATOM 485 N N3    . DT B 2 3  ? 0.195   -2.905  -1.904  1.00 93.72  ? 3  DT B N3    1 
ATOM 486 C C4    . DT B 2 3  ? -0.238  -1.941  -1.017  1.00 93.50  ? 3  DT B C4    1 
ATOM 487 O O4    . DT B 2 3  ? 0.574   -1.177  -0.508  1.00 99.62  ? 3  DT B O4    1 
ATOM 488 C C5    . DT B 2 3  ? -1.664  -1.924  -0.766  1.00 95.47  ? 3  DT B C5    1 
ATOM 489 C C7    . DT B 2 3  ? -2.215  -0.946  0.221   1.00 108.24 ? 3  DT B C7    1 
ATOM 490 C C6    . DT B 2 3  ? -2.424  -2.828  -1.394  1.00 88.81  ? 3  DT B C6    1 
ATOM 491 P P     . DC B 2 4  ? -3.965  -8.531  -3.892  1.00 122.04 ? 4  DC B P     1 
ATOM 492 O OP1   . DC B 2 4  ? -4.609  -9.223  -5.028  1.00 137.26 ? 4  DC B OP1   1 
ATOM 493 O OP2   . DC B 2 4  ? -4.052  -9.125  -2.534  1.00 122.13 ? 4  DC B OP2   1 
ATOM 494 O "O5'" . DC B 2 4  ? -2.441  -8.289  -4.248  1.00 100.12 ? 4  DC B "O5'" 1 
ATOM 495 C "C5'" . DC B 2 4  ? -1.586  -9.432  -4.273  1.00 103.82 ? 4  DC B "C5'" 1 
ATOM 496 C "C4'" . DC B 2 4  ? -0.164  -8.946  -4.249  1.00 92.35  ? 4  DC B "C4'" 1 
ATOM 497 O "O4'" . DC B 2 4  ? -0.124  -7.776  -3.421  1.00 88.83  ? 4  DC B "O4'" 1 
ATOM 498 C "C3'" . DC B 2 4  ? 0.843   -9.921  -3.647  1.00 81.50  ? 4  DC B "C3'" 1 
ATOM 499 O "O3'" . DC B 2 4  ? 1.838   -10.237 -4.588  1.00 78.51  ? 4  DC B "O3'" 1 
ATOM 500 C "C2'" . DC B 2 4  ? 1.523   -9.162  -2.532  1.00 77.36  ? 4  DC B "C2'" 1 
ATOM 501 C "C1'" . DC B 2 4  ? 1.166   -7.738  -2.850  1.00 91.56  ? 4  DC B "C1'" 1 
ATOM 502 N N1    . DC B 2 4  ? 1.105   -6.867  -1.682  1.00 101.91 ? 4  DC B N1    1 
ATOM 503 C C2    . DC B 2 4  ? 2.273   -6.217  -1.255  1.00 106.76 ? 4  DC B C2    1 
ATOM 504 O O2    . DC B 2 4  ? 3.332   -6.412  -1.874  1.00 115.25 ? 4  DC B O2    1 
ATOM 505 N N3    . DC B 2 4  ? 2.215   -5.389  -0.189  1.00 89.87  ? 4  DC B N3    1 
ATOM 506 C C4    . DC B 2 4  ? 1.057   -5.202  0.446   1.00 95.01  ? 4  DC B C4    1 
ATOM 507 N N4    . DC B 2 4  ? 1.050   -4.380  1.495   1.00 102.06 ? 4  DC B N4    1 
ATOM 508 C C5    . DC B 2 4  ? -0.146  -5.857  0.037   1.00 89.58  ? 4  DC B C5    1 
ATOM 509 C C6    . DC B 2 4  ? -0.077  -6.669  -1.023  1.00 91.18  ? 4  DC B C6    1 
ATOM 510 P P     . DA B 2 5  ? 2.234   -11.714 -4.650  1.00 100.12 ? 5  DA B P     1 
ATOM 511 O OP1   . DA B 2 5  ? 3.287   -11.894 -5.695  1.00 111.97 ? 5  DA B OP1   1 
ATOM 512 O OP2   . DA B 2 5  ? 0.936   -12.437 -4.818  1.00 91.24  ? 5  DA B OP2   1 
ATOM 513 O "O5'" . DA B 2 5  ? 2.906   -11.887 -3.203  1.00 86.39  ? 5  DA B "O5'" 1 
ATOM 514 C "C5'" . DA B 2 5  ? 4.242   -12.453 -2.993  1.00 80.66  ? 5  DA B "C5'" 1 
ATOM 515 C "C4'" . DA B 2 5  ? 5.066   -11.599 -2.051  1.00 76.04  ? 5  DA B "C4'" 1 
ATOM 516 O "O4'" . DA B 2 5  ? 4.225   -10.577 -1.464  1.00 82.06  ? 5  DA B "O4'" 1 
ATOM 517 C "C3'" . DA B 2 5  ? 5.711   -12.329 -0.863  1.00 67.91  ? 5  DA B "C3'" 1 
ATOM 518 O "O3'" . DA B 2 5  ? 7.038   -11.903 -0.573  1.00 55.69  ? 5  DA B "O3'" 1 
ATOM 519 C "C2'" . DA B 2 5  ? 4.948   -11.810 0.332   1.00 73.01  ? 5  DA B "C2'" 1 
ATOM 520 C "C1'" . DA B 2 5  ? 4.639   -10.420 -0.122  1.00 72.32  ? 5  DA B "C1'" 1 
ATOM 521 N N9    . DA B 2 5  ? 3.565   -9.768  0.612   1.00 64.05  ? 5  DA B N9    1 
ATOM 522 C C8    . DA B 2 5  ? 2.227   -10.064 0.670   1.00 64.88  ? 5  DA B C8    1 
ATOM 523 N N7    . DA B 2 5  ? 1.539   -9.252  1.435   1.00 66.59  ? 5  DA B N7    1 
ATOM 524 C C5    . DA B 2 5  ? 2.487   -8.351  1.895   1.00 68.78  ? 5  DA B C5    1 
ATOM 525 C C6    . DA B 2 5  ? 2.393   -7.230  2.728   1.00 70.19  ? 5  DA B C6    1 
ATOM 526 N N6    . DA B 2 5  ? 1.250   -6.813  3.266   1.00 72.05  ? 5  DA B N6    1 
ATOM 527 N N1    . DA B 2 5  ? 3.530   -6.552  3.002   1.00 77.55  ? 5  DA B N1    1 
ATOM 528 C C2    . DA B 2 5  ? 4.677   -6.977  2.449   1.00 82.18  ? 5  DA B C2    1 
ATOM 529 N N3    . DA B 2 5  ? 4.890   -8.018  1.648   1.00 65.62  ? 5  DA B N3    1 
ATOM 530 C C4    . DA B 2 5  ? 3.742   -8.670  1.410   1.00 63.33  ? 5  DA B C4    1 
ATOM 531 O "O5'" . DT C 3 1  ? -15.806 20.418  -28.682 1.00 154.27 ? 1  DT C "O5'" 1 
ATOM 532 C "C5'" . DT C 3 1  ? -15.089 19.425  -27.926 1.00 132.74 ? 1  DT C "C5'" 1 
ATOM 533 C "C4'" . DT C 3 1  ? -13.990 18.854  -28.787 1.00 127.33 ? 1  DT C "C4'" 1 
ATOM 534 O "O4'" . DT C 3 1  ? -12.909 19.799  -28.865 1.00 130.61 ? 1  DT C "O4'" 1 
ATOM 535 C "C3'" . DT C 3 1  ? -13.385 17.551  -28.273 1.00 115.26 ? 1  DT C "C3'" 1 
ATOM 536 O "O3'" . DT C 3 1  ? -13.585 16.531  -29.229 1.00 130.70 ? 1  DT C "O3'" 1 
ATOM 537 C "C2'" . DT C 3 1  ? -11.892 17.799  -28.218 1.00 107.42 ? 1  DT C "C2'" 1 
ATOM 538 C "C1'" . DT C 3 1  ? -11.696 19.088  -28.977 1.00 126.43 ? 1  DT C "C1'" 1 
ATOM 539 N N1    . DT C 3 1  ? -10.623 19.939  -28.440 1.00 142.28 ? 1  DT C N1    1 
ATOM 540 C C2    . DT C 3 1  ? -9.325  19.538  -28.667 1.00 151.55 ? 1  DT C C2    1 
ATOM 541 O O2    . DT C 3 1  ? -9.040  18.515  -29.267 1.00 150.77 ? 1  DT C O2    1 
ATOM 542 N N3    . DT C 3 1  ? -8.367  20.379  -28.150 1.00 152.25 ? 1  DT C N3    1 
ATOM 543 C C4    . DT C 3 1  ? -8.577  21.555  -27.452 1.00 155.21 ? 1  DT C C4    1 
ATOM 544 O O4    . DT C 3 1  ? -7.617  22.209  -27.049 1.00 158.43 ? 1  DT C O4    1 
ATOM 545 C C5    . DT C 3 1  ? -9.964  21.916  -27.252 1.00 146.15 ? 1  DT C C5    1 
ATOM 546 C C7    . DT C 3 1  ? -10.289 23.167  -26.501 1.00 137.24 ? 1  DT C C7    1 
ATOM 547 C C6    . DT C 3 1  ? -10.905 21.102  -27.751 1.00 141.57 ? 1  DT C C6    1 
ATOM 548 P P     . DC C 3 2  ? -13.945 15.102  -28.726 1.00 175.51 ? 2  DC C P     1 
ATOM 549 O OP1   . DC C 3 2  ? -13.919 14.181  -29.886 1.00 188.45 ? 2  DC C OP1   1 
ATOM 550 O OP2   . DC C 3 2  ? -15.175 15.207  -27.893 1.00 171.04 ? 2  DC C OP2   1 
ATOM 551 O "O5'" . DC C 3 2  ? -12.686 14.755  -27.825 1.00 167.41 ? 2  DC C "O5'" 1 
ATOM 552 C "C5'" . DC C 3 2  ? -12.131 13.441  -27.855 1.00 157.56 ? 2  DC C "C5'" 1 
ATOM 553 C "C4'" . DC C 3 2  ? -11.106 13.340  -28.957 1.00 147.84 ? 2  DC C "C4'" 1 
ATOM 554 O "O4'" . DC C 3 2  ? -10.436 14.610  -29.133 1.00 134.19 ? 2  DC C "O4'" 1 
ATOM 555 C "C3'" . DC C 3 2  ? -10.008 12.338  -28.639 1.00 148.40 ? 2  DC C "C3'" 1 
ATOM 556 O "O3'" . DC C 3 2  ? -9.534  11.707  -29.813 1.00 170.27 ? 2  DC C "O3'" 1 
ATOM 557 C "C2'" . DC C 3 2  ? -8.913  13.195  -28.046 1.00 134.61 ? 2  DC C "C2'" 1 
ATOM 558 C "C1'" . DC C 3 2  ? -9.054  14.473  -28.824 1.00 136.19 ? 2  DC C "C1'" 1 
ATOM 559 N N1    . DC C 3 2  ? -8.660  15.625  -28.016 1.00 155.11 ? 2  DC C N1    1 
ATOM 560 C C2    . DC C 3 2  ? -7.339  16.082  -28.079 1.00 165.09 ? 2  DC C C2    1 
ATOM 561 O O2    . DC C 3 2  ? -6.543  15.516  -28.844 1.00 136.73 ? 2  DC C O2    1 
ATOM 562 N N3    . DC C 3 2  ? -6.971  17.141  -27.317 1.00 183.77 ? 2  DC C N3    1 
ATOM 563 C C4    . DC C 3 2  ? -7.856  17.707  -26.489 1.00 180.06 ? 2  DC C C4    1 
ATOM 564 N N4    . DC C 3 2  ? -7.456  18.746  -25.754 1.00 166.37 ? 2  DC C N4    1 
ATOM 565 C C5    . DC C 3 2  ? -9.198  17.241  -26.388 1.00 170.72 ? 2  DC C C5    1 
ATOM 566 C C6    . DC C 3 2  ? -9.550  16.200  -27.152 1.00 161.79 ? 2  DC C C6    1 
ATOM 567 P P     . DT C 3 3  ? -8.638  10.427  -29.657 1.00 215.47 ? 3  DT C P     1 
ATOM 568 O OP1   . DT C 3 3  ? -7.410  10.652  -30.462 1.00 220.63 ? 3  DT C OP1   1 
ATOM 569 O OP2   . DT C 3 3  ? -9.500  9.239   -29.898 1.00 217.84 ? 3  DT C OP2   1 
ATOM 570 O "O5'" . DT C 3 3  ? -8.288  10.423  -28.103 1.00 201.83 ? 3  DT C "O5'" 1 
ATOM 571 C "C5'" . DT C 3 3  ? -7.210  9.641   -27.576 1.00 192.63 ? 3  DT C "C5'" 1 
ATOM 572 C "C4'" . DT C 3 3  ? -5.881  10.292  -27.880 1.00 182.58 ? 3  DT C "C4'" 1 
ATOM 573 O "O4'" . DT C 3 3  ? -5.948  11.731  -27.701 1.00 171.36 ? 3  DT C "O4'" 1 
ATOM 574 C "C3'" . DT C 3 3  ? -4.752  9.805   -26.980 1.00 166.15 ? 3  DT C "C3'" 1 
ATOM 575 O "O3'" . DT C 3 3  ? -3.586  9.567   -27.753 1.00 163.37 ? 3  DT C "O3'" 1 
ATOM 576 C "C2'" . DT C 3 3  ? -4.568  10.942  -25.998 1.00 163.67 ? 3  DT C "C2'" 1 
ATOM 577 C "C1'" . DT C 3 3  ? -4.911  12.154  -26.830 1.00 159.30 ? 3  DT C "C1'" 1 
ATOM 578 N N1    . DT C 3 3  ? -5.425  13.262  -25.998 1.00 159.87 ? 3  DT C N1    1 
ATOM 579 C C2    . DT C 3 3  ? -4.557  14.274  -25.642 1.00 157.22 ? 3  DT C C2    1 
ATOM 580 O O2    . DT C 3 3  ? -3.399  14.326  -26.025 1.00 156.36 ? 3  DT C O2    1 
ATOM 581 N N3    . DT C 3 3  ? -5.104  15.239  -24.828 1.00 144.02 ? 3  DT C N3    1 
ATOM 582 C C4    . DT C 3 3  ? -6.392  15.273  -24.325 1.00 139.22 ? 3  DT C C4    1 
ATOM 583 O O4    . DT C 3 3  ? -6.743  16.201  -23.600 1.00 119.28 ? 3  DT C O4    1 
ATOM 584 C C5    . DT C 3 3  ? -7.238  14.166  -24.716 1.00 147.81 ? 3  DT C C5    1 
ATOM 585 C C7    . DT C 3 3  ? -8.648  14.122  -24.220 1.00 152.27 ? 3  DT C C7    1 
ATOM 586 C C6    . DT C 3 3  ? -6.715  13.223  -25.513 1.00 149.54 ? 3  DT C C6    1 
ATOM 587 P P     . DG C 3 4  ? -2.270  9.113   -27.024 1.00 193.27 ? 4  DG C P     1 
ATOM 588 O OP1   . DG C 3 4  ? -1.405  8.449   -28.030 1.00 217.28 ? 4  DG C OP1   1 
ATOM 589 O OP2   . DG C 3 4  ? -2.671  8.361   -25.806 1.00 188.25 ? 4  DG C OP2   1 
ATOM 590 O "O5'" . DG C 3 4  ? -1.635  10.507  -26.581 1.00 197.45 ? 4  DG C "O5'" 1 
ATOM 591 C "C5'" . DG C 3 4  ? -0.210  10.708  -26.470 1.00 200.07 ? 4  DG C "C5'" 1 
ATOM 592 C "C4'" . DG C 3 4  ? 0.184   10.980  -25.036 1.00 180.86 ? 4  DG C "C4'" 1 
ATOM 593 O "O4'" . DG C 3 4  ? -0.796  11.828  -24.386 1.00 158.39 ? 4  DG C "O4'" 1 
ATOM 594 C "C3'" . DG C 3 4  ? 0.303   9.739   -24.149 1.00 159.29 ? 4  DG C "C3'" 1 
ATOM 595 O "O3'" . DG C 3 4  ? 1.393   9.935   -23.252 1.00 146.06 ? 4  DG C "O3'" 1 
ATOM 596 C "C2'" . DG C 3 4  ? -0.985  9.759   -23.353 1.00 151.04 ? 4  DG C "C2'" 1 
ATOM 597 C "C1'" . DG C 3 4  ? -1.119  11.246  -23.140 1.00 132.30 ? 4  DG C "C1'" 1 
ATOM 598 N N9    . DG C 3 4  ? -2.424  11.746  -22.740 1.00 110.80 ? 4  DG C N9    1 
ATOM 599 C C8    . DG C 3 4  ? -3.659  11.153  -22.864 1.00 102.05 ? 4  DG C C8    1 
ATOM 600 N N7    . DG C 3 4  ? -4.629  11.886  -22.387 1.00 95.52  ? 4  DG C N7    1 
ATOM 601 C C5    . DG C 3 4  ? -3.993  13.026  -21.914 1.00 111.14 ? 4  DG C C5    1 
ATOM 602 C C6    . DG C 3 4  ? -4.525  14.187  -21.290 1.00 115.31 ? 4  DG C C6    1 
ATOM 603 O O6    . DG C 3 4  ? -5.706  14.448  -21.023 1.00 117.09 ? 4  DG C O6    1 
ATOM 604 N N1    . DG C 3 4  ? -3.521  15.099  -20.966 1.00 110.60 ? 4  DG C N1    1 
ATOM 605 C C2    . DG C 3 4  ? -2.182  14.920  -21.216 1.00 110.35 ? 4  DG C C2    1 
ATOM 606 N N2    . DG C 3 4  ? -1.372  15.912  -20.831 1.00 123.61 ? 4  DG C N2    1 
ATOM 607 N N3    . DG C 3 4  ? -1.675  13.848  -21.803 1.00 99.79  ? 4  DG C N3    1 
ATOM 608 C C4    . DG C 3 4  ? -2.631  12.949  -22.122 1.00 110.43 ? 4  DG C C4    1 
ATOM 609 P P     . DA C 3 5  ? 2.468   8.800   -23.063 1.00 163.86 ? 5  DA C P     1 
ATOM 610 O OP1   . DA C 3 5  ? 2.719   8.179   -24.393 1.00 176.83 ? 5  DA C OP1   1 
ATOM 611 O OP2   . DA C 3 5  ? 2.037   7.960   -21.918 1.00 170.32 ? 5  DA C OP2   1 
ATOM 612 O "O5'" . DA C 3 5  ? 3.785   9.596   -22.650 1.00 155.76 ? 5  DA C "O5'" 1 
ATOM 613 C "C5'" . DA C 3 5  ? 3.921   11.008  -22.889 1.00 154.43 ? 5  DA C "C5'" 1 
ATOM 614 C "C4'" . DA C 3 5  ? 3.590   11.788  -21.638 1.00 148.90 ? 5  DA C "C4'" 1 
ATOM 615 O "O4'" . DA C 3 5  ? 2.160   11.874  -21.433 1.00 130.97 ? 5  DA C "O4'" 1 
ATOM 616 C "C3'" . DA C 3 5  ? 4.164   11.203  -20.345 1.00 144.79 ? 5  DA C "C3'" 1 
ATOM 617 O "O3'" . DA C 3 5  ? 5.050   12.132  -19.732 1.00 161.76 ? 5  DA C "O3'" 1 
ATOM 618 C "C2'" . DA C 3 5  ? 2.953   11.014  -19.449 1.00 131.66 ? 5  DA C "C2'" 1 
ATOM 619 C "C1'" . DA C 3 5  ? 1.962   11.979  -20.042 1.00 121.89 ? 5  DA C "C1'" 1 
ATOM 620 N N9    . DA C 3 5  ? 0.566   11.671  -19.757 1.00 124.08 ? 5  DA C N9    1 
ATOM 621 C C8    . DA C 3 5  ? -0.140  10.531  -20.054 1.00 122.42 ? 5  DA C C8    1 
ATOM 622 N N7    . DA C 3 5  ? -1.390  10.564  -19.656 1.00 119.35 ? 5  DA C N7    1 
ATOM 623 C C5    . DA C 3 5  ? -1.510  11.804  -19.043 1.00 121.63 ? 5  DA C C5    1 
ATOM 624 C C6    . DA C 3 5  ? -2.589  12.449  -18.412 1.00 120.85 ? 5  DA C C6    1 
ATOM 625 N N6    . DA C 3 5  ? -3.803  11.908  -18.289 1.00 132.10 ? 5  DA C N6    1 
ATOM 626 N N1    . DA C 3 5  ? -2.374  13.682  -17.899 1.00 116.91 ? 5  DA C N1    1 
ATOM 627 C C2    . DA C 3 5  ? -1.157  14.225  -18.025 1.00 125.20 ? 5  DA C C2    1 
ATOM 628 N N3    . DA C 3 5  ? -0.064  13.719  -18.597 1.00 132.00 ? 5  DA C N3    1 
ATOM 629 C C4    . DA C 3 5  ? -0.311  12.493  -19.093 1.00 128.66 ? 5  DA C C4    1 
ATOM 630 P P     . DG C 3 6  ? 6.057   11.635  -18.605 1.00 181.08 ? 6  DG C P     1 
ATOM 631 O OP1   . DG C 3 6  ? 7.420   11.654  -19.191 1.00 199.03 ? 6  DG C OP1   1 
ATOM 632 O OP2   . DG C 3 6  ? 5.522   10.362  -18.039 1.00 159.29 ? 6  DG C OP2   1 
ATOM 633 O "O5'" . DG C 3 6  ? 6.008   12.823  -17.542 1.00 167.60 ? 6  DG C "O5'" 1 
ATOM 634 C "C5'" . DG C 3 6  ? 5.687   12.607  -16.155 1.00 152.50 ? 6  DG C "C5'" 1 
ATOM 635 C "C4'" . DG C 3 6  ? 4.498   13.454  -15.768 1.00 142.96 ? 6  DG C "C4'" 1 
ATOM 636 O "O4'" . DG C 3 6  ? 3.321   12.967  -16.437 1.00 133.65 ? 6  DG C "O4'" 1 
ATOM 637 C "C3'" . DG C 3 6  ? 4.157   13.416  -14.281 1.00 141.67 ? 6  DG C "C3'" 1 
ATOM 638 O "O3'" . DG C 3 6  ? 4.817   14.494  -13.610 1.00 145.66 ? 6  DG C "O3'" 1 
ATOM 639 C "C2'" . DG C 3 6  ? 2.642   13.557  -14.246 1.00 129.80 ? 6  DG C "C2'" 1 
ATOM 640 C "C1'" . DG C 3 6  ? 2.178   13.314  -15.676 1.00 123.02 ? 6  DG C "C1'" 1 
ATOM 641 N N9    . DG C 3 6  ? 1.199   12.239  -15.814 1.00 119.89 ? 6  DG C N9    1 
ATOM 642 C C8    . DG C 3 6  ? 1.379   10.991  -16.364 1.00 115.21 ? 6  DG C C8    1 
ATOM 643 N N7    . DG C 3 6  ? 0.294   10.265  -16.355 1.00 105.50 ? 6  DG C N7    1 
ATOM 644 C C5    . DG C 3 6  ? -0.656  11.079  -15.756 1.00 108.54 ? 6  DG C C5    1 
ATOM 645 C C6    . DG C 3 6  ? -2.022  10.830  -15.462 1.00 107.91 ? 6  DG C C6    1 
ATOM 646 O O6    . DG C 3 6  ? -2.680  9.806   -15.676 1.00 106.44 ? 6  DG C O6    1 
ATOM 647 N N1    . DG C 3 6  ? -2.621  11.927  -14.845 1.00 103.84 ? 6  DG C N1    1 
ATOM 648 C C2    . DG C 3 6  ? -1.986  13.113  -14.558 1.00 113.01 ? 6  DG C C2    1 
ATOM 649 N N2    . DG C 3 6  ? -2.729  14.057  -13.964 1.00 121.89 ? 6  DG C N2    1 
ATOM 650 N N3    . DG C 3 6  ? -0.710  13.353  -14.819 1.00 107.80 ? 6  DG C N3    1 
ATOM 651 C C4    . DG C 3 6  ? -0.113  12.300  -15.415 1.00 113.62 ? 6  DG C C4    1 
ATOM 652 P P     . DT C 3 7  ? 5.202   14.347  -12.068 1.00 139.31 ? 7  DT C P     1 
ATOM 653 O OP1   . DT C 3 7  ? 5.762   15.641  -11.594 1.00 117.70 ? 7  DT C OP1   1 
ATOM 654 O OP2   . DT C 3 7  ? 5.999   13.105  -11.913 1.00 145.80 ? 7  DT C OP2   1 
ATOM 655 O "O5'" . DT C 3 7  ? 3.775   14.181  -11.387 1.00 131.46 ? 7  DT C "O5'" 1 
ATOM 656 C "C5'" . DT C 3 7  ? 2.946   15.342  -11.239 1.00 129.97 ? 7  DT C "C5'" 1 
ATOM 657 C "C4'" . DT C 3 7  ? 1.645   14.972  -10.571 1.00 127.29 ? 7  DT C "C4'" 1 
ATOM 658 O "O4'" . DT C 3 7  ? 0.909   14.000  -11.354 1.00 115.40 ? 7  DT C "O4'" 1 
ATOM 659 C "C3'" . DT C 3 7  ? 1.789   14.359  -9.174  1.00 115.69 ? 7  DT C "C3'" 1 
ATOM 660 O "O3'" . DT C 3 7  ? 0.915   15.067  -8.291  1.00 122.11 ? 7  DT C "O3'" 1 
ATOM 661 C "C2'" . DT C 3 7  ? 1.311   12.938  -9.382  1.00 110.50 ? 7  DT C "C2'" 1 
ATOM 662 C "C1'" . DT C 3 7  ? 0.249   13.192  -10.414 1.00 102.65 ? 7  DT C "C1'" 1 
ATOM 663 N N1    . DT C 3 7  ? -0.278  12.016  -11.111 1.00 100.32 ? 7  DT C N1    1 
ATOM 664 C C2    . DT C 3 7  ? -1.615  11.714  -10.962 1.00 103.64 ? 7  DT C C2    1 
ATOM 665 O O2    . DT C 3 7  ? -2.379  12.383  -10.288 1.00 107.03 ? 7  DT C O2    1 
ATOM 666 N N3    . DT C 3 7  ? -2.030  10.599  -11.646 1.00 94.18  ? 7  DT C N3    1 
ATOM 667 C C4    . DT C 3 7  ? -1.257  9.775   -12.437 1.00 91.34  ? 7  DT C C4    1 
ATOM 668 O O4    . DT C 3 7  ? -1.770  8.817   -13.000 1.00 98.56  ? 7  DT C O4    1 
ATOM 669 C C5    . DT C 3 7  ? 0.133   10.149  -12.547 1.00 92.17  ? 7  DT C C5    1 
ATOM 670 C C7    . DT C 3 7  ? 1.043   9.310   -13.385 1.00 100.53 ? 7  DT C C7    1 
ATOM 671 C C6    . DT C 3 7  ? 0.549   11.239  -11.890 1.00 90.74  ? 7  DT C C6    1 
ATOM 672 P P     . DG C 3 8  ? 1.484   15.801  -6.990  1.00 134.94 ? 8  DG C P     1 
ATOM 673 O OP1   . DG C 3 8  ? 0.645   16.991  -6.680  1.00 128.29 ? 8  DG C OP1   1 
ATOM 674 O OP2   . DG C 3 8  ? 2.953   15.950  -7.128  1.00 157.85 ? 8  DG C OP2   1 
ATOM 675 O "O5'" . DG C 3 8  ? 1.151   14.750  -5.854  1.00 119.18 ? 8  DG C "O5'" 1 
ATOM 676 C "C5'" . DG C 3 8  ? 0.176   13.743  -6.091  1.00 89.49  ? 8  DG C "C5'" 1 
ATOM 677 C "C4'" . DG C 3 8  ? -1.223  14.296  -5.951  1.00 82.10  ? 8  DG C "C4'" 1 
ATOM 678 O "O4'" . DG C 3 8  ? -2.028  13.597  -6.906  1.00 85.63  ? 8  DG C "O4'" 1 
ATOM 679 C "C3'" . DG C 3 8  ? -1.879  13.967  -4.622  1.00 80.54  ? 8  DG C "C3'" 1 
ATOM 680 O "O3'" . DG C 3 8  ? -2.947  14.838  -4.254  1.00 81.48  ? 8  DG C "O3'" 1 
ATOM 681 C "C2'" . DG C 3 8  ? -2.330  12.529  -4.829  1.00 73.26  ? 8  DG C "C2'" 1 
ATOM 682 C "C1'" . DG C 3 8  ? -2.639  12.459  -6.299  1.00 71.56  ? 8  DG C "C1'" 1 
ATOM 683 N N9    . DG C 3 8  ? -2.166  11.281  -7.015  1.00 74.92  ? 8  DG C N9    1 
ATOM 684 C C8    . DG C 3 8  ? -0.873  10.989  -7.381  1.00 79.18  ? 8  DG C C8    1 
ATOM 685 N N7    . DG C 3 8  ? -0.780  9.912   -8.110  1.00 85.63  ? 8  DG C N7    1 
ATOM 686 C C5    . DG C 3 8  ? -2.091  9.493   -8.270  1.00 84.41  ? 8  DG C C5    1 
ATOM 687 C C6    . DG C 3 8  ? -2.619  8.379   -8.967  1.00 98.52  ? 8  DG C C6    1 
ATOM 688 O O6    . DG C 3 8  ? -2.011  7.515   -9.606  1.00 126.34 ? 8  DG C O6    1 
ATOM 689 N N1    . DG C 3 8  ? -4.004  8.323   -8.874  1.00 94.29  ? 8  DG C N1    1 
ATOM 690 C C2    . DG C 3 8  ? -4.783  9.226   -8.192  1.00 96.49  ? 8  DG C C2    1 
ATOM 691 N N2    . DG C 3 8  ? -6.109  9.009   -8.218  1.00 100.26 ? 8  DG C N2    1 
ATOM 692 N N3    . DG C 3 8  ? -4.300  10.259  -7.521  1.00 85.42  ? 8  DG C N3    1 
ATOM 693 C C4    . DG C 3 8  ? -2.958  10.332  -7.605  1.00 74.23  ? 8  DG C C4    1 
ATOM 694 P P     . DC C 3 9  ? -3.506  14.745  -2.738  1.00 98.39  ? 9  DC C P     1 
ATOM 695 O OP1   . DC C 3 9  ? -5.002  14.893  -2.719  1.00 86.39  ? 9  DC C OP1   1 
ATOM 696 O OP2   . DC C 3 9  ? -2.667  15.643  -1.896  1.00 101.68 ? 9  DC C OP2   1 
ATOM 697 O "O5'" . DC C 3 9  ? -3.252  13.216  -2.352  1.00 76.78  ? 9  DC C "O5'" 1 
ATOM 698 C "C5'" . DC C 3 9  ? -4.242  12.519  -1.588  1.00 78.18  ? 9  DC C "C5'" 1 
ATOM 699 C "C4'" . DC C 3 9  ? -5.192  11.762  -2.481  1.00 72.28  ? 9  DC C "C4'" 1 
ATOM 700 O "O4'" . DC C 3 9  ? -4.387  11.107  -3.482  1.00 73.08  ? 9  DC C "O4'" 1 
ATOM 701 C "C3'" . DC C 3 9  ? -5.932  10.639  -1.753  1.00 66.74  ? 9  DC C "C3'" 1 
ATOM 702 O "O3'" . DC C 3 9  ? -7.247  10.425  -2.223  1.00 58.62  ? 9  DC C "O3'" 1 
ATOM 703 C "C2'" . DC C 3 9  ? -5.198  9.390   -2.175  1.00 68.29  ? 9  DC C "C2'" 1 
ATOM 704 C "C1'" . DC C 3 9  ? -4.796  9.759   -3.556  1.00 73.37  ? 9  DC C "C1'" 1 
ATOM 705 N N1    . DC C 3 9  ? -3.695  8.979   -4.101  1.00 71.11  ? 9  DC C N1    1 
ATOM 706 C C2    . DC C 3 9  ? -3.978  7.847   -4.881  1.00 70.57  ? 9  DC C C2    1 
ATOM 707 O O2    . DC C 3 9  ? -5.157  7.487   -5.014  1.00 58.39  ? 9  DC C O2    1 
ATOM 708 N N3    . DC C 3 9  ? -2.959  7.163   -5.444  1.00 74.33  ? 9  DC C N3    1 
ATOM 709 C C4    . DC C 3 9  ? -1.703  7.581   -5.271  1.00 87.82  ? 9  DC C C4    1 
ATOM 710 N N4    . DC C 3 9  ? -0.726  6.868   -5.825  1.00 110.20 ? 9  DC C N4    1 
ATOM 711 C C5    . DC C 3 9  ? -1.392  8.746   -4.510  1.00 80.93  ? 9  DC C C5    1 
ATOM 712 C C6    . DC C 3 9  ? -2.408  9.405   -3.945  1.00 70.91  ? 9  DC C C6    1 
ATOM 713 P P     . DA D 4 1  ? 5.418   -15.069 3.750   1.00 95.20  ? 10 DA D P     1 
ATOM 714 O OP1   . DA D 4 1  ? 6.137   -16.251 3.175   1.00 75.79  ? 10 DA D OP1   1 
ATOM 715 O OP2   . DA D 4 1  ? 3.909   -15.028 3.803   1.00 84.70  ? 10 DA D OP2   1 
ATOM 716 O "O5'" . DA D 4 1  ? 5.760   -13.878 2.752   1.00 93.45  ? 10 DA D "O5'" 1 
ATOM 717 C "C5'" . DA D 4 1  ? 7.106   -13.617 2.304   1.00 100.63 ? 10 DA D "C5'" 1 
ATOM 718 C "C4'" . DA D 4 1  ? 7.592   -12.294 2.848   1.00 99.82  ? 10 DA D "C4'" 1 
ATOM 719 O "O4'" . DA D 4 1  ? 6.602   -11.271 2.665   1.00 87.50  ? 10 DA D "O4'" 1 
ATOM 720 C "C3'" . DA D 4 1  ? 7.820   -12.306 4.347   1.00 100.07 ? 10 DA D "C3'" 1 
ATOM 721 O "O3'" . DA D 4 1  ? 9.138   -12.740 4.617   1.00 107.61 ? 10 DA D "O3'" 1 
ATOM 722 C "C2'" . DA D 4 1  ? 7.629   -10.861 4.751   1.00 83.91  ? 10 DA D "C2'" 1 
ATOM 723 C "C1'" . DA D 4 1  ? 6.756   -10.284 3.669   1.00 72.27  ? 10 DA D "C1'" 1 
ATOM 724 N N9    . DA D 4 1  ? 5.437   -9.919  4.134   1.00 59.86  ? 10 DA D N9    1 
ATOM 725 C C8    . DA D 4 1  ? 4.237   -10.505 3.834   1.00 60.39  ? 10 DA D C8    1 
ATOM 726 N N7    . DA D 4 1  ? 3.206   -9.906  4.377   1.00 65.80  ? 10 DA D N7    1 
ATOM 727 C C5    . DA D 4 1  ? 3.767   -8.851  5.081   1.00 71.30  ? 10 DA D C5    1 
ATOM 728 C C6    . DA D 4 1  ? 3.204   -7.842  5.883   1.00 71.46  ? 10 DA D C6    1 
ATOM 729 N N6    . DA D 4 1  ? 1.898   -7.739  6.131   1.00 72.10  ? 10 DA D N6    1 
ATOM 730 N N1    . DA D 4 1  ? 4.039   -6.919  6.414   1.00 76.61  ? 10 DA D N1    1 
ATOM 731 C C2    . DA D 4 1  ? 5.354   -7.028  6.167   1.00 81.17  ? 10 DA D C2    1 
ATOM 732 N N3    . DA D 4 1  ? 6.004   -7.953  5.454   1.00 74.95  ? 10 DA D N3    1 
ATOM 733 C C4    . DA D 4 1  ? 5.141   -8.844  4.933   1.00 70.63  ? 10 DA D C4    1 
ATOM 734 P P     . DG D 4 2  ? 9.410   -13.361 6.015   1.00 125.17 ? 11 DG D P     1 
ATOM 735 O OP1   . DG D 4 2  ? 10.721  -14.061 5.933   1.00 134.14 ? 11 DG D OP1   1 
ATOM 736 O OP2   . DG D 4 2  ? 8.181   -14.099 6.432   1.00 133.48 ? 11 DG D OP2   1 
ATOM 737 O "O5'" . DG D 4 2  ? 9.444   -12.086 6.963   1.00 98.71  ? 11 DG D "O5'" 1 
ATOM 738 C "C5'" . DG D 4 2  ? 10.541  -11.169 6.916   1.00 94.91  ? 11 DG D "C5'" 1 
ATOM 739 C "C4'" . DG D 4 2  ? 10.047  -9.854  7.455   1.00 98.73  ? 11 DG D "C4'" 1 
ATOM 740 O "O4'" . DG D 4 2  ? 8.626   -9.840  7.296   1.00 87.49  ? 11 DG D "O4'" 1 
ATOM 741 C "C3'" . DG D 4 2  ? 10.239  -9.679  8.952   1.00 116.06 ? 11 DG D "C3'" 1 
ATOM 742 O "O3'" . DG D 4 2  ? 11.432  -8.979  9.256   1.00 131.10 ? 11 DG D "O3'" 1 
ATOM 743 C "C2'" . DG D 4 2  ? 9.007   -8.906  9.398   1.00 105.97 ? 11 DG D "C2'" 1 
ATOM 744 C "C1'" . DG D 4 2  ? 8.125   -8.862  8.172   1.00 89.49  ? 11 DG D "C1'" 1 
ATOM 745 N N9    . DG D 4 2  ? 6.729   -9.171  8.390   1.00 77.26  ? 11 DG D N9    1 
ATOM 746 C C8    . DG D 4 2  ? 6.058   -10.274 7.923   1.00 77.83  ? 11 DG D C8    1 
ATOM 747 N N7    . DG D 4 2  ? 4.789   -10.267 8.226   1.00 82.83  ? 11 DG D N7    1 
ATOM 748 C C5    . DG D 4 2  ? 4.610   -9.081  8.921   1.00 86.43  ? 11 DG D C5    1 
ATOM 749 C C6    . DG D 4 2  ? 3.441   -8.530  9.498   1.00 99.35  ? 11 DG D C6    1 
ATOM 750 O O6    . DG D 4 2  ? 2.296   -8.998  9.507   1.00 95.92  ? 11 DG D O6    1 
ATOM 751 N N1    . DG D 4 2  ? 3.700   -7.306  10.111  1.00 100.99 ? 11 DG D N1    1 
ATOM 752 C C2    . DG D 4 2  ? 4.929   -6.694  10.158  1.00 110.00 ? 11 DG D C2    1 
ATOM 753 N N2    . DG D 4 2  ? 4.973   -5.512  10.791  1.00 135.87 ? 11 DG D N2    1 
ATOM 754 N N3    . DG D 4 2  ? 6.034   -7.204  9.626   1.00 83.09  ? 11 DG D N3    1 
ATOM 755 C C4    . DG D 4 2  ? 5.800   -8.391  9.029   1.00 79.51  ? 11 DG D C4    1 
ATOM 756 P P     . DT D 4 3  ? 12.049  -9.220  10.663  1.00 137.01 ? 12 DT D P     1 
ATOM 757 O OP1   . DT D 4 3  ? 12.927  -8.065  10.995  1.00 135.48 ? 12 DT D OP1   1 
ATOM 758 O OP2   . DT D 4 3  ? 12.585  -10.605 10.671  1.00 127.73 ? 12 DT D OP2   1 
ATOM 759 O "O5'" . DT D 4 3  ? 10.766  -9.162  11.600  1.00 109.49 ? 12 DT D "O5'" 1 
ATOM 760 C "C5'" . DT D 4 3  ? 10.921  -8.664  12.920  1.00 118.96 ? 12 DT D "C5'" 1 
ATOM 761 C "C4'" . DT D 4 3  ? 10.582  -7.196  12.963  1.00 115.55 ? 12 DT D "C4'" 1 
ATOM 762 O "O4'" . DT D 4 3  ? 9.332   -7.014  12.268  1.00 104.37 ? 12 DT D "O4'" 1 
ATOM 763 C "C3'" . DT D 4 3  ? 10.336  -6.724  14.391  1.00 138.41 ? 12 DT D "C3'" 1 
ATOM 764 O "O3'" . DT D 4 3  ? 10.687  -5.367  14.619  1.00 159.11 ? 12 DT D "O3'" 1 
ATOM 765 C "C2'" . DT D 4 3  ? 8.851   -6.962  14.582  1.00 127.39 ? 12 DT D "C2'" 1 
ATOM 766 C "C1'" . DT D 4 3  ? 8.289   -6.741  13.202  1.00 111.14 ? 12 DT D "C1'" 1 
ATOM 767 N N1    . DT D 4 3  ? 7.193   -7.668  12.942  1.00 101.67 ? 12 DT D N1    1 
ATOM 768 C C2    . DT D 4 3  ? 5.935   -7.352  13.414  1.00 100.60 ? 12 DT D C2    1 
ATOM 769 O O2    . DT D 4 3  ? 5.687   -6.320  14.016  1.00 92.59  ? 12 DT D O2    1 
ATOM 770 N N3    . DT D 4 3  ? 4.970   -8.288  13.140  1.00 100.86 ? 12 DT D N3    1 
ATOM 771 C C4    . DT D 4 3  ? 5.143   -9.501  12.495  1.00 111.51 ? 12 DT D C4    1 
ATOM 772 O O4    . DT D 4 3  ? 4.181   -10.250 12.334  1.00 100.06 ? 12 DT D O4    1 
ATOM 773 C C5    . DT D 4 3  ? 6.498   -9.780  12.057  1.00 114.62 ? 12 DT D C5    1 
ATOM 774 C C7    . DT D 4 3  ? 6.787   -11.071 11.358  1.00 123.77 ? 12 DT D C7    1 
ATOM 775 C C6    . DT D 4 3  ? 7.444   -8.869  12.316  1.00 96.29  ? 12 DT D C6    1 
ATOM 776 P P     . DC D 4 4  ? 10.603  -4.806  16.101  1.00 170.12 ? 13 DC D P     1 
ATOM 777 O OP1   . DC D 4 4  ? 10.991  -3.378  16.072  1.00 205.93 ? 13 DC D OP1   1 
ATOM 778 O OP2   . DC D 4 4  ? 11.327  -5.750  16.984  1.00 168.88 ? 13 DC D OP2   1 
ATOM 779 O "O5'" . DC D 4 4  ? 9.051   -4.905  16.433  1.00 131.13 ? 13 DC D "O5'" 1 
ATOM 780 C "C5'" . DC D 4 4  ? 8.612   -4.965  17.781  1.00 130.07 ? 13 DC D "C5'" 1 
ATOM 781 C "C4'" . DC D 4 4  ? 7.209   -4.422  17.854  1.00 145.10 ? 13 DC D "C4'" 1 
ATOM 782 O "O4'" . DC D 4 4  ? 6.390   -5.177  16.938  1.00 139.72 ? 13 DC D "O4'" 1 
ATOM 783 C "C3'" . DC D 4 4  ? 6.556   -4.546  19.230  1.00 161.44 ? 13 DC D "C3'" 1 
ATOM 784 O "O3'" . DC D 4 4  ? 5.831   -3.362  19.562  1.00 169.46 ? 13 DC D "O3'" 1 
ATOM 785 C "C2'" . DC D 4 4  ? 5.665   -5.767  19.104  1.00 158.31 ? 13 DC D "C2'" 1 
ATOM 786 C "C1'" . DC D 4 4  ? 5.316   -5.796  17.629  1.00 156.03 ? 13 DC D "C1'" 1 
ATOM 787 N N1    . DC D 4 4  ? 5.167   -7.157  17.095  1.00 156.57 ? 13 DC D N1    1 
ATOM 788 C C2    . DC D 4 4  ? 3.883   -7.709  16.983  1.00 157.01 ? 13 DC D C2    1 
ATOM 789 O O2    . DC D 4 4  ? 2.904   -7.034  17.337  1.00 173.30 ? 13 DC D O2    1 
ATOM 790 N N3    . DC D 4 4  ? 3.743   -8.961  16.491  1.00 135.21 ? 13 DC D N3    1 
ATOM 791 C C4    . DC D 4 4  ? 4.823   -9.659  16.131  1.00 137.84 ? 13 DC D C4    1 
ATOM 792 N N4    . DC D 4 4  ? 4.637   -10.892 15.657  1.00 144.31 ? 13 DC D N4    1 
ATOM 793 C C5    . DC D 4 4  ? 6.142   -9.127  16.249  1.00 133.85 ? 13 DC D C5    1 
ATOM 794 C C6    . DC D 4 4  ? 6.267   -7.883  16.729  1.00 136.96 ? 13 DC D C6    1 
ATOM 795 P P     . DT D 4 5  ? 5.480   -3.045  21.086  1.00 194.11 ? 14 DT D P     1 
ATOM 796 O OP1   . DT D 4 5  ? 5.258   -1.582  21.203  1.00 204.87 ? 14 DT D OP1   1 
ATOM 797 O OP2   . DT D 4 5  ? 6.510   -3.684  21.941  1.00 185.08 ? 14 DT D OP2   1 
ATOM 798 O "O5'" . DT D 4 5  ? 4.088   -3.798  21.283  1.00 190.38 ? 14 DT D "O5'" 1 
ATOM 799 C "C5'" . DT D 4 5  ? 3.670   -4.310  22.565  1.00 196.16 ? 14 DT D "C5'" 1 
ATOM 800 C "C4'" . DT D 4 5  ? 2.374   -5.067  22.397  1.00 205.00 ? 14 DT D "C4'" 1 
ATOM 801 O "O4'" . DT D 4 5  ? 2.571   -6.097  21.397  1.00 206.02 ? 14 DT D "O4'" 1 
ATOM 802 C "C3'" . DT D 4 5  ? 1.847   -5.782  23.648  1.00 213.61 ? 14 DT D "C3'" 1 
ATOM 803 O "O3'" . DT D 4 5  ? 0.414   -5.710  23.731  1.00 218.74 ? 14 DT D "O3'" 1 
ATOM 804 C "C2'" . DT D 4 5  ? 2.203   -7.232  23.391  1.00 211.10 ? 14 DT D "C2'" 1 
ATOM 805 C "C1'" . DT D 4 5  ? 2.026   -7.306  21.891  1.00 213.92 ? 14 DT D "C1'" 1 
ATOM 806 N N1    . DT D 4 5  ? 2.714   -8.431  21.230  1.00 205.03 ? 14 DT D N1    1 
ATOM 807 C C2    . DT D 4 5  ? 1.943   -9.472  20.759  1.00 207.91 ? 14 DT D C2    1 
ATOM 808 O O2    . DT D 4 5  ? 0.726   -9.499  20.858  1.00 218.17 ? 14 DT D O2    1 
ATOM 809 N N3    . DT D 4 5  ? 2.652   -10.486 20.162  1.00 198.76 ? 14 DT D N3    1 
ATOM 810 C C4    . DT D 4 5  ? 4.022   -10.561 19.997  1.00 189.92 ? 14 DT D C4    1 
ATOM 811 O O4    . DT D 4 5  ? 4.519   -11.536 19.440  1.00 181.94 ? 14 DT D O4    1 
ATOM 812 C C5    . DT D 4 5  ? 4.769   -9.436  20.519  1.00 186.35 ? 14 DT D C5    1 
ATOM 813 C C7    . DT D 4 5  ? 6.258   -9.429  20.382  1.00 188.95 ? 14 DT D C7    1 
ATOM 814 C C6    . DT D 4 5  ? 4.087   -8.443  21.103  1.00 187.13 ? 14 DT D C6    1 
ATOM 815 P P     . DG D 4 6  ? -0.329  -5.274  25.091  1.00 229.22 ? 15 DG D P     1 
ATOM 816 O OP1   . DG D 4 6  ? -1.769  -5.067  24.784  1.00 218.47 ? 15 DG D OP1   1 
ATOM 817 O OP2   . DG D 4 6  ? 0.452   -4.172  25.715  1.00 238.70 ? 15 DG D OP2   1 
ATOM 818 O "O5'" . DG D 4 6  ? -0.250  -6.581  25.998  1.00 209.12 ? 15 DG D "O5'" 1 
ATOM 819 C "C5'" . DG D 4 6  ? -1.312  -6.901  26.922  1.00 193.76 ? 15 DG D "C5'" 1 
ATOM 820 C "C4'" . DG D 4 6  ? -2.370  -7.722  26.225  1.00 185.24 ? 15 DG D "C4'" 1 
ATOM 821 O "O4'" . DG D 4 6  ? -1.771  -8.350  25.066  1.00 189.35 ? 15 DG D "O4'" 1 
ATOM 822 C "C3'" . DG D 4 6  ? -2.941  -8.868  27.059  1.00 183.07 ? 15 DG D "C3'" 1 
ATOM 823 O "O3'" . DG D 4 6  ? -4.343  -9.030  26.767  1.00 192.14 ? 15 DG D "O3'" 1 
ATOM 824 C "C2'" . DG D 4 6  ? -1.995  -10.004 26.725  1.00 173.24 ? 15 DG D "C2'" 1 
ATOM 825 C "C1'" . DG D 4 6  ? -1.701  -9.757  25.258  1.00 188.40 ? 15 DG D "C1'" 1 
ATOM 826 N N9    . DG D 4 6  ? -0.382  -10.206 24.838  1.00 200.99 ? 15 DG D N9    1 
ATOM 827 C C8    . DG D 4 6  ? 0.833   -9.706  25.239  1.00 193.39 ? 15 DG D C8    1 
ATOM 828 N N7    . DG D 4 6  ? 1.846   -10.319 24.689  1.00 201.64 ? 15 DG D N7    1 
ATOM 829 C C5    . DG D 4 6  ? 1.265   -11.290 23.886  1.00 226.84 ? 15 DG D C5    1 
ATOM 830 C C6    . DG D 4 6  ? 1.862   -12.273 23.050  1.00 224.92 ? 15 DG D C6    1 
ATOM 831 O O6    . DG D 4 6  ? 3.065   -12.480 22.840  1.00 204.02 ? 15 DG D O6    1 
ATOM 832 N N1    . DG D 4 6  ? 0.903   -13.060 22.417  1.00 227.80 ? 15 DG D N1    1 
ATOM 833 C C2    . DG D 4 6  ? -0.459  -12.921 22.569  1.00 240.27 ? 15 DG D C2    1 
ATOM 834 N N2    . DG D 4 6  ? -1.227  -13.774 21.871  1.00 233.41 ? 15 DG D N2    1 
ATOM 835 N N3    . DG D 4 6  ? -1.026  -12.012 23.346  1.00 238.04 ? 15 DG D N3    1 
ATOM 836 C C4    . DG D 4 6  ? -0.111  -11.232 23.965  1.00 226.97 ? 15 DG D C4    1 
ATOM 837 P P     . DC D 4 7  ? -5.007  -10.465 26.388  1.00 213.93 ? 16 DC D P     1 
ATOM 838 O OP1   . DC D 4 7  ? -4.523  -10.871 25.045  1.00 230.83 ? 16 DC D OP1   1 
ATOM 839 O OP2   . DC D 4 7  ? -6.469  -10.385 26.645  1.00 223.45 ? 16 DC D OP2   1 
ATOM 840 O "O5'" . DC D 4 7  ? -4.439  -11.480 27.475  1.00 193.47 ? 16 DC D "O5'" 1 
ATOM 841 C "C5'" . DC D 4 7  ? -5.047  -12.775 27.660  1.00 183.96 ? 16 DC D "C5'" 1 
ATOM 842 C "C4'" . DC D 4 7  ? -4.943  -13.605 26.402  1.00 188.67 ? 16 DC D "C4'" 1 
ATOM 843 O "O4'" . DC D 4 7  ? -3.658  -13.387 25.767  1.00 189.31 ? 16 DC D "O4'" 1 
ATOM 844 C "C3'" . DC D 4 7  ? -5.048  -15.115 26.624  1.00 188.90 ? 16 DC D "C3'" 1 
ATOM 845 O "O3'" . DC D 4 7  ? -5.817  -15.719 25.578  1.00 192.95 ? 16 DC D "O3'" 1 
ATOM 846 C "C2'" . DC D 4 7  ? -3.601  -15.576 26.594  1.00 182.96 ? 16 DC D "C2'" 1 
ATOM 847 C "C1'" . DC D 4 7  ? -2.998  -14.630 25.578  1.00 188.74 ? 16 DC D "C1'" 1 
ATOM 848 N N1    . DC D 4 7  ? -1.546  -14.406 25.714  1.00 185.12 ? 16 DC D N1    1 
ATOM 849 C C2    . DC D 4 7  ? -0.669  -15.363 25.193  1.00 176.95 ? 16 DC D C2    1 
ATOM 850 O O2    . DC D 4 7  ? -1.139  -16.376 24.648  1.00 164.08 ? 16 DC D O2    1 
ATOM 851 N N3    . DC D 4 7  ? 0.668   -15.163 25.298  1.00 163.47 ? 16 DC D N3    1 
ATOM 852 C C4    . DC D 4 7  ? 1.132   -14.063 25.898  1.00 160.28 ? 16 DC D C4    1 
ATOM 853 N N4    . DC D 4 7  ? 2.456   -13.908 25.986  1.00 147.85 ? 16 DC D N4    1 
ATOM 854 C C5    . DC D 4 7  ? 0.260   -13.076 26.442  1.00 170.24 ? 16 DC D C5    1 
ATOM 855 C C6    . DC D 4 7  ? -1.059  -13.282 26.322  1.00 175.67 ? 16 DC D C6    1 
# 
loop_
_pdbx_poly_seq_scheme.asym_id 
_pdbx_poly_seq_scheme.entity_id 
_pdbx_poly_seq_scheme.seq_id 
_pdbx_poly_seq_scheme.mon_id 
_pdbx_poly_seq_scheme.ndb_seq_num 
_pdbx_poly_seq_scheme.pdb_seq_num 
_pdbx_poly_seq_scheme.auth_seq_num 
_pdbx_poly_seq_scheme.pdb_mon_id 
_pdbx_poly_seq_scheme.auth_mon_id 
_pdbx_poly_seq_scheme.pdb_strand_id 
_pdbx_poly_seq_scheme.pdb_ins_code 
_pdbx_poly_seq_scheme.hetero 
A 1 1  DG 1  1  1  DG DG A . n 
A 1 2  DA 2  2  2  DA DA A . n 
A 1 3  DG 3  3  3  DG DG A . n 
A 1 4  DC 4  4  4  DC DC A . n 
A 1 5  DA 5  5  5  DA DA A . n 
A 1 6  DG 6  6  6  DG DG A . n 
A 1 7  DA 7  7  7  DA DA A . n 
A 1 8  DC 8  8  8  DC DC A . n 
A 1 9  DT 9  9  9  DT DT A . n 
A 1 10 DT 10 10 10 DT DT A . n 
A 1 11 DG 11 11 11 DG DG A . n 
A 1 12 DA 12 12 12 DA DA A . n 
A 1 13 DC 13 13 13 DC DC A . n 
A 1 14 DA 14 14 14 DA DA A . n 
A 1 15 DG 15 15 15 DG DG A . n 
A 1 16 DC 16 16 16 DC DC A . n 
A 1 17 DA 17 17 17 DA DA A . n 
A 1 18 DC 18 18 18 DC DC A . n 
A 1 19 DT 19 19 19 DT DT A . n 
A 1 20 DC 20 20 20 DC DC A . n 
A 1 21 DA 21 21 21 DA DA A . n 
B 2 1  DT 1  1  1  DT DT B . n 
B 2 2  DG 2  2  2  DG DG B . n 
B 2 3  DT 3  3  3  DT DT B . n 
B 2 4  DC 4  4  4  DC DC B . n 
B 2 5  DA 5  5  5  DA DA B . n 
C 3 1  DT 1  1  1  DT DT C . n 
C 3 2  DC 2  2  2  DC DC C . n 
C 3 3  DT 3  3  3  DT DT C . n 
C 3 4  DG 4  4  4  DG DG C . n 
C 3 5  DA 5  5  5  DA DA C . n 
C 3 6  DG 6  6  6  DG DG C . n 
C 3 7  DT 7  7  7  DT DT C . n 
C 3 8  DG 8  8  8  DG DG C . n 
C 3 9  DC 9  9  9  DC DC C . n 
D 4 1  DA 1  10 10 DA DA D . n 
D 4 2  DG 2  11 11 DG DG D . n 
D 4 3  DT 3  12 12 DT DT D . n 
D 4 4  DC 4  13 13 DC DC D . n 
D 4 5  DT 5  14 14 DT DT D . n 
D 4 6  DG 6  15 15 DG DG D . n 
D 4 7  DC 7  16 16 DC DC D . n 
# 
_pdbx_struct_assembly.id                   1 
_pdbx_struct_assembly.details              author_defined_assembly 
_pdbx_struct_assembly.method_details       ? 
_pdbx_struct_assembly.oligomeric_details   tetrameric 
_pdbx_struct_assembly.oligomeric_count     4 
# 
_pdbx_struct_assembly_gen.assembly_id       1 
_pdbx_struct_assembly_gen.oper_expression   1 
_pdbx_struct_assembly_gen.asym_id_list      A,B,C,D 
# 
_pdbx_struct_oper_list.id                   1 
_pdbx_struct_oper_list.type                 'identity operation' 
_pdbx_struct_oper_list.name                 1_555 
_pdbx_struct_oper_list.symmetry_operation   x,y,z 
_pdbx_struct_oper_list.matrix[1][1]         1.0000000000 
_pdbx_struct_oper_list.matrix[1][2]         0.0000000000 
_pdbx_struct_oper_list.matrix[1][3]         0.0000000000 
_pdbx_struct_oper_list.vector[1]            0.0000000000 
_pdbx_struct_oper_list.matrix[2][1]         0.0000000000 
_pdbx_struct_oper_list.matrix[2][2]         1.0000000000 
_pdbx_struct_oper_list.matrix[2][3]         0.0000000000 
_pdbx_struct_oper_list.vector[2]            0.0000000000 
_pdbx_struct_oper_list.matrix[3][1]         0.0000000000 
_pdbx_struct_oper_list.matrix[3][2]         0.0000000000 
_pdbx_struct_oper_list.matrix[3][3]         1.0000000000 
_pdbx_struct_oper_list.vector[3]            0.0000000000 
# 
loop_
_pdbx_audit_revision_history.ordinal 
_pdbx_audit_revision_history.data_content_type 
_pdbx_audit_revision_history.major_revision 
_pdbx_audit_revision_history.minor_revision 
_pdbx_audit_revision_history.revision_date 
1 'Structure model' 1 0 2021-07-14 
2 'Structure model' 1 1 2022-07-06 
3 'Structure model' 1 2 2023-10-18 
# 
_pdbx_audit_revision_details.ordinal             1 
_pdbx_audit_revision_details.revision_ordinal    1 
_pdbx_audit_revision_details.data_content_type   'Structure model' 
_pdbx_audit_revision_details.provider            repository 
_pdbx_audit_revision_details.type                'Initial release' 
_pdbx_audit_revision_details.description         ? 
_pdbx_audit_revision_details.details             ? 
# 
loop_
_pdbx_audit_revision_group.ordinal 
_pdbx_audit_revision_group.revision_ordinal 
_pdbx_audit_revision_group.data_content_type 
_pdbx_audit_revision_group.group 
1 2 'Structure model' 'Database references'    
2 3 'Structure model' 'Data collection'        
3 3 'Structure model' 'Refinement description' 
# 
loop_
_pdbx_audit_revision_category.ordinal 
_pdbx_audit_revision_category.revision_ordinal 
_pdbx_audit_revision_category.data_content_type 
_pdbx_audit_revision_category.category 
1 2 'Structure model' citation                      
2 2 'Structure model' citation_author               
3 2 'Structure model' database_2                    
4 3 'Structure model' chem_comp_atom                
5 3 'Structure model' chem_comp_bond                
6 3 'Structure model' pdbx_initial_refinement_model 
# 
loop_
_pdbx_audit_revision_item.ordinal 
_pdbx_audit_revision_item.revision_ordinal 
_pdbx_audit_revision_item.data_content_type 
_pdbx_audit_revision_item.item 
1  2 'Structure model' '_citation.country'                   
2  2 'Structure model' '_citation.journal_abbrev'            
3  2 'Structure model' '_citation.journal_id_CSD'            
4  2 'Structure model' '_citation.journal_id_ISSN'           
5  2 'Structure model' '_citation.journal_volume'            
6  2 'Structure model' '_citation.page_first'                
7  2 'Structure model' '_citation.page_last'                 
8  2 'Structure model' '_citation.pdbx_database_id_DOI'      
9  2 'Structure model' '_citation.pdbx_database_id_PubMed'   
10 2 'Structure model' '_citation.title'                     
11 2 'Structure model' '_citation.year'                      
12 2 'Structure model' '_database_2.pdbx_DOI'                
13 2 'Structure model' '_database_2.pdbx_database_accession' 
# 
loop_
_software.citation_id 
_software.classification 
_software.compiler_name 
_software.compiler_version 
_software.contact_author 
_software.contact_author_email 
_software.date 
_software.description 
_software.dependencies 
_software.hardware 
_software.language 
_software.location 
_software.mods 
_software.name 
_software.os 
_software.os_version 
_software.type 
_software.version 
_software.pdbx_ordinal 
? 'data reduction'  ? ? ? ? ? ? ? ? ? ? ? HKL-2000    ? ? ? .           1 
? 'data scaling'    ? ? ? ? ? ? ? ? ? ? ? HKL-2000    ? ? ? .           2 
? refinement        ? ? ? ? ? ? ? ? ? ? ? PHENIX      ? ? ? 1.11.1_2575 3 
? 'data extraction' ? ? ? ? ? ? ? ? ? ? ? PDB_EXTRACT ? ? ? 3.25        4 
? phasing           ? ? ? ? ? ? ? ? ? ? ? PHASER      ? ? ? .           5 
# 
_pdbx_validate_rmsd_bond.id                        1 
_pdbx_validate_rmsd_bond.PDB_model_num             1 
_pdbx_validate_rmsd_bond.auth_atom_id_1            "O3'" 
_pdbx_validate_rmsd_bond.auth_asym_id_1            B 
_pdbx_validate_rmsd_bond.auth_comp_id_1            DC 
_pdbx_validate_rmsd_bond.auth_seq_id_1             4 
_pdbx_validate_rmsd_bond.PDB_ins_code_1            ? 
_pdbx_validate_rmsd_bond.label_alt_id_1            ? 
_pdbx_validate_rmsd_bond.auth_atom_id_2            P 
_pdbx_validate_rmsd_bond.auth_asym_id_2            B 
_pdbx_validate_rmsd_bond.auth_comp_id_2            DA 
_pdbx_validate_rmsd_bond.auth_seq_id_2             5 
_pdbx_validate_rmsd_bond.PDB_ins_code_2            ? 
_pdbx_validate_rmsd_bond.label_alt_id_2            ? 
_pdbx_validate_rmsd_bond.bond_value                1.530 
_pdbx_validate_rmsd_bond.bond_target_value         1.607 
_pdbx_validate_rmsd_bond.bond_deviation            -0.077 
_pdbx_validate_rmsd_bond.bond_standard_deviation   0.012 
_pdbx_validate_rmsd_bond.linker_flag               Y 
# 
loop_
_pdbx_validate_rmsd_angle.id 
_pdbx_validate_rmsd_angle.PDB_model_num 
_pdbx_validate_rmsd_angle.auth_atom_id_1 
_pdbx_validate_rmsd_angle.auth_asym_id_1 
_pdbx_validate_rmsd_angle.auth_comp_id_1 
_pdbx_validate_rmsd_angle.auth_seq_id_1 
_pdbx_validate_rmsd_angle.PDB_ins_code_1 
_pdbx_validate_rmsd_angle.label_alt_id_1 
_pdbx_validate_rmsd_angle.auth_atom_id_2 
_pdbx_validate_rmsd_angle.auth_asym_id_2 
_pdbx_validate_rmsd_angle.auth_comp_id_2 
_pdbx_validate_rmsd_angle.auth_seq_id_2 
_pdbx_validate_rmsd_angle.PDB_ins_code_2 
_pdbx_validate_rmsd_angle.label_alt_id_2 
_pdbx_validate_rmsd_angle.auth_atom_id_3 
_pdbx_validate_rmsd_angle.auth_asym_id_3 
_pdbx_validate_rmsd_angle.auth_comp_id_3 
_pdbx_validate_rmsd_angle.auth_seq_id_3 
_pdbx_validate_rmsd_angle.PDB_ins_code_3 
_pdbx_validate_rmsd_angle.label_alt_id_3 
_pdbx_validate_rmsd_angle.angle_value 
_pdbx_validate_rmsd_angle.angle_target_value 
_pdbx_validate_rmsd_angle.angle_deviation 
_pdbx_validate_rmsd_angle.angle_standard_deviation 
_pdbx_validate_rmsd_angle.linker_flag 
1 1 "C1'" A DC 13 ? ? "O4'" A DC 13 ? ? "C4'" A DC 13 ? ? 102.79 110.10 -7.31 1.00 N 
2 1 "O4'" B DG 2  ? ? "C4'" B DG 2  ? ? "C3'" B DG 2  ? ? 102.00 104.50 -2.50 0.40 N 
3 1 "C1'" B DG 2  ? ? "O4'" B DG 2  ? ? "C4'" B DG 2  ? ? 103.00 110.10 -7.10 1.00 N 
# 
loop_
_chem_comp_atom.comp_id 
_chem_comp_atom.atom_id 
_chem_comp_atom.type_symbol 
_chem_comp_atom.pdbx_aromatic_flag 
_chem_comp_atom.pdbx_stereo_config 
_chem_comp_atom.pdbx_ordinal 
DA OP3    O N N 1   
DA P      P N N 2   
DA OP1    O N N 3   
DA OP2    O N N 4   
DA "O5'"  O N N 5   
DA "C5'"  C N N 6   
DA "C4'"  C N R 7   
DA "O4'"  O N N 8   
DA "C3'"  C N S 9   
DA "O3'"  O N N 10  
DA "C2'"  C N N 11  
DA "C1'"  C N R 12  
DA N9     N Y N 13  
DA C8     C Y N 14  
DA N7     N Y N 15  
DA C5     C Y N 16  
DA C6     C Y N 17  
DA N6     N N N 18  
DA N1     N Y N 19  
DA C2     C Y N 20  
DA N3     N Y N 21  
DA C4     C Y N 22  
DA HOP3   H N N 23  
DA HOP2   H N N 24  
DA "H5'"  H N N 25  
DA "H5''" H N N 26  
DA "H4'"  H N N 27  
DA "H3'"  H N N 28  
DA "HO3'" H N N 29  
DA "H2'"  H N N 30  
DA "H2''" H N N 31  
DA "H1'"  H N N 32  
DA H8     H N N 33  
DA H61    H N N 34  
DA H62    H N N 35  
DA H2     H N N 36  
DC OP3    O N N 37  
DC P      P N N 38  
DC OP1    O N N 39  
DC OP2    O N N 40  
DC "O5'"  O N N 41  
DC "C5'"  C N N 42  
DC "C4'"  C N R 43  
DC "O4'"  O N N 44  
DC "C3'"  C N S 45  
DC "O3'"  O N N 46  
DC "C2'"  C N N 47  
DC "C1'"  C N R 48  
DC N1     N N N 49  
DC C2     C N N 50  
DC O2     O N N 51  
DC N3     N N N 52  
DC C4     C N N 53  
DC N4     N N N 54  
DC C5     C N N 55  
DC C6     C N N 56  
DC HOP3   H N N 57  
DC HOP2   H N N 58  
DC "H5'"  H N N 59  
DC "H5''" H N N 60  
DC "H4'"  H N N 61  
DC "H3'"  H N N 62  
DC "HO3'" H N N 63  
DC "H2'"  H N N 64  
DC "H2''" H N N 65  
DC "H1'"  H N N 66  
DC H41    H N N 67  
DC H42    H N N 68  
DC H5     H N N 69  
DC H6     H N N 70  
DG OP3    O N N 71  
DG P      P N N 72  
DG OP1    O N N 73  
DG OP2    O N N 74  
DG "O5'"  O N N 75  
DG "C5'"  C N N 76  
DG "C4'"  C N R 77  
DG "O4'"  O N N 78  
DG "C3'"  C N S 79  
DG "O3'"  O N N 80  
DG "C2'"  C N N 81  
DG "C1'"  C N R 82  
DG N9     N Y N 83  
DG C8     C Y N 84  
DG N7     N Y N 85  
DG C5     C Y N 86  
DG C6     C N N 87  
DG O6     O N N 88  
DG N1     N N N 89  
DG C2     C N N 90  
DG N2     N N N 91  
DG N3     N N N 92  
DG C4     C Y N 93  
DG HOP3   H N N 94  
DG HOP2   H N N 95  
DG "H5'"  H N N 96  
DG "H5''" H N N 97  
DG "H4'"  H N N 98  
DG "H3'"  H N N 99  
DG "HO3'" H N N 100 
DG "H2'"  H N N 101 
DG "H2''" H N N 102 
DG "H1'"  H N N 103 
DG H8     H N N 104 
DG H1     H N N 105 
DG H21    H N N 106 
DG H22    H N N 107 
DT OP3    O N N 108 
DT P      P N N 109 
DT OP1    O N N 110 
DT OP2    O N N 111 
DT "O5'"  O N N 112 
DT "C5'"  C N N 113 
DT "C4'"  C N R 114 
DT "O4'"  O N N 115 
DT "C3'"  C N S 116 
DT "O3'"  O N N 117 
DT "C2'"  C N N 118 
DT "C1'"  C N R 119 
DT N1     N N N 120 
DT C2     C N N 121 
DT O2     O N N 122 
DT N3     N N N 123 
DT C4     C N N 124 
DT O4     O N N 125 
DT C5     C N N 126 
DT C7     C N N 127 
DT C6     C N N 128 
DT HOP3   H N N 129 
DT HOP2   H N N 130 
DT "H5'"  H N N 131 
DT "H5''" H N N 132 
DT "H4'"  H N N 133 
DT "H3'"  H N N 134 
DT "HO3'" H N N 135 
DT "H2'"  H N N 136 
DT "H2''" H N N 137 
DT "H1'"  H N N 138 
DT H3     H N N 139 
DT H71    H N N 140 
DT H72    H N N 141 
DT H73    H N N 142 
DT H6     H N N 143 
# 
loop_
_chem_comp_bond.comp_id 
_chem_comp_bond.atom_id_1 
_chem_comp_bond.atom_id_2 
_chem_comp_bond.value_order 
_chem_comp_bond.pdbx_aromatic_flag 
_chem_comp_bond.pdbx_stereo_config 
_chem_comp_bond.pdbx_ordinal 
DA OP3   P      sing N N 1   
DA OP3   HOP3   sing N N 2   
DA P     OP1    doub N N 3   
DA P     OP2    sing N N 4   
DA P     "O5'"  sing N N 5   
DA OP2   HOP2   sing N N 6   
DA "O5'" "C5'"  sing N N 7   
DA "C5'" "C4'"  sing N N 8   
DA "C5'" "H5'"  sing N N 9   
DA "C5'" "H5''" sing N N 10  
DA "C4'" "O4'"  sing N N 11  
DA "C4'" "C3'"  sing N N 12  
DA "C4'" "H4'"  sing N N 13  
DA "O4'" "C1'"  sing N N 14  
DA "C3'" "O3'"  sing N N 15  
DA "C3'" "C2'"  sing N N 16  
DA "C3'" "H3'"  sing N N 17  
DA "O3'" "HO3'" sing N N 18  
DA "C2'" "C1'"  sing N N 19  
DA "C2'" "H2'"  sing N N 20  
DA "C2'" "H2''" sing N N 21  
DA "C1'" N9     sing N N 22  
DA "C1'" "H1'"  sing N N 23  
DA N9    C8     sing Y N 24  
DA N9    C4     sing Y N 25  
DA C8    N7     doub Y N 26  
DA C8    H8     sing N N 27  
DA N7    C5     sing Y N 28  
DA C5    C6     sing Y N 29  
DA C5    C4     doub Y N 30  
DA C6    N6     sing N N 31  
DA C6    N1     doub Y N 32  
DA N6    H61    sing N N 33  
DA N6    H62    sing N N 34  
DA N1    C2     sing Y N 35  
DA C2    N3     doub Y N 36  
DA C2    H2     sing N N 37  
DA N3    C4     sing Y N 38  
DC OP3   P      sing N N 39  
DC OP3   HOP3   sing N N 40  
DC P     OP1    doub N N 41  
DC P     OP2    sing N N 42  
DC P     "O5'"  sing N N 43  
DC OP2   HOP2   sing N N 44  
DC "O5'" "C5'"  sing N N 45  
DC "C5'" "C4'"  sing N N 46  
DC "C5'" "H5'"  sing N N 47  
DC "C5'" "H5''" sing N N 48  
DC "C4'" "O4'"  sing N N 49  
DC "C4'" "C3'"  sing N N 50  
DC "C4'" "H4'"  sing N N 51  
DC "O4'" "C1'"  sing N N 52  
DC "C3'" "O3'"  sing N N 53  
DC "C3'" "C2'"  sing N N 54  
DC "C3'" "H3'"  sing N N 55  
DC "O3'" "HO3'" sing N N 56  
DC "C2'" "C1'"  sing N N 57  
DC "C2'" "H2'"  sing N N 58  
DC "C2'" "H2''" sing N N 59  
DC "C1'" N1     sing N N 60  
DC "C1'" "H1'"  sing N N 61  
DC N1    C2     sing N N 62  
DC N1    C6     sing N N 63  
DC C2    O2     doub N N 64  
DC C2    N3     sing N N 65  
DC N3    C4     doub N N 66  
DC C4    N4     sing N N 67  
DC C4    C5     sing N N 68  
DC N4    H41    sing N N 69  
DC N4    H42    sing N N 70  
DC C5    C6     doub N N 71  
DC C5    H5     sing N N 72  
DC C6    H6     sing N N 73  
DG OP3   P      sing N N 74  
DG OP3   HOP3   sing N N 75  
DG P     OP1    doub N N 76  
DG P     OP2    sing N N 77  
DG P     "O5'"  sing N N 78  
DG OP2   HOP2   sing N N 79  
DG "O5'" "C5'"  sing N N 80  
DG "C5'" "C4'"  sing N N 81  
DG "C5'" "H5'"  sing N N 82  
DG "C5'" "H5''" sing N N 83  
DG "C4'" "O4'"  sing N N 84  
DG "C4'" "C3'"  sing N N 85  
DG "C4'" "H4'"  sing N N 86  
DG "O4'" "C1'"  sing N N 87  
DG "C3'" "O3'"  sing N N 88  
DG "C3'" "C2'"  sing N N 89  
DG "C3'" "H3'"  sing N N 90  
DG "O3'" "HO3'" sing N N 91  
DG "C2'" "C1'"  sing N N 92  
DG "C2'" "H2'"  sing N N 93  
DG "C2'" "H2''" sing N N 94  
DG "C1'" N9     sing N N 95  
DG "C1'" "H1'"  sing N N 96  
DG N9    C8     sing Y N 97  
DG N9    C4     sing Y N 98  
DG C8    N7     doub Y N 99  
DG C8    H8     sing N N 100 
DG N7    C5     sing Y N 101 
DG C5    C6     sing N N 102 
DG C5    C4     doub Y N 103 
DG C6    O6     doub N N 104 
DG C6    N1     sing N N 105 
DG N1    C2     sing N N 106 
DG N1    H1     sing N N 107 
DG C2    N2     sing N N 108 
DG C2    N3     doub N N 109 
DG N2    H21    sing N N 110 
DG N2    H22    sing N N 111 
DG N3    C4     sing N N 112 
DT OP3   P      sing N N 113 
DT OP3   HOP3   sing N N 114 
DT P     OP1    doub N N 115 
DT P     OP2    sing N N 116 
DT P     "O5'"  sing N N 117 
DT OP2   HOP2   sing N N 118 
DT "O5'" "C5'"  sing N N 119 
DT "C5'" "C4'"  sing N N 120 
DT "C5'" "H5'"  sing N N 121 
DT "C5'" "H5''" sing N N 122 
DT "C4'" "O4'"  sing N N 123 
DT "C4'" "C3'"  sing N N 124 
DT "C4'" "H4'"  sing N N 125 
DT "O4'" "C1'"  sing N N 126 
DT "C3'" "O3'"  sing N N 127 
DT "C3'" "C2'"  sing N N 128 
DT "C3'" "H3'"  sing N N 129 
DT "O3'" "HO3'" sing N N 130 
DT "C2'" "C1'"  sing N N 131 
DT "C2'" "H2'"  sing N N 132 
DT "C2'" "H2''" sing N N 133 
DT "C1'" N1     sing N N 134 
DT "C1'" "H1'"  sing N N 135 
DT N1    C2     sing N N 136 
DT N1    C6     sing N N 137 
DT C2    O2     doub N N 138 
DT C2    N3     sing N N 139 
DT N3    C4     sing N N 140 
DT N3    H3     sing N N 141 
DT C4    O4     doub N N 142 
DT C4    C5     sing N N 143 
DT C5    C7     sing N N 144 
DT C5    C6     doub N N 145 
DT C7    H71    sing N N 146 
DT C7    H72    sing N N 147 
DT C7    H73    sing N N 148 
DT C6    H6     sing N N 149 
# 
loop_
_ndb_struct_conf_na.entry_id 
_ndb_struct_conf_na.feature 
6WR7 'double helix'        
6WR7 'a-form double helix' 
6WR7 'b-form double helix' 
# 
loop_
_ndb_struct_na_base_pair.model_number 
_ndb_struct_na_base_pair.i_label_asym_id 
_ndb_struct_na_base_pair.i_label_comp_id 
_ndb_struct_na_base_pair.i_label_seq_id 
_ndb_struct_na_base_pair.i_symmetry 
_ndb_struct_na_base_pair.j_label_asym_id 
_ndb_struct_na_base_pair.j_label_comp_id 
_ndb_struct_na_base_pair.j_label_seq_id 
_ndb_struct_na_base_pair.j_symmetry 
_ndb_struct_na_base_pair.shear 
_ndb_struct_na_base_pair.stretch 
_ndb_struct_na_base_pair.stagger 
_ndb_struct_na_base_pair.buckle 
_ndb_struct_na_base_pair.propeller 
_ndb_struct_na_base_pair.opening 
_ndb_struct_na_base_pair.pair_number 
_ndb_struct_na_base_pair.pair_name 
_ndb_struct_na_base_pair.i_auth_asym_id 
_ndb_struct_na_base_pair.i_auth_seq_id 
_ndb_struct_na_base_pair.i_PDB_ins_code 
_ndb_struct_na_base_pair.j_auth_asym_id 
_ndb_struct_na_base_pair.j_auth_seq_id 
_ndb_struct_na_base_pair.j_PDB_ins_code 
_ndb_struct_na_base_pair.hbond_type_28 
_ndb_struct_na_base_pair.hbond_type_12 
1 A DG 3  1_555 D DC 7 1_555 -0.095 -0.262 0.544  6.633  -6.547  -3.980  1  A_DG3:DC16_D A 3  ? D 16 ? 19 1 
1 A DC 4  1_555 D DG 6 1_555 0.162  0.036  -0.077 -3.077 -5.928  -4.365  2  A_DC4:DG15_D A 4  ? D 15 ? 19 1 
1 A DA 5  1_555 D DT 5 1_555 -0.041 0.103  1.069  1.666  -5.621  -4.022  3  A_DA5:DT14_D A 5  ? D 14 ? 20 1 
1 A DG 6  1_555 D DC 4 1_555 0.061  -0.020 0.646  3.677  -21.397 -5.971  4  A_DG6:DC13_D A 6  ? D 13 ? 19 1 
1 A DA 7  1_555 D DT 3 1_555 0.315  -0.175 0.684  1.388  -10.930 -13.321 5  A_DA7:DT12_D A 7  ? D 12 ? 20 1 
1 A DC 8  1_555 D DG 2 1_555 -0.220 -0.148 0.503  1.941  -4.618  -6.282  6  A_DC8:DG11_D A 8  ? D 11 ? 19 1 
1 A DT 9  1_555 D DA 1 1_555 -0.210 -0.021 0.770  -1.271 -2.963  -1.920  7  A_DT9:DA10_D A 9  ? D 10 ? 20 1 
1 A DT 10 1_555 B DA 5 1_555 -0.627 -0.047 0.345  7.174  -9.446  4.612   8  A_DT10:DA5_B A 10 ? B 5  ? 20 1 
1 A DG 11 1_555 B DC 4 1_555 -0.052 -0.293 0.800  15.046 -10.259 -7.143  9  A_DG11:DC4_B A 11 ? B 4  ? 19 1 
1 A DA 12 1_555 B DT 3 1_555 0.988  -0.168 0.851  6.506  3.522   -12.501 10 A_DA12:DT3_B A 12 ? B 3  ? 20 1 
1 A DC 13 1_555 B DG 2 1_555 0.084  -0.342 0.193  3.849  -1.019  -9.179  11 A_DC13:DG2_B A 13 ? B 2  ? 19 1 
1 A DA 14 1_555 B DT 1 1_555 0.524  -0.151 0.612  11.450 -10.480 -5.401  12 A_DA14:DT1_B A 14 ? B 1  ? 20 1 
1 A DG 15 1_555 C DC 9 1_555 0.095  0.009  0.628  10.402 -5.404  -6.200  13 A_DG15:DC9_C A 15 ? C 9  ? 19 1 
1 A DC 16 1_555 C DG 8 1_555 0.106  -0.439 0.805  -0.071 -13.128 -4.231  14 A_DC16:DG8_C A 16 ? C 8  ? 19 1 
1 A DA 17 1_555 C DT 7 1_555 0.500  -0.183 0.779  4.272  -1.243  -5.508  15 A_DA17:DT7_C A 17 ? C 7  ? 20 1 
1 A DC 18 1_555 C DG 6 1_555 0.010  -0.100 0.163  8.686  -12.585 -0.960  16 A_DC18:DG6_C A 18 ? C 6  ? 19 1 
1 A DT 19 1_555 C DA 5 1_555 -1.729 0.165  0.427  -4.061 -17.998 -20.726 17 A_DT19:DA5_C A 19 ? C 5  ? 20 1 
1 A DC 20 1_555 C DG 4 1_555 -0.679 0.136  0.060  -6.525 -13.967 -7.013  18 A_DC20:DG4_C A 20 ? C 4  ? 19 1 
1 A DA 21 1_555 C DT 3 1_555 0.187  0.223  -0.370 -0.955 -10.458 -13.887 19 A_DA21:DT3_C A 21 ? C 3  ? 20 1 
# 
loop_
_ndb_struct_na_base_pair_step.model_number 
_ndb_struct_na_base_pair_step.i_label_asym_id_1 
_ndb_struct_na_base_pair_step.i_label_comp_id_1 
_ndb_struct_na_base_pair_step.i_label_seq_id_1 
_ndb_struct_na_base_pair_step.i_symmetry_1 
_ndb_struct_na_base_pair_step.j_label_asym_id_1 
_ndb_struct_na_base_pair_step.j_label_comp_id_1 
_ndb_struct_na_base_pair_step.j_label_seq_id_1 
_ndb_struct_na_base_pair_step.j_symmetry_1 
_ndb_struct_na_base_pair_step.i_label_asym_id_2 
_ndb_struct_na_base_pair_step.i_label_comp_id_2 
_ndb_struct_na_base_pair_step.i_label_seq_id_2 
_ndb_struct_na_base_pair_step.i_symmetry_2 
_ndb_struct_na_base_pair_step.j_label_asym_id_2 
_ndb_struct_na_base_pair_step.j_label_comp_id_2 
_ndb_struct_na_base_pair_step.j_label_seq_id_2 
_ndb_struct_na_base_pair_step.j_symmetry_2 
_ndb_struct_na_base_pair_step.shift 
_ndb_struct_na_base_pair_step.slide 
_ndb_struct_na_base_pair_step.rise 
_ndb_struct_na_base_pair_step.tilt 
_ndb_struct_na_base_pair_step.roll 
_ndb_struct_na_base_pair_step.twist 
_ndb_struct_na_base_pair_step.x_displacement 
_ndb_struct_na_base_pair_step.y_displacement 
_ndb_struct_na_base_pair_step.helical_rise 
_ndb_struct_na_base_pair_step.inclination 
_ndb_struct_na_base_pair_step.tip 
_ndb_struct_na_base_pair_step.helical_twist 
_ndb_struct_na_base_pair_step.step_number 
_ndb_struct_na_base_pair_step.step_name 
_ndb_struct_na_base_pair_step.i_auth_asym_id_1 
_ndb_struct_na_base_pair_step.i_auth_seq_id_1 
_ndb_struct_na_base_pair_step.i_PDB_ins_code_1 
_ndb_struct_na_base_pair_step.j_auth_asym_id_1 
_ndb_struct_na_base_pair_step.j_auth_seq_id_1 
_ndb_struct_na_base_pair_step.j_PDB_ins_code_1 
_ndb_struct_na_base_pair_step.i_auth_asym_id_2 
_ndb_struct_na_base_pair_step.i_auth_seq_id_2 
_ndb_struct_na_base_pair_step.i_PDB_ins_code_2 
_ndb_struct_na_base_pair_step.j_auth_asym_id_2 
_ndb_struct_na_base_pair_step.j_auth_seq_id_2 
_ndb_struct_na_base_pair_step.j_PDB_ins_code_2 
1 A DG 3  1_555 D DC 7 1_555 A DC 4  1_555 D DG 6 1_555 0.121  -1.071 3.488 7.620  5.687  35.194 -2.541 0.914  3.237 9.200   
-12.327 36.416 1  AA_DG3DC4:DG15DC16_DD A 3  ? D 16 ? A 4  ? D 15 ? 
1 A DC 4  1_555 D DG 6 1_555 A DA 5  1_555 D DT 5 1_555 0.363  0.916  3.471 -8.513 -2.258 38.353 1.641  -1.595 3.263 -3.383  
12.754  39.314 2  AA_DC4DA5:DT14DG15_DD A 4  ? D 15 ? A 5  ? D 14 ? 
1 A DA 5  1_555 D DT 5 1_555 A DG 6  1_555 D DC 4 1_555 0.329  -0.617 3.496 0.481  -2.503 31.892 -0.633 -0.504 3.537 -4.546  
-0.873  31.991 3  AA_DA5DG6:DC13DT14_DD A 5  ? D 14 ? A 6  ? D 13 ? 
1 A DG 6  1_555 D DC 4 1_555 A DA 7  1_555 D DT 3 1_555 -0.195 -1.263 3.031 -1.313 -0.726 40.660 -1.742 0.145  3.057 -1.045  1.889 
40.686 4  AA_DG6DA7:DT12DC13_DD A 6  ? D 13 ? A 7  ? D 12 ? 
1 A DA 7  1_555 D DT 3 1_555 A DC 8  1_555 D DG 2 1_555 0.406  -1.067 3.199 1.569  1.633  36.736 -1.906 -0.435 3.164 2.589   
-2.486  36.803 5  AA_DA7DC8:DG11DT12_DD A 7  ? D 12 ? A 8  ? D 11 ? 
1 A DC 8  1_555 D DG 2 1_555 A DT 9  1_555 D DA 1 1_555 -0.162 -1.579 3.440 -3.245 -7.483 32.646 -1.375 -0.308 3.700 -13.060 5.663 
33.622 6  AA_DC8DT9:DA10DG11_DD A 8  ? D 11 ? A 9  ? D 10 ? 
1 A DT 9  1_555 D DA 1 1_555 A DT 10 1_555 B DA 5 1_555 -0.089 -1.490 2.799 4.312  1.337  22.947 -4.059 1.454  2.648 3.320   
-10.705 23.381 7  AA_DT9DT10:DA5DA10_BD A 9  ? D 10 ? A 10 ? B 5  ? 
1 A DT 10 1_555 B DA 5 1_555 A DG 11 1_555 B DC 4 1_555 -0.697 0.576  3.281 -5.344 12.329 32.984 -0.953 0.320  3.348 20.678  8.962 
35.546 8  AA_DT10DG11:DC4DA5_BB A 10 ? B 5  ? A 11 ? B 4  ? 
1 A DG 11 1_555 B DC 4 1_555 A DA 12 1_555 B DT 3 1_555 -0.119 -0.532 3.449 -2.151 -2.479 41.710 -0.469 -0.072 3.475 -3.476  3.015 
41.833 9  AA_DG11DA12:DT3DC4_BB A 11 ? B 4  ? A 12 ? B 3  ? 
1 A DA 12 1_555 B DT 3 1_555 A DC 13 1_555 B DG 2 1_555 1.231  -1.465 3.273 1.979  -2.312 33.511 -2.143 -1.795 3.428 -3.999  
-3.423  33.645 10 AA_DA12DC13:DG2DT3_BB A 12 ? B 3  ? A 13 ? B 2  ? 
1 A DC 13 1_555 B DG 2 1_555 A DA 14 1_555 B DT 1 1_555 -0.574 -0.577 3.043 -1.890 1.419  35.396 -1.141 0.684  3.044 2.331   3.104 
35.472 11 AA_DC13DA14:DT1DG2_BB A 13 ? B 2  ? A 14 ? B 1  ? 
1 A DA 14 1_555 B DT 1 1_555 A DG 15 1_555 C DC 9 1_555 -1.173 -1.148 3.103 0.304  3.941  26.352 -3.441 2.619  2.890 8.583   
-0.661  26.642 12 AA_DA14DG15:DC9DT1_CB A 14 ? B 1  ? A 15 ? C 9  ? 
1 A DG 15 1_555 C DC 9 1_555 A DC 16 1_555 C DG 8 1_555 -0.527 -0.153 3.715 -2.698 -2.150 33.784 0.132  0.409  3.747 -3.687  4.627 
33.954 13 AA_DG15DC16:DG8DC9_CC A 15 ? C 9  ? A 16 ? C 8  ? 
1 A DC 16 1_555 C DG 8 1_555 A DA 17 1_555 C DT 7 1_555 0.219  -0.012 3.108 -1.237 0.943  38.885 -0.126 -0.472 3.099 1.417   1.858 
38.915 14 AA_DC16DA17:DT7DG8_CC A 16 ? C 8  ? A 17 ? C 7  ? 
1 A DA 17 1_555 C DT 7 1_555 A DC 18 1_555 C DG 6 1_555 0.130  -1.387 3.031 0.626  8.965  28.505 -4.302 -0.140 2.491 17.660  
-1.233  29.860 15 AA_DA17DC18:DG6DT7_CC A 17 ? C 7  ? A 18 ? C 6  ? 
1 A DC 18 1_555 C DG 6 1_555 A DT 19 1_555 C DA 5 1_555 -1.656 -0.581 3.581 -4.287 -4.317 29.586 -0.112 2.182  3.822 -8.343  8.285 
30.192 16 AA_DC18DT19:DA5DG6_CC A 18 ? C 6  ? A 19 ? C 5  ? 
1 A DT 19 1_555 C DA 5 1_555 A DC 20 1_555 C DG 4 1_555 0.999  0.058  3.405 8.159  -8.334 38.381 1.107  -0.457 3.453 -12.334 
-12.075 40.050 17 AA_DT19DC20:DG4DA5_CC A 19 ? C 5  ? A 20 ? C 4  ? 
1 A DC 20 1_555 C DG 4 1_555 A DA 21 1_555 C DT 3 1_555 -0.316 -0.167 3.443 1.209  12.382 36.878 -1.829 0.629  3.214 18.925  
-1.848  38.851 18 AA_DC20DA21:DT3DG4_CC A 20 ? C 4  ? A 21 ? C 3  ? 
# 
loop_
_pdbx_audit_support.funding_organization 
_pdbx_audit_support.country 
_pdbx_audit_support.grant_number 
_pdbx_audit_support.ordinal 
'National Science Foundation (NSF, United States)'                                         'United States' 1360635     1 
'National Institutes of Health/National Institute of General Medical Sciences (NIH/NIGMS)' 'United States' R01GM104960 2 
'National Science Foundation (NSF, United States)'                                         'United States' NSF2004250  3 
# 
_pdbx_initial_refinement_model.id               1 
_pdbx_initial_refinement_model.entity_id_list   ? 
_pdbx_initial_refinement_model.type             'experimental model' 
_pdbx_initial_refinement_model.source_name      PDB 
_pdbx_initial_refinement_model.accession_code   5KEK 
_pdbx_initial_refinement_model.details          ? 
# 
_pdbx_struct_assembly_auth_evidence.id                     1 
_pdbx_struct_assembly_auth_evidence.assembly_id            1 
_pdbx_struct_assembly_auth_evidence.experimental_support   none 
_pdbx_struct_assembly_auth_evidence.details                ? 
# 
